data_3HX0
#
_entry.id   3HX0
#
_cell.length_a   124.179
_cell.length_b   131.912
_cell.length_c   280.412
_cell.angle_alpha   90.00
_cell.angle_beta   90.00
_cell.angle_gamma   90.00
#
_symmetry.space_group_name_H-M   'C 2 2 21'
#
loop_
_entity.id
_entity.type
_entity.pdbx_description
1 polymer 'DNA polymerase lambda'
2 polymer "5'-D(*CP*GP*GP*CP*AP*AP*AP*TP*AP*CP*TP*G)-3'"
3 polymer "5'-D(*CP*AP*GP*TP*AP*T)-3'"
4 polymer "5'-D(P*GP*CP*CP*G)-3'"
5 non-polymer "2',3'-DIDEOXY-THYMIDINE-5'-TRIPHOSPHATE"
6 non-polymer 'MAGNESIUM ION'
7 non-polymer 'SODIUM ION'
8 water water
#
loop_
_entity_poly.entity_id
_entity_poly.type
_entity_poly.pdbx_seq_one_letter_code
_entity_poly.pdbx_strand_id
1 'polypeptide(L)'
;MAQPSSQKATNHNLHITEKLEVLAKAYSVQGDKWRAAGYAKAINALKSFHKPVTSYQEACSIPGIGKRMAEKIIEILESG
HLRKLDHISESVPVLELFSNIWGAGTKTAQMWYQQGFRSLEDIRSQASLTTQQAIGLKHYSDFLERMPREEATEIEQTVQ
KAAQAFNSGLLCVACGSYRRGKATCGDVDVLITHPDGRSHRGIFSRLLDSLRQEGFLTDDLVSQEENGQQQKYLGVCRLP
GPGRRHRRLDIIVVPYSEFACALLYFTGSAAFNASMRALAKTKGMSLSEHALSTAVVRNTHGAKVGPGRVLPTPTEKDVF
RLLGLPYREPAERDW
;
A,F,K,P
2 'polydeoxyribonucleotide' (DC)(DG)(DG)(DC)(DA)(DA)(DA)(DT)(DA)(DC)(DT)(DG) B,G,L,Q
3 'polydeoxyribonucleotide' (DC)(DA)(DG)(DT)(DA)(DT) C,H,M,R
4 'polydeoxyribonucleotide' (DG)(DC)(DC)(DG) D,I,N,S
#
loop_
_chem_comp.id
_chem_comp.type
_chem_comp.name
_chem_comp.formula
D3T DNA OH 3 prime terminus 2',3'-DIDEOXY-THYMIDINE-5'-TRIPHOSPHATE 'C10 H17 N2 O13 P3'
DA DNA linking 2'-DEOXYADENOSINE-5'-MONOPHOSPHATE 'C10 H14 N5 O6 P'
DC DNA linking 2'-DEOXYCYTIDINE-5'-MONOPHOSPHATE 'C9 H14 N3 O7 P'
DG DNA linking 2'-DEOXYGUANOSINE-5'-MONOPHOSPHATE 'C10 H14 N5 O7 P'
DT DNA linking THYMIDINE-5'-MONOPHOSPHATE 'C10 H15 N2 O8 P'
MG non-polymer 'MAGNESIUM ION' 'Mg 2'
NA non-polymer 'SODIUM ION' 'Na 1'
#
# COMPACT_ATOMS: atom_id res chain seq x y z
N SER A 6 16.01 -23.61 -11.84
CA SER A 6 14.86 -24.34 -11.22
C SER A 6 13.99 -23.42 -10.36
N GLN A 7 13.88 -23.77 -9.08
CA GLN A 7 13.05 -23.06 -8.12
C GLN A 7 13.18 -21.52 -8.03
N LYS A 8 14.33 -21.04 -7.57
CA LYS A 8 14.57 -19.60 -7.40
C LYS A 8 14.14 -18.66 -8.55
N ALA A 9 13.49 -19.19 -9.57
CA ALA A 9 13.02 -18.39 -10.70
C ALA A 9 11.60 -17.85 -10.51
N THR A 10 11.19 -16.98 -11.43
CA THR A 10 9.87 -16.37 -11.38
C THR A 10 8.79 -17.35 -11.84
N ASN A 11 7.61 -17.25 -11.23
CA ASN A 11 6.50 -18.13 -11.58
C ASN A 11 5.90 -17.69 -12.90
N HIS A 12 6.26 -18.37 -13.98
CA HIS A 12 5.75 -18.05 -15.31
C HIS A 12 4.29 -18.44 -15.47
N ASN A 13 3.78 -19.22 -14.53
CA ASN A 13 2.39 -19.68 -14.59
C ASN A 13 1.62 -19.30 -13.33
N LEU A 14 1.89 -18.11 -12.81
CA LEU A 14 1.23 -17.64 -11.60
C LEU A 14 -0.29 -17.69 -11.72
N HIS A 15 -0.81 -17.17 -12.83
CA HIS A 15 -2.26 -17.15 -13.05
C HIS A 15 -2.89 -18.53 -12.95
N ILE A 16 -2.12 -19.57 -13.27
CA ILE A 16 -2.61 -20.94 -13.22
C ILE A 16 -2.62 -21.45 -11.77
N THR A 17 -1.45 -21.41 -11.13
CA THR A 17 -1.30 -21.87 -9.77
C THR A 17 -2.20 -21.13 -8.79
N GLU A 18 -2.39 -19.83 -9.02
CA GLU A 18 -3.25 -19.00 -8.17
C GLU A 18 -4.56 -19.72 -7.86
N LYS A 19 -5.19 -20.21 -8.91
CA LYS A 19 -6.47 -20.90 -8.79
C LYS A 19 -6.35 -22.32 -8.24
N LEU A 20 -5.45 -23.11 -8.82
CA LEU A 20 -5.25 -24.47 -8.34
C LEU A 20 -4.98 -24.41 -6.84
N GLU A 21 -4.27 -23.36 -6.43
CA GLU A 21 -3.92 -23.16 -5.04
C GLU A 21 -5.18 -23.07 -4.19
N VAL A 22 -6.24 -22.51 -4.76
CA VAL A 22 -7.51 -22.38 -4.04
C VAL A 22 -8.09 -23.75 -3.74
N LEU A 23 -8.00 -24.67 -4.71
CA LEU A 23 -8.51 -26.02 -4.51
C LEU A 23 -7.65 -26.75 -3.50
N ALA A 24 -6.34 -26.65 -3.67
CA ALA A 24 -5.40 -27.31 -2.79
C ALA A 24 -5.77 -27.07 -1.33
N LYS A 25 -5.94 -25.80 -0.98
CA LYS A 25 -6.31 -25.43 0.39
C LYS A 25 -7.69 -25.97 0.75
N ALA A 26 -8.62 -25.90 -0.20
CA ALA A 26 -9.98 -26.38 0.02
C ALA A 26 -9.95 -27.85 0.43
N TYR A 27 -9.44 -28.71 -0.44
CA TYR A 27 -9.35 -30.13 -0.15
C TYR A 27 -8.59 -30.41 1.14
N SER A 28 -7.66 -29.53 1.47
CA SER A 28 -6.85 -29.69 2.68
C SER A 28 -7.67 -29.61 3.97
N VAL A 29 -8.35 -28.48 4.17
CA VAL A 29 -9.16 -28.27 5.35
C VAL A 29 -10.24 -29.34 5.48
N GLN A 30 -10.74 -29.81 4.35
CA GLN A 30 -11.78 -30.84 4.34
C GLN A 30 -11.23 -32.19 4.82
N GLY A 31 -9.90 -32.26 4.95
CA GLY A 31 -9.28 -33.49 5.41
C GLY A 31 -8.67 -34.33 4.30
N ASP A 32 -9.02 -34.02 3.06
CA ASP A 32 -8.48 -34.76 1.91
C ASP A 32 -6.99 -34.43 1.78
N LYS A 33 -6.20 -34.97 2.69
CA LYS A 33 -4.76 -34.74 2.73
C LYS A 33 -4.02 -35.02 1.43
N TRP A 34 -4.10 -36.26 0.97
CA TRP A 34 -3.41 -36.66 -0.25
C TRP A 34 -3.84 -35.98 -1.53
N ARG A 35 -5.14 -35.83 -1.74
CA ARG A 35 -5.61 -35.16 -2.94
C ARG A 35 -4.99 -33.77 -2.97
N ALA A 36 -5.01 -33.10 -1.83
CA ALA A 36 -4.43 -31.76 -1.72
C ALA A 36 -2.94 -31.86 -1.99
N ALA A 37 -2.33 -32.94 -1.52
CA ALA A 37 -0.90 -33.17 -1.72
C ALA A 37 -0.63 -33.25 -3.22
N GLY A 38 -1.54 -33.91 -3.93
CA GLY A 38 -1.38 -34.04 -5.37
C GLY A 38 -1.29 -32.67 -6.02
N TYR A 39 -2.25 -31.81 -5.72
CA TYR A 39 -2.25 -30.46 -6.26
C TYR A 39 -0.96 -29.75 -5.89
N ALA A 40 -0.60 -29.83 -4.62
CA ALA A 40 0.63 -29.19 -4.14
C ALA A 40 1.79 -29.51 -5.06
N LYS A 41 1.96 -30.79 -5.37
CA LYS A 41 3.05 -31.23 -6.24
C LYS A 41 2.97 -30.58 -7.62
N ALA A 42 1.80 -30.67 -8.23
CA ALA A 42 1.59 -30.09 -9.55
C ALA A 42 1.92 -28.60 -9.51
N ILE A 43 1.34 -27.90 -8.53
CA ILE A 43 1.57 -26.47 -8.38
C ILE A 43 3.07 -26.17 -8.40
N ASN A 44 3.83 -26.83 -7.54
CA ASN A 44 5.27 -26.61 -7.48
C ASN A 44 5.91 -26.89 -8.83
N ALA A 45 5.41 -27.91 -9.52
CA ALA A 45 5.92 -28.28 -10.83
C ALA A 45 5.75 -27.12 -11.79
N LEU A 46 4.54 -26.55 -11.81
CA LEU A 46 4.24 -25.43 -12.68
C LEU A 46 5.13 -24.23 -12.34
N LYS A 47 5.20 -23.91 -11.05
CA LYS A 47 6.02 -22.80 -10.59
C LYS A 47 7.44 -22.85 -11.14
N SER A 48 8.07 -24.02 -11.04
CA SER A 48 9.44 -24.19 -11.49
C SER A 48 9.61 -24.51 -12.97
N PHE A 49 8.56 -24.35 -13.77
CA PHE A 49 8.68 -24.65 -15.19
C PHE A 49 9.39 -23.51 -15.90
N HIS A 50 10.44 -23.85 -16.66
CA HIS A 50 11.25 -22.88 -17.38
C HIS A 50 10.47 -21.86 -18.23
N LYS A 51 9.25 -22.21 -18.60
CA LYS A 51 8.42 -21.32 -19.41
C LYS A 51 6.96 -21.47 -19.01
N PRO A 52 6.08 -20.60 -19.54
CA PRO A 52 4.67 -20.71 -19.19
C PRO A 52 3.95 -21.77 -20.02
N VAL A 53 3.07 -22.53 -19.40
CA VAL A 53 2.32 -23.56 -20.10
C VAL A 53 1.31 -22.88 -21.01
N THR A 54 1.18 -23.38 -22.24
CA THR A 54 0.26 -22.79 -23.20
C THR A 54 -0.71 -23.81 -23.82
N SER A 55 -0.35 -25.08 -23.78
CA SER A 55 -1.21 -26.11 -24.35
C SER A 55 -1.50 -27.26 -23.41
N TYR A 56 -2.57 -27.99 -23.70
CA TYR A 56 -2.99 -29.15 -22.91
C TYR A 56 -1.90 -30.21 -22.90
N GLN A 57 -1.36 -30.50 -24.08
CA GLN A 57 -0.30 -31.50 -24.21
C GLN A 57 0.92 -31.09 -23.39
N GLU A 58 1.30 -29.82 -23.52
CA GLU A 58 2.45 -29.29 -22.80
C GLU A 58 2.36 -29.58 -21.31
N ALA A 59 1.15 -29.51 -20.75
CA ALA A 59 0.95 -29.78 -19.33
C ALA A 59 1.18 -31.25 -19.02
N CYS A 60 0.64 -32.11 -19.88
CA CYS A 60 0.77 -33.55 -19.72
C CYS A 60 2.21 -34.05 -19.76
N SER A 61 3.12 -33.20 -20.25
CA SER A 61 4.52 -33.58 -20.34
C SER A 61 5.26 -33.33 -19.03
N ILE A 62 4.65 -32.53 -18.16
CA ILE A 62 5.26 -32.21 -16.89
C ILE A 62 4.93 -33.25 -15.81
N PRO A 63 5.96 -33.97 -15.33
CA PRO A 63 5.74 -34.99 -14.30
C PRO A 63 5.06 -34.41 -13.07
N GLY A 64 3.88 -34.92 -12.77
CA GLY A 64 3.12 -34.44 -11.63
C GLY A 64 1.80 -33.92 -12.12
N ILE A 65 1.66 -33.82 -13.44
CA ILE A 65 0.44 -33.34 -14.06
C ILE A 65 -0.21 -34.45 -14.89
N GLY A 66 -1.45 -34.77 -14.54
CA GLY A 66 -2.18 -35.81 -15.26
C GLY A 66 -3.32 -35.19 -16.06
N LYS A 67 -4.04 -36.01 -16.80
CA LYS A 67 -5.16 -35.53 -17.60
C LYS A 67 -6.06 -34.59 -16.81
N ARG A 68 -6.64 -35.09 -15.73
CA ARG A 68 -7.53 -34.30 -14.89
C ARG A 68 -6.96 -32.92 -14.60
N MET A 69 -5.72 -32.90 -14.14
CA MET A 69 -5.04 -31.64 -13.81
C MET A 69 -4.90 -30.79 -15.06
N ALA A 70 -4.49 -31.42 -16.16
CA ALA A 70 -4.33 -30.72 -17.43
C ALA A 70 -5.66 -30.11 -17.88
N GLU A 71 -6.73 -30.88 -17.76
CA GLU A 71 -8.05 -30.41 -18.15
C GLU A 71 -8.37 -29.09 -17.46
N LYS A 72 -7.91 -28.95 -16.22
CA LYS A 72 -8.15 -27.73 -15.46
C LYS A 72 -7.22 -26.62 -15.96
N ILE A 73 -6.03 -26.99 -16.37
CA ILE A 73 -5.06 -26.02 -16.87
C ILE A 73 -5.56 -25.44 -18.19
N ILE A 74 -6.06 -26.31 -19.07
CA ILE A 74 -6.56 -25.88 -20.37
C ILE A 74 -7.73 -24.91 -20.20
N GLU A 75 -8.59 -25.18 -19.23
CA GLU A 75 -9.75 -24.33 -18.99
C GLU A 75 -9.30 -22.93 -18.59
N ILE A 76 -8.39 -22.85 -17.62
CA ILE A 76 -7.89 -21.58 -17.14
C ILE A 76 -7.16 -20.81 -18.25
N LEU A 77 -6.29 -21.51 -18.98
CA LEU A 77 -5.54 -20.89 -20.07
C LEU A 77 -6.43 -20.40 -21.20
N GLU A 78 -7.64 -20.93 -21.29
CA GLU A 78 -8.56 -20.55 -22.35
C GLU A 78 -9.74 -19.68 -21.93
N SER A 79 -10.17 -19.79 -20.67
CA SER A 79 -11.28 -18.99 -20.18
C SER A 79 -10.88 -18.11 -19.00
N GLY A 80 -9.62 -18.26 -18.58
CA GLY A 80 -9.13 -17.48 -17.46
C GLY A 80 -9.87 -17.72 -16.16
N HIS A 81 -10.74 -18.73 -16.15
CA HIS A 81 -11.50 -19.05 -14.94
C HIS A 81 -11.83 -20.53 -14.84
N LEU A 82 -11.71 -21.07 -13.63
CA LEU A 82 -12.00 -22.47 -13.36
C LEU A 82 -13.41 -22.57 -12.77
N ARG A 83 -14.19 -23.51 -13.26
CA ARG A 83 -15.56 -23.70 -12.80
C ARG A 83 -15.66 -24.35 -11.43
N LYS A 84 -14.78 -25.31 -11.16
CA LYS A 84 -14.79 -26.03 -9.89
C LYS A 84 -14.76 -25.09 -8.70
N LEU A 85 -14.16 -23.92 -8.87
CA LEU A 85 -14.04 -22.93 -7.81
C LEU A 85 -15.38 -22.34 -7.37
N ASP A 86 -16.33 -22.26 -8.29
CA ASP A 86 -17.64 -21.70 -7.99
C ASP A 86 -18.55 -22.72 -7.34
N HIS A 87 -18.03 -23.92 -7.11
CA HIS A 87 -18.80 -24.99 -6.48
C HIS A 87 -18.07 -25.63 -5.31
N ILE A 88 -17.68 -24.80 -4.34
CA ILE A 88 -16.99 -25.27 -3.16
C ILE A 88 -17.83 -24.91 -1.94
N SER A 89 -18.18 -25.90 -1.13
CA SER A 89 -18.98 -25.68 0.06
C SER A 89 -18.55 -24.37 0.72
N GLU A 90 -19.48 -23.43 0.88
CA GLU A 90 -19.13 -22.16 1.49
C GLU A 90 -18.87 -22.38 2.98
N SER A 91 -18.64 -23.65 3.33
CA SER A 91 -18.33 -24.04 4.69
C SER A 91 -16.81 -24.07 4.81
N VAL A 92 -16.16 -24.19 3.66
CA VAL A 92 -14.69 -24.22 3.60
C VAL A 92 -14.09 -22.91 4.09
N PRO A 93 -14.60 -21.77 3.61
CA PRO A 93 -14.07 -20.48 4.06
C PRO A 93 -13.96 -20.41 5.57
N VAL A 94 -15.01 -20.84 6.27
CA VAL A 94 -15.01 -20.83 7.73
C VAL A 94 -13.92 -21.75 8.26
N LEU A 95 -13.88 -22.99 7.78
CA LEU A 95 -12.87 -23.95 8.21
C LEU A 95 -11.48 -23.37 7.98
N GLU A 96 -11.25 -22.85 6.78
CA GLU A 96 -9.97 -22.24 6.45
C GLU A 96 -9.68 -21.13 7.45
N LEU A 97 -10.72 -20.43 7.86
CA LEU A 97 -10.60 -19.33 8.81
C LEU A 97 -10.23 -19.83 10.19
N PHE A 98 -10.92 -20.87 10.65
CA PHE A 98 -10.68 -21.46 11.96
C PHE A 98 -9.31 -22.12 12.09
N SER A 99 -8.97 -23.00 11.15
CA SER A 99 -7.69 -23.68 11.20
C SER A 99 -6.52 -22.71 11.16
N ASN A 100 -6.76 -21.49 10.70
CA ASN A 100 -5.71 -20.47 10.64
C ASN A 100 -5.37 -19.99 12.03
N ILE A 101 -6.08 -20.52 13.03
CA ILE A 101 -5.83 -20.16 14.42
C ILE A 101 -4.72 -21.08 14.91
N TRP A 102 -3.78 -20.54 15.67
CA TRP A 102 -2.69 -21.36 16.18
C TRP A 102 -3.24 -22.39 17.16
N GLY A 103 -2.82 -23.64 17.00
CA GLY A 103 -3.29 -24.69 17.89
C GLY A 103 -4.64 -25.23 17.43
N ALA A 104 -5.13 -24.69 16.33
CA ALA A 104 -6.42 -25.11 15.77
C ALA A 104 -6.15 -25.78 14.43
N GLY A 105 -6.56 -27.04 14.31
CA GLY A 105 -6.35 -27.76 13.07
C GLY A 105 -7.63 -28.34 12.49
N THR A 106 -7.47 -29.11 11.41
CA THR A 106 -8.60 -29.74 10.73
C THR A 106 -9.71 -30.17 11.68
N LYS A 107 -9.39 -31.09 12.59
CA LYS A 107 -10.37 -31.58 13.56
C LYS A 107 -11.02 -30.45 14.35
N THR A 108 -10.20 -29.64 15.02
CA THR A 108 -10.71 -28.53 15.81
C THR A 108 -11.61 -27.62 14.97
N ALA A 109 -11.11 -27.21 13.82
CA ALA A 109 -11.88 -26.33 12.93
C ALA A 109 -13.18 -27.02 12.53
N GLN A 110 -13.13 -28.34 12.37
CA GLN A 110 -14.31 -29.11 12.00
C GLN A 110 -15.29 -29.16 13.16
N MET A 111 -14.76 -29.37 14.35
CA MET A 111 -15.56 -29.44 15.56
C MET A 111 -16.38 -28.15 15.73
N TRP A 112 -15.68 -27.03 15.82
CA TRP A 112 -16.33 -25.74 15.99
C TRP A 112 -17.43 -25.49 14.97
N TYR A 113 -17.17 -25.79 13.71
CA TYR A 113 -18.16 -25.59 12.67
C TYR A 113 -19.39 -26.45 12.91
N GLN A 114 -19.15 -27.70 13.31
CA GLN A 114 -20.23 -28.63 13.59
C GLN A 114 -21.04 -28.20 14.80
N GLN A 115 -20.52 -27.23 15.54
CA GLN A 115 -21.20 -26.73 16.73
C GLN A 115 -21.95 -25.42 16.46
N GLY A 116 -21.98 -25.00 15.20
CA GLY A 116 -22.70 -23.78 14.86
C GLY A 116 -21.84 -22.56 14.56
N PHE A 117 -20.66 -22.49 15.16
CA PHE A 117 -19.76 -21.35 14.96
C PHE A 117 -19.48 -21.09 13.48
N ARG A 118 -19.37 -19.81 13.12
CA ARG A 118 -19.12 -19.43 11.74
C ARG A 118 -18.19 -18.22 11.58
N SER A 119 -17.90 -17.54 12.68
CA SER A 119 -17.02 -16.38 12.63
C SER A 119 -16.06 -16.36 13.81
N LEU A 120 -14.96 -15.62 13.66
CA LEU A 120 -13.97 -15.52 14.73
C LEU A 120 -14.63 -14.89 15.96
N GLU A 121 -15.73 -14.17 15.71
CA GLU A 121 -16.47 -13.52 16.79
C GLU A 121 -17.16 -14.59 17.64
N ASP A 122 -17.72 -15.59 16.97
CA ASP A 122 -18.39 -16.68 17.67
C ASP A 122 -17.38 -17.40 18.56
N ILE A 123 -16.27 -17.82 17.96
CA ILE A 123 -15.22 -18.52 18.69
C ILE A 123 -14.68 -17.67 19.83
N ARG A 124 -14.48 -16.38 19.55
CA ARG A 124 -13.96 -15.45 20.54
C ARG A 124 -14.82 -15.24 21.78
N SER A 125 -15.97 -15.92 21.85
CA SER A 125 -16.84 -15.77 23.01
C SER A 125 -17.63 -17.00 23.41
N GLN A 126 -17.78 -17.95 22.49
CA GLN A 126 -18.54 -19.16 22.78
C GLN A 126 -17.78 -20.47 22.59
N ALA A 127 -16.51 -20.38 22.20
CA ALA A 127 -15.72 -21.59 21.98
C ALA A 127 -14.79 -21.94 23.13
N SER A 128 -14.51 -23.23 23.27
CA SER A 128 -13.61 -23.73 24.29
C SER A 128 -12.21 -23.62 23.74
N LEU A 129 -11.40 -22.73 24.30
CA LEU A 129 -10.05 -22.52 23.82
C LEU A 129 -8.94 -22.98 24.76
N THR A 130 -7.84 -23.42 24.16
CA THR A 130 -6.68 -23.86 24.92
C THR A 130 -5.80 -22.64 25.04
N THR A 131 -4.96 -22.57 26.07
CA THR A 131 -4.09 -21.43 26.27
C THR A 131 -3.40 -21.01 24.97
N GLN A 132 -3.06 -22.00 24.14
CA GLN A 132 -2.40 -21.74 22.87
C GLN A 132 -3.36 -21.07 21.89
N GLN A 133 -4.52 -21.68 21.69
CA GLN A 133 -5.52 -21.17 20.77
C GLN A 133 -5.92 -19.73 21.07
N ALA A 134 -6.06 -19.40 22.36
CA ALA A 134 -6.43 -18.05 22.76
C ALA A 134 -5.38 -17.07 22.29
N ILE A 135 -4.11 -17.47 22.37
CA ILE A 135 -3.01 -16.62 21.93
C ILE A 135 -3.06 -16.45 20.42
N GLY A 136 -3.28 -17.55 19.71
CA GLY A 136 -3.36 -17.49 18.27
C GLY A 136 -4.49 -16.59 17.81
N LEU A 137 -5.56 -16.55 18.60
CA LEU A 137 -6.71 -15.71 18.27
C LEU A 137 -6.42 -14.25 18.60
N LYS A 138 -5.79 -14.01 19.74
CA LYS A 138 -5.45 -12.66 20.15
C LYS A 138 -4.58 -11.96 19.11
N HIS A 139 -3.71 -12.74 18.47
CA HIS A 139 -2.81 -12.21 17.45
C HIS A 139 -3.15 -12.76 16.07
N TYR A 140 -4.43 -13.04 15.84
CA TYR A 140 -4.88 -13.60 14.57
C TYR A 140 -4.39 -12.80 13.36
N SER A 141 -4.81 -11.54 13.29
CA SER A 141 -4.43 -10.68 12.18
C SER A 141 -2.94 -10.55 11.95
N ASP A 142 -2.16 -10.55 13.02
CA ASP A 142 -0.71 -10.44 12.91
C ASP A 142 -0.03 -11.70 12.39
N PHE A 143 -0.58 -12.87 12.72
CA PHE A 143 0.03 -14.11 12.26
C PHE A 143 -0.29 -14.41 10.80
N LEU A 144 -1.16 -13.60 10.21
CA LEU A 144 -1.53 -13.78 8.80
C LEU A 144 -0.52 -13.10 7.89
N GLU A 145 0.16 -12.09 8.42
CA GLU A 145 1.15 -11.35 7.65
C GLU A 145 2.57 -11.88 7.80
N ARG A 146 3.26 -12.01 6.67
CA ARG A 146 4.64 -12.47 6.68
C ARG A 146 5.49 -11.23 6.91
N MET A 147 6.75 -11.43 7.31
CA MET A 147 7.64 -10.31 7.57
C MET A 147 8.77 -10.19 6.56
N PRO A 148 9.29 -8.98 6.37
CA PRO A 148 10.39 -8.73 5.43
C PRO A 148 11.68 -9.38 5.94
N ARG A 149 12.47 -9.93 5.03
CA ARG A 149 13.72 -10.57 5.42
C ARG A 149 14.48 -9.61 6.33
N GLU A 150 14.20 -8.32 6.17
CA GLU A 150 14.83 -7.29 6.97
C GLU A 150 14.44 -7.45 8.44
N GLU A 151 13.14 -7.46 8.69
CA GLU A 151 12.62 -7.62 10.04
C GLU A 151 13.08 -8.94 10.64
N ALA A 152 12.91 -10.01 9.87
CA ALA A 152 13.33 -11.33 10.34
C ALA A 152 14.76 -11.26 10.85
N THR A 153 15.64 -10.64 10.07
CA THR A 153 17.04 -10.50 10.45
C THR A 153 17.22 -9.82 11.79
N GLU A 154 16.46 -8.74 12.00
CA GLU A 154 16.52 -7.97 13.23
C GLU A 154 16.06 -8.80 14.42
N ILE A 155 15.28 -9.84 14.16
CA ILE A 155 14.77 -10.70 15.22
C ILE A 155 15.84 -11.72 15.60
N GLU A 156 16.50 -12.29 14.59
CA GLU A 156 17.55 -13.26 14.83
C GLU A 156 18.64 -12.58 15.64
N GLN A 157 19.05 -11.39 15.21
CA GLN A 157 20.09 -10.63 15.90
C GLN A 157 19.74 -10.48 17.38
N THR A 158 18.48 -10.14 17.66
CA THR A 158 18.03 -9.97 19.03
C THR A 158 18.27 -11.24 19.84
N VAL A 159 17.79 -12.37 19.31
CA VAL A 159 17.96 -13.65 20.00
C VAL A 159 19.44 -14.00 20.13
N GLN A 160 20.22 -13.71 19.10
CA GLN A 160 21.65 -14.00 19.10
C GLN A 160 22.41 -13.17 20.13
N LYS A 161 22.35 -11.86 20.00
CA LYS A 161 23.04 -10.96 20.91
C LYS A 161 22.68 -11.27 22.37
N ALA A 162 21.43 -11.64 22.59
CA ALA A 162 20.95 -11.97 23.93
C ALA A 162 21.59 -13.27 24.42
N ALA A 163 21.90 -14.15 23.47
CA ALA A 163 22.52 -15.43 23.80
C ALA A 163 24.01 -15.25 24.04
N GLN A 164 24.69 -14.65 23.07
CA GLN A 164 26.13 -14.41 23.20
C GLN A 164 26.39 -13.44 24.34
N ALA A 165 25.31 -12.89 24.90
CA ALA A 165 25.42 -11.95 26.01
C ALA A 165 25.96 -12.66 27.24
N PHE A 166 25.57 -13.93 27.43
CA PHE A 166 26.02 -14.70 28.57
C PHE A 166 26.88 -15.89 28.14
N ASN A 167 27.48 -15.78 26.96
CA ASN A 167 28.34 -16.82 26.41
C ASN A 167 28.60 -16.55 24.93
N SER A 168 29.67 -15.81 24.65
CA SER A 168 30.03 -15.46 23.29
C SER A 168 30.31 -16.67 22.40
N GLY A 169 30.49 -17.83 23.02
CA GLY A 169 30.77 -19.03 22.26
C GLY A 169 29.58 -19.54 21.46
N LEU A 170 28.38 -19.35 22.00
CA LEU A 170 27.15 -19.79 21.36
C LEU A 170 27.04 -19.34 19.91
N LEU A 171 26.56 -20.23 19.06
CA LEU A 171 26.38 -19.94 17.64
C LEU A 171 24.89 -19.93 17.29
N CYS A 172 24.43 -18.82 16.72
CA CYS A 172 23.03 -18.68 16.35
C CYS A 172 22.84 -18.55 14.84
N VAL A 173 21.91 -19.32 14.29
CA VAL A 173 21.64 -19.29 12.85
C VAL A 173 20.16 -19.33 12.56
N ALA A 174 19.69 -18.38 11.75
CA ALA A 174 18.29 -18.32 11.36
C ALA A 174 18.13 -19.26 10.17
N CYS A 175 17.26 -20.25 10.33
CA CYS A 175 17.03 -21.23 9.28
C CYS A 175 15.67 -21.06 8.61
N GLY A 176 15.03 -22.18 8.29
CA GLY A 176 13.73 -22.12 7.66
C GLY A 176 13.73 -21.36 6.36
N SER A 177 12.63 -20.69 6.06
CA SER A 177 12.50 -19.91 4.85
C SER A 177 13.60 -18.85 4.75
N TYR A 178 14.03 -18.35 5.90
CA TYR A 178 15.08 -17.34 5.93
C TYR A 178 16.35 -17.87 5.28
N ARG A 179 16.84 -19.00 5.77
CA ARG A 179 18.05 -19.61 5.25
C ARG A 179 17.91 -19.98 3.78
N ARG A 180 16.70 -20.33 3.35
CA ARG A 180 16.47 -20.68 1.97
C ARG A 180 16.52 -19.42 1.11
N GLY A 181 16.76 -18.29 1.77
CA GLY A 181 16.87 -17.02 1.09
C GLY A 181 15.61 -16.36 0.55
N LYS A 182 14.46 -16.63 1.15
CA LYS A 182 13.22 -16.02 0.68
C LYS A 182 13.23 -14.53 1.00
N ALA A 183 12.35 -13.77 0.36
CA ALA A 183 12.26 -12.33 0.57
C ALA A 183 11.38 -12.01 1.77
N THR A 184 10.57 -12.98 2.17
CA THR A 184 9.66 -12.81 3.31
C THR A 184 9.66 -14.09 4.13
N CYS A 185 9.33 -13.97 5.42
CA CYS A 185 9.31 -15.13 6.31
C CYS A 185 8.04 -15.14 7.15
N GLY A 186 7.46 -16.33 7.33
CA GLY A 186 6.27 -16.45 8.14
C GLY A 186 6.63 -16.27 9.59
N ASP A 187 7.80 -16.78 9.95
CA ASP A 187 8.33 -16.70 11.31
C ASP A 187 9.85 -16.75 11.21
N VAL A 188 10.53 -16.68 12.36
CA VAL A 188 11.98 -16.77 12.36
C VAL A 188 12.40 -18.03 13.09
N ASP A 189 13.07 -18.92 12.38
CA ASP A 189 13.51 -20.18 12.98
C ASP A 189 14.98 -20.09 13.35
N VAL A 190 15.26 -19.87 14.63
CA VAL A 190 16.63 -19.76 15.10
C VAL A 190 17.15 -21.06 15.69
N LEU A 191 18.34 -21.45 15.25
CA LEU A 191 18.98 -22.66 15.72
C LEU A 191 20.19 -22.25 16.55
N ILE A 192 20.29 -22.76 17.78
CA ILE A 192 21.39 -22.41 18.66
C ILE A 192 22.20 -23.64 19.09
N THR A 193 23.52 -23.48 19.09
CA THR A 193 24.42 -24.55 19.49
C THR A 193 25.75 -23.98 19.96
N HIS A 194 26.68 -24.84 20.34
CA HIS A 194 27.99 -24.40 20.81
C HIS A 194 29.09 -25.39 20.44
N PRO A 195 30.18 -24.90 19.84
CA PRO A 195 31.32 -25.71 19.40
C PRO A 195 31.88 -26.64 20.48
N ASP A 196 31.89 -26.21 21.73
CA ASP A 196 32.42 -27.03 22.81
C ASP A 196 31.47 -28.17 23.16
N GLY A 197 30.59 -28.50 22.23
CA GLY A 197 29.63 -29.58 22.41
C GLY A 197 29.07 -29.83 23.81
N ARG A 198 28.84 -28.78 24.58
CA ARG A 198 28.29 -28.97 25.91
C ARG A 198 27.73 -27.69 26.52
N SER A 199 28.39 -26.56 26.26
CA SER A 199 27.96 -25.28 26.80
C SER A 199 26.54 -24.91 26.40
N HIS A 200 25.91 -25.75 25.57
CA HIS A 200 24.55 -25.50 25.11
C HIS A 200 23.52 -26.03 26.11
N ARG A 201 23.92 -27.06 26.85
CA ARG A 201 23.05 -27.70 27.82
C ARG A 201 22.36 -26.74 28.80
N GLY A 202 21.04 -26.86 28.89
CA GLY A 202 20.25 -26.04 29.79
C GLY A 202 20.61 -24.56 29.73
N ILE A 203 20.14 -23.89 28.68
CA ILE A 203 20.40 -22.46 28.54
C ILE A 203 19.14 -21.67 28.23
N PHE A 204 18.04 -22.39 27.98
CA PHE A 204 16.77 -21.77 27.68
C PHE A 204 16.37 -20.78 28.77
N SER A 205 16.59 -21.18 30.03
CA SER A 205 16.25 -20.32 31.15
C SER A 205 16.93 -18.96 31.02
N ARG A 206 18.26 -18.95 31.00
CA ARG A 206 19.00 -17.70 30.90
C ARG A 206 18.69 -16.92 29.63
N LEU A 207 18.22 -17.61 28.60
CA LEU A 207 17.90 -16.97 27.34
C LEU A 207 16.48 -16.41 27.35
N LEU A 208 15.50 -17.27 27.61
CA LEU A 208 14.10 -16.84 27.63
C LEU A 208 13.85 -15.71 28.62
N ASP A 209 14.52 -15.77 29.77
CA ASP A 209 14.36 -14.75 30.79
C ASP A 209 14.94 -13.42 30.31
N SER A 210 16.12 -13.47 29.71
CA SER A 210 16.77 -12.27 29.20
C SER A 210 15.89 -11.60 28.16
N LEU A 211 15.22 -12.41 27.34
CA LEU A 211 14.33 -11.89 26.30
C LEU A 211 13.11 -11.25 26.94
N ARG A 212 12.46 -11.97 27.85
CA ARG A 212 11.28 -11.45 28.54
C ARG A 212 11.64 -10.17 29.28
N GLN A 213 12.84 -10.15 29.86
CA GLN A 213 13.32 -9.01 30.62
C GLN A 213 13.22 -7.71 29.85
N GLU A 214 13.90 -7.62 28.71
CA GLU A 214 13.87 -6.40 27.91
C GLU A 214 12.50 -6.18 27.26
N GLY A 215 11.61 -7.16 27.38
CA GLY A 215 10.29 -7.02 26.81
C GLY A 215 10.11 -7.64 25.43
N PHE A 216 11.21 -8.05 24.81
CA PHE A 216 11.17 -8.65 23.49
C PHE A 216 10.05 -9.68 23.39
N LEU A 217 10.21 -10.80 24.07
CA LEU A 217 9.19 -11.85 24.06
C LEU A 217 7.92 -11.31 24.71
N THR A 218 6.76 -11.72 24.19
CA THR A 218 5.49 -11.27 24.72
C THR A 218 4.57 -12.42 25.09
N ASP A 219 4.70 -13.54 24.36
CA ASP A 219 3.87 -14.70 24.61
C ASP A 219 4.61 -16.03 24.45
N ASP A 220 4.06 -17.08 25.04
CA ASP A 220 4.65 -18.41 24.96
C ASP A 220 3.57 -19.39 24.50
N LEU A 221 3.89 -20.17 23.48
CA LEU A 221 2.96 -21.15 22.94
C LEU A 221 3.34 -22.57 23.34
N VAL A 222 4.63 -22.87 23.29
CA VAL A 222 5.15 -24.19 23.65
C VAL A 222 6.52 -24.02 24.30
N SER A 223 6.64 -24.44 25.56
CA SER A 223 7.91 -24.31 26.27
C SER A 223 7.91 -25.00 27.63
N GLN A 224 8.47 -26.21 27.67
CA GLN A 224 8.54 -26.98 28.91
C GLN A 224 9.71 -26.50 29.75
N GLU A 225 9.53 -25.35 30.40
CA GLU A 225 10.59 -24.75 31.21
C GLU A 225 10.87 -25.37 32.58
N GLU A 226 10.16 -26.44 32.93
CA GLU A 226 10.42 -27.11 34.19
C GLU A 226 11.60 -28.08 34.00
N ASN A 227 11.50 -28.93 32.98
CA ASN A 227 12.57 -29.89 32.72
C ASN A 227 13.76 -29.21 32.06
N GLY A 228 14.95 -29.76 32.31
CA GLY A 228 16.18 -29.21 31.73
C GLY A 228 16.51 -29.84 30.38
N GLN A 229 15.69 -30.79 29.94
CA GLN A 229 15.88 -31.45 28.66
C GLN A 229 15.07 -30.76 27.57
N GLN A 230 14.73 -29.50 27.82
CA GLN A 230 13.97 -28.69 26.88
C GLN A 230 14.74 -28.63 25.56
N GLN A 231 14.00 -28.66 24.45
CA GLN A 231 14.61 -28.63 23.13
C GLN A 231 14.13 -27.48 22.26
N LYS A 232 12.82 -27.39 22.06
CA LYS A 232 12.26 -26.33 21.23
C LYS A 232 11.53 -25.30 22.06
N TYR A 233 11.24 -24.16 21.42
CA TYR A 233 10.52 -23.07 22.06
C TYR A 233 9.66 -22.39 21.01
N LEU A 234 8.36 -22.27 21.29
CA LEU A 234 7.46 -21.63 20.36
C LEU A 234 6.72 -20.50 21.05
N GLY A 235 7.05 -19.26 20.69
CA GLY A 235 6.40 -18.13 21.31
C GLY A 235 6.13 -16.98 20.34
N VAL A 236 5.95 -15.79 20.90
CA VAL A 236 5.68 -14.60 20.11
C VAL A 236 6.53 -13.44 20.59
N CYS A 237 7.06 -12.66 19.66
CA CYS A 237 7.90 -11.52 20.00
C CYS A 237 7.44 -10.27 19.27
N ARG A 238 8.24 -9.21 19.37
CA ARG A 238 7.94 -7.94 18.72
C ARG A 238 9.05 -6.94 18.99
N LEU A 239 9.70 -6.49 17.92
CA LEU A 239 10.78 -5.53 18.03
C LEU A 239 10.27 -4.18 18.54
N PRO A 240 11.18 -3.33 19.05
CA PRO A 240 10.82 -2.01 19.57
C PRO A 240 10.42 -1.06 18.45
N GLY A 241 9.61 -0.06 18.79
CA GLY A 241 9.19 0.91 17.79
C GLY A 241 7.70 0.91 17.49
N PRO A 242 7.22 1.95 16.79
CA PRO A 242 5.81 2.10 16.43
C PRO A 242 5.43 1.27 15.20
N GLY A 243 4.17 0.83 15.17
CA GLY A 243 3.70 0.03 14.05
C GLY A 243 4.41 -1.31 13.91
N ARG A 244 4.67 -1.95 15.04
CA ARG A 244 5.33 -3.25 15.05
C ARG A 244 4.30 -4.35 15.25
N ARG A 245 4.38 -5.39 14.43
CA ARG A 245 3.46 -6.52 14.52
C ARG A 245 4.07 -7.63 15.37
N HIS A 246 3.22 -8.52 15.88
CA HIS A 246 3.69 -9.64 16.69
C HIS A 246 4.13 -10.76 15.75
N ARG A 247 5.36 -11.20 15.91
CA ARG A 247 5.90 -12.26 15.05
C ARG A 247 6.06 -13.58 15.79
N ARG A 248 5.87 -14.68 15.08
CA ARG A 248 6.02 -16.01 15.67
C ARG A 248 7.49 -16.40 15.71
N LEU A 249 7.97 -16.75 16.90
CA LEU A 249 9.37 -17.13 17.08
C LEU A 249 9.48 -18.64 17.27
N ASP A 250 10.57 -19.21 16.79
CA ASP A 250 10.80 -20.65 16.89
C ASP A 250 12.28 -20.89 17.16
N ILE A 251 12.61 -21.22 18.41
CA ILE A 251 14.00 -21.45 18.80
C ILE A 251 14.26 -22.85 19.31
N ILE A 252 15.41 -23.41 18.93
CA ILE A 252 15.80 -24.74 19.38
C ILE A 252 17.28 -24.75 19.72
N VAL A 253 17.65 -25.55 20.71
CA VAL A 253 19.05 -25.67 21.12
C VAL A 253 19.50 -27.09 20.87
N VAL A 254 20.63 -27.25 20.21
CA VAL A 254 21.13 -28.59 19.90
C VAL A 254 22.64 -28.78 20.12
N PRO A 255 23.06 -30.02 20.39
CA PRO A 255 24.47 -30.38 20.62
C PRO A 255 25.27 -30.15 19.35
N TYR A 256 26.48 -29.61 19.50
CA TYR A 256 27.33 -29.32 18.35
C TYR A 256 27.68 -30.59 17.57
N SER A 257 27.23 -31.74 18.06
CA SER A 257 27.50 -33.01 17.40
C SER A 257 26.36 -33.41 16.48
N GLU A 258 25.27 -32.65 16.52
CA GLU A 258 24.11 -32.93 15.68
C GLU A 258 23.85 -31.76 14.74
N PHE A 259 24.63 -30.70 14.91
CA PHE A 259 24.49 -29.48 14.12
C PHE A 259 24.14 -29.70 12.65
N ALA A 260 24.93 -30.50 11.95
CA ALA A 260 24.69 -30.75 10.53
C ALA A 260 23.30 -31.30 10.23
N CYS A 261 22.79 -32.17 11.10
CA CYS A 261 21.46 -32.74 10.88
C CYS A 261 20.33 -31.85 11.37
N ALA A 262 20.63 -30.98 12.33
CA ALA A 262 19.64 -30.05 12.86
C ALA A 262 19.47 -28.90 11.89
N LEU A 263 20.58 -28.50 11.27
CA LEU A 263 20.58 -27.41 10.31
C LEU A 263 19.78 -27.83 9.09
N LEU A 264 19.99 -29.05 8.64
CA LEU A 264 19.28 -29.58 7.48
C LEU A 264 17.79 -29.55 7.78
N TYR A 265 17.43 -30.13 8.92
CA TYR A 265 16.05 -30.19 9.37
C TYR A 265 15.39 -28.82 9.47
N PHE A 266 15.91 -27.97 10.36
CA PHE A 266 15.35 -26.64 10.57
C PHE A 266 15.38 -25.74 9.34
N THR A 267 16.23 -26.06 8.38
CA THR A 267 16.30 -25.27 7.16
C THR A 267 15.16 -25.68 6.24
N GLY A 268 14.83 -26.97 6.28
CA GLY A 268 13.75 -27.48 5.45
C GLY A 268 14.03 -27.38 3.95
N SER A 269 12.99 -27.17 3.15
CA SER A 269 11.61 -27.02 3.64
C SER A 269 11.01 -28.34 4.09
N ALA A 270 9.80 -28.25 4.64
CA ALA A 270 9.09 -29.44 5.13
C ALA A 270 8.98 -30.51 4.06
N ALA A 271 8.35 -30.16 2.95
CA ALA A 271 8.19 -31.11 1.85
C ALA A 271 9.54 -31.74 1.54
N PHE A 272 10.56 -30.91 1.47
CA PHE A 272 11.91 -31.37 1.17
C PHE A 272 12.38 -32.41 2.19
N ASN A 273 12.15 -32.13 3.47
CA ASN A 273 12.57 -33.06 4.52
C ASN A 273 11.90 -34.41 4.36
N ALA A 274 10.57 -34.44 4.45
CA ALA A 274 9.82 -35.68 4.31
C ALA A 274 10.29 -36.47 3.09
N SER A 275 10.45 -35.76 1.98
CA SER A 275 10.90 -36.40 0.74
C SER A 275 12.24 -37.07 0.95
N MET A 276 13.22 -36.29 1.41
CA MET A 276 14.56 -36.81 1.65
C MET A 276 14.55 -37.94 2.67
N ARG A 277 13.81 -37.74 3.76
CA ARG A 277 13.73 -38.75 4.80
C ARG A 277 13.12 -40.03 4.23
N ALA A 278 12.15 -39.87 3.34
CA ALA A 278 11.51 -41.01 2.71
C ALA A 278 12.56 -41.82 1.97
N LEU A 279 13.43 -41.12 1.23
CA LEU A 279 14.49 -41.77 0.48
C LEU A 279 15.38 -42.62 1.37
N ALA A 280 15.88 -42.01 2.45
CA ALA A 280 16.74 -42.72 3.39
C ALA A 280 16.10 -44.04 3.78
N LYS A 281 14.81 -44.00 4.06
CA LYS A 281 14.06 -45.18 4.46
C LYS A 281 14.18 -46.32 3.45
N THR A 282 14.56 -46.00 2.21
CA THR A 282 14.70 -47.02 1.18
C THR A 282 16.12 -47.58 1.19
N LYS A 283 17.08 -46.75 1.57
CA LYS A 283 18.48 -47.19 1.63
C LYS A 283 18.72 -47.91 2.96
N GLY A 284 17.64 -48.20 3.67
CA GLY A 284 17.75 -48.88 4.95
C GLY A 284 18.28 -47.98 6.05
N MET A 285 18.09 -46.68 5.89
CA MET A 285 18.57 -45.71 6.86
C MET A 285 17.41 -44.96 7.50
N SER A 286 17.74 -43.91 8.25
CA SER A 286 16.73 -43.09 8.92
C SER A 286 17.29 -41.70 9.16
N LEU A 287 16.56 -40.67 8.74
CA LEU A 287 17.01 -39.30 8.89
C LEU A 287 16.15 -38.51 9.88
N SER A 288 16.79 -37.61 10.62
CA SER A 288 16.10 -36.78 11.61
C SER A 288 17.00 -35.59 11.97
N GLU A 289 16.54 -34.76 12.90
CA GLU A 289 17.32 -33.60 13.30
C GLU A 289 18.45 -34.02 14.23
N HIS A 290 18.45 -35.29 14.62
CA HIS A 290 19.49 -35.80 15.51
C HIS A 290 20.67 -36.37 14.73
N ALA A 291 20.39 -37.19 13.73
CA ALA A 291 21.45 -37.78 12.92
C ALA A 291 20.92 -38.77 11.87
N LEU A 292 21.81 -39.19 10.99
CA LEU A 292 21.48 -40.14 9.95
C LEU A 292 22.00 -41.51 10.37
N SER A 293 21.10 -42.38 10.78
CA SER A 293 21.49 -43.71 11.22
C SER A 293 21.18 -44.79 10.20
N THR A 294 21.60 -46.01 10.50
CA THR A 294 21.35 -47.15 9.62
C THR A 294 20.12 -47.87 10.16
N ALA A 295 19.79 -49.02 9.58
CA ALA A 295 18.62 -49.78 10.02
C ALA A 295 18.74 -50.10 11.50
N VAL A 296 17.64 -49.94 12.23
CA VAL A 296 17.63 -50.21 13.66
C VAL A 296 17.55 -51.72 13.94
N VAL A 297 18.08 -52.12 15.09
CA VAL A 297 18.07 -53.53 15.48
C VAL A 297 16.65 -53.95 15.83
N ARG A 298 16.16 -55.02 15.19
CA ARG A 298 14.82 -55.51 15.44
C ARG A 298 14.83 -57.03 15.58
N ASN A 299 14.39 -57.52 16.73
CA ASN A 299 14.35 -58.96 17.00
C ASN A 299 13.49 -59.73 16.01
N THR A 300 13.34 -61.03 16.26
CA THR A 300 12.55 -61.91 15.41
C THR A 300 11.21 -61.29 15.01
N HIS A 301 10.45 -60.86 16.02
CA HIS A 301 9.15 -60.25 15.79
C HIS A 301 9.25 -59.10 14.79
N GLY A 302 10.36 -58.37 14.85
CA GLY A 302 10.56 -57.23 13.97
C GLY A 302 10.31 -55.95 14.75
N ALA A 303 10.55 -56.03 16.05
CA ALA A 303 10.36 -54.89 16.95
C ALA A 303 11.68 -54.17 17.20
N LYS A 304 11.69 -52.86 17.02
CA LYS A 304 12.89 -52.07 17.24
C LYS A 304 13.40 -52.27 18.66
N VAL A 305 14.47 -53.04 18.80
CA VAL A 305 15.06 -53.32 20.11
C VAL A 305 16.36 -52.55 20.34
N GLY A 306 17.00 -52.13 19.25
CA GLY A 306 18.25 -51.39 19.37
C GLY A 306 18.46 -50.36 18.27
N PRO A 307 19.15 -49.24 18.59
CA PRO A 307 19.43 -48.18 17.61
C PRO A 307 20.37 -48.63 16.51
N GLY A 308 20.37 -47.91 15.40
CA GLY A 308 21.26 -48.24 14.30
C GLY A 308 22.56 -47.49 14.50
N ARG A 309 23.53 -47.71 13.62
CA ARG A 309 24.81 -47.02 13.76
C ARG A 309 24.74 -45.61 13.19
N VAL A 310 24.89 -44.61 14.07
CA VAL A 310 24.86 -43.22 13.66
C VAL A 310 26.04 -42.92 12.76
N LEU A 311 25.76 -42.55 11.52
CA LEU A 311 26.82 -42.25 10.56
C LEU A 311 27.39 -40.84 10.80
N PRO A 312 28.69 -40.65 10.50
CA PRO A 312 29.35 -39.35 10.68
C PRO A 312 28.92 -38.29 9.66
N THR A 313 28.21 -37.28 10.14
CA THR A 313 27.75 -36.19 9.28
C THR A 313 28.17 -34.85 9.85
N PRO A 314 29.45 -34.48 9.66
CA PRO A 314 30.00 -33.20 10.14
C PRO A 314 29.37 -31.98 9.49
N THR A 315 28.94 -32.13 8.24
CA THR A 315 28.32 -31.04 7.50
C THR A 315 27.07 -31.57 6.80
N GLU A 316 26.34 -30.70 6.13
CA GLU A 316 25.14 -31.12 5.42
C GLU A 316 25.53 -32.01 4.24
N LYS A 317 26.56 -31.58 3.51
CA LYS A 317 27.03 -32.32 2.34
C LYS A 317 27.18 -33.81 2.60
N ASP A 318 27.76 -34.15 3.76
CA ASP A 318 27.96 -35.55 4.12
C ASP A 318 26.66 -36.33 4.18
N VAL A 319 25.59 -35.68 4.64
CA VAL A 319 24.29 -36.33 4.72
C VAL A 319 23.84 -36.73 3.30
N PHE A 320 24.02 -35.82 2.36
CA PHE A 320 23.62 -36.10 0.97
C PHE A 320 24.49 -37.24 0.43
N ARG A 321 25.79 -37.01 0.41
CA ARG A 321 26.75 -38.01 -0.08
C ARG A 321 26.36 -39.42 0.36
N LEU A 322 26.22 -39.60 1.67
CA LEU A 322 25.85 -40.90 2.21
C LEU A 322 24.52 -41.38 1.65
N LEU A 323 23.58 -40.46 1.46
CA LEU A 323 22.28 -40.80 0.91
C LEU A 323 22.38 -40.97 -0.61
N GLY A 324 23.57 -40.75 -1.15
CA GLY A 324 23.79 -40.89 -2.58
C GLY A 324 23.09 -39.83 -3.41
N LEU A 325 23.09 -38.60 -2.92
CA LEU A 325 22.44 -37.49 -3.63
C LEU A 325 23.38 -36.30 -3.75
N PRO A 326 23.31 -35.58 -4.88
CA PRO A 326 24.17 -34.41 -5.06
C PRO A 326 23.71 -33.30 -4.14
N TYR A 327 24.65 -32.67 -3.43
CA TYR A 327 24.31 -31.59 -2.50
C TYR A 327 23.53 -30.47 -3.17
N ARG A 328 22.46 -30.03 -2.51
CA ARG A 328 21.61 -28.97 -3.03
C ARG A 328 21.65 -27.76 -2.10
N GLU A 329 21.90 -26.59 -2.68
CA GLU A 329 21.95 -25.35 -1.91
C GLU A 329 20.63 -25.17 -1.16
N PRO A 330 20.65 -24.42 -0.05
CA PRO A 330 19.43 -24.20 0.73
C PRO A 330 18.30 -23.62 -0.13
N ALA A 331 18.63 -22.60 -0.92
CA ALA A 331 17.68 -21.94 -1.78
C ALA A 331 16.96 -22.90 -2.73
N GLU A 332 17.63 -23.99 -3.07
CA GLU A 332 17.06 -24.97 -3.97
C GLU A 332 16.41 -26.12 -3.22
N ARG A 333 15.90 -25.82 -2.03
CA ARG A 333 15.29 -26.88 -1.24
C ARG A 333 13.85 -26.58 -0.92
N ASP A 334 13.19 -25.80 -1.77
CA ASP A 334 11.80 -25.52 -1.48
C ASP A 334 10.99 -26.82 -1.56
N TRP A 335 11.32 -27.70 -2.50
CA TRP A 335 10.59 -28.95 -2.60
C TRP A 335 11.42 -30.05 -3.24
N GLN E 7 -14.38 24.05 8.27
CA GLN E 7 -14.07 24.84 7.04
C GLN E 7 -15.24 24.73 6.06
N LYS E 8 -16.01 23.66 6.19
CA LYS E 8 -17.16 23.41 5.33
C LYS E 8 -18.21 24.51 5.48
N ALA E 9 -18.01 25.42 6.44
CA ALA E 9 -18.96 26.50 6.68
C ALA E 9 -18.97 27.54 5.57
N THR E 10 -19.99 28.41 5.59
CA THR E 10 -20.10 29.47 4.57
C THR E 10 -19.14 30.62 4.84
N ASN E 11 -18.62 31.21 3.77
CA ASN E 11 -17.68 32.33 3.88
C ASN E 11 -18.44 33.62 4.21
N HIS E 12 -18.27 34.11 5.43
CA HIS E 12 -18.94 35.32 5.88
C HIS E 12 -18.24 36.61 5.46
N ASN E 13 -16.94 36.52 5.21
CA ASN E 13 -16.17 37.70 4.81
C ASN E 13 -15.82 37.68 3.34
N LEU E 14 -16.79 37.27 2.52
CA LEU E 14 -16.59 37.19 1.08
C LEU E 14 -16.27 38.54 0.47
N HIS E 15 -16.79 39.61 1.05
CA HIS E 15 -16.56 40.96 0.55
C HIS E 15 -15.12 41.41 0.81
N ILE E 16 -14.42 40.68 1.68
CA ILE E 16 -13.05 41.00 2.03
C ILE E 16 -12.08 40.11 1.24
N THR E 17 -12.09 38.82 1.55
CA THR E 17 -11.21 37.85 0.89
C THR E 17 -11.26 38.03 -0.63
N GLU E 18 -12.42 38.43 -1.13
CA GLU E 18 -12.64 38.64 -2.55
C GLU E 18 -11.58 39.56 -3.14
N LYS E 19 -11.21 40.59 -2.38
CA LYS E 19 -10.21 41.55 -2.83
C LYS E 19 -8.77 41.16 -2.47
N LEU E 20 -8.59 40.59 -1.29
CA LEU E 20 -7.25 40.17 -0.87
C LEU E 20 -6.68 39.17 -1.84
N GLU E 21 -7.54 38.28 -2.35
CA GLU E 21 -7.12 37.26 -3.29
C GLU E 21 -6.58 37.89 -4.56
N VAL E 22 -6.85 39.20 -4.74
CA VAL E 22 -6.37 39.91 -5.92
C VAL E 22 -4.90 40.21 -5.72
N LEU E 23 -4.53 40.58 -4.50
CA LEU E 23 -3.13 40.88 -4.18
C LEU E 23 -2.35 39.58 -4.05
N ALA E 24 -3.00 38.55 -3.52
CA ALA E 24 -2.36 37.25 -3.35
C ALA E 24 -1.88 36.77 -4.71
N LYS E 25 -2.78 36.78 -5.70
CA LYS E 25 -2.44 36.36 -7.04
C LYS E 25 -1.48 37.37 -7.67
N ALA E 26 -1.55 38.60 -7.19
CA ALA E 26 -0.67 39.67 -7.68
C ALA E 26 0.78 39.34 -7.34
N TYR E 27 1.06 39.23 -6.04
CA TYR E 27 2.41 38.92 -5.59
C TYR E 27 2.84 37.56 -6.12
N SER E 28 1.95 36.58 -6.00
CA SER E 28 2.22 35.22 -6.45
C SER E 28 2.87 35.15 -7.83
N VAL E 29 2.18 35.66 -8.84
CA VAL E 29 2.69 35.64 -10.20
C VAL E 29 4.05 36.33 -10.36
N GLN E 30 4.30 37.33 -9.52
CA GLN E 30 5.56 38.05 -9.58
C GLN E 30 6.71 37.21 -9.07
N GLY E 31 6.40 36.29 -8.14
CA GLY E 31 7.44 35.43 -7.60
C GLY E 31 7.61 35.53 -6.09
N ASP E 32 6.98 36.53 -5.48
CA ASP E 32 7.07 36.73 -4.05
C ASP E 32 6.34 35.59 -3.35
N LYS E 33 6.83 34.37 -3.54
CA LYS E 33 6.24 33.17 -2.99
C LYS E 33 5.70 33.27 -1.56
N TRP E 34 6.54 33.72 -0.63
CA TRP E 34 6.12 33.81 0.76
C TRP E 34 5.13 34.92 1.12
N ARG E 35 5.25 36.10 0.53
CA ARG E 35 4.31 37.17 0.84
C ARG E 35 2.93 36.70 0.43
N ALA E 36 2.86 36.07 -0.74
CA ALA E 36 1.59 35.56 -1.26
C ALA E 36 1.04 34.50 -0.30
N ALA E 37 1.90 33.57 0.11
CA ALA E 37 1.49 32.52 1.03
C ALA E 37 0.95 33.13 2.31
N GLY E 38 1.39 34.33 2.63
CA GLY E 38 0.92 35.01 3.83
C GLY E 38 -0.55 35.34 3.70
N TYR E 39 -0.91 35.98 2.60
CA TYR E 39 -2.31 36.34 2.34
C TYR E 39 -3.16 35.08 2.38
N ALA E 40 -2.65 34.02 1.76
CA ALA E 40 -3.33 32.74 1.70
C ALA E 40 -3.90 32.35 3.05
N LYS E 41 -3.04 32.28 4.06
CA LYS E 41 -3.49 31.91 5.40
C LYS E 41 -4.46 32.94 5.95
N ALA E 42 -4.19 34.21 5.69
CA ALA E 42 -5.05 35.28 6.16
C ALA E 42 -6.46 35.07 5.61
N ILE E 43 -6.55 34.87 4.29
CA ILE E 43 -7.82 34.66 3.63
C ILE E 43 -8.60 33.50 4.24
N ASN E 44 -7.92 32.38 4.46
CA ASN E 44 -8.56 31.20 5.03
C ASN E 44 -9.05 31.47 6.45
N ALA E 45 -8.26 32.22 7.22
CA ALA E 45 -8.61 32.56 8.59
C ALA E 45 -9.98 33.22 8.60
N LEU E 46 -10.25 34.02 7.57
CA LEU E 46 -11.52 34.72 7.44
C LEU E 46 -12.59 33.75 6.95
N LYS E 47 -12.32 33.07 5.85
CA LYS E 47 -13.26 32.12 5.26
C LYS E 47 -13.73 31.07 6.27
N SER E 48 -13.00 30.93 7.37
CA SER E 48 -13.35 29.95 8.39
C SER E 48 -13.87 30.61 9.66
N PHE E 49 -13.92 31.94 9.66
CA PHE E 49 -14.41 32.67 10.82
C PHE E 49 -15.92 32.59 10.91
N HIS E 50 -16.41 32.10 12.04
CA HIS E 50 -17.85 31.92 12.27
C HIS E 50 -18.71 33.16 12.02
N LYS E 51 -18.09 34.34 11.99
CA LYS E 51 -18.82 35.58 11.77
C LYS E 51 -18.03 36.56 10.91
N PRO E 52 -18.67 37.65 10.47
CA PRO E 52 -17.99 38.64 9.63
C PRO E 52 -17.23 39.65 10.50
N VAL E 53 -16.00 39.97 10.10
CA VAL E 53 -15.18 40.93 10.84
C VAL E 53 -15.74 42.33 10.63
N THR E 54 -16.05 43.01 11.73
CA THR E 54 -16.62 44.35 11.66
C THR E 54 -15.69 45.45 12.15
N SER E 55 -14.74 45.10 13.03
CA SER E 55 -13.82 46.09 13.57
C SER E 55 -12.35 45.72 13.37
N TYR E 56 -11.50 46.74 13.38
CA TYR E 56 -10.05 46.54 13.21
C TYR E 56 -9.55 45.63 14.31
N GLN E 57 -9.90 45.96 15.55
CA GLN E 57 -9.49 45.19 16.71
C GLN E 57 -9.83 43.71 16.51
N GLU E 58 -10.96 43.46 15.84
CA GLU E 58 -11.39 42.08 15.60
C GLU E 58 -10.51 41.41 14.55
N ALA E 59 -10.14 42.16 13.52
CA ALA E 59 -9.30 41.62 12.46
C ALA E 59 -7.93 41.25 13.02
N CYS E 60 -7.58 41.83 14.16
CA CYS E 60 -6.29 41.56 14.80
C CYS E 60 -6.40 40.46 15.85
N SER E 61 -7.63 40.06 16.16
CA SER E 61 -7.86 39.02 17.16
C SER E 61 -7.80 37.62 16.58
N ILE E 62 -7.70 37.54 15.25
CA ILE E 62 -7.66 36.25 14.57
C ILE E 62 -6.23 35.85 14.23
N PRO E 63 -5.79 34.69 14.74
CA PRO E 63 -4.42 34.23 14.45
C PRO E 63 -4.22 34.04 12.94
N GLY E 64 -3.41 34.90 12.36
CA GLY E 64 -3.14 34.82 10.94
C GLY E 64 -3.23 36.20 10.32
N ILE E 65 -3.75 37.14 11.10
CA ILE E 65 -3.90 38.52 10.64
C ILE E 65 -3.16 39.47 11.57
N GLY E 66 -2.42 40.40 10.98
CA GLY E 66 -1.68 41.37 11.77
C GLY E 66 -1.96 42.79 11.33
N LYS E 67 -1.46 43.76 12.09
CA LYS E 67 -1.65 45.18 11.79
C LYS E 67 -1.67 45.47 10.30
N ARG E 68 -0.67 44.97 9.57
CA ARG E 68 -0.58 45.19 8.13
C ARG E 68 -1.83 44.74 7.39
N MET E 69 -2.22 43.49 7.58
CA MET E 69 -3.40 42.95 6.92
C MET E 69 -4.66 43.65 7.40
N ALA E 70 -4.78 43.81 8.71
CA ALA E 70 -5.94 44.47 9.31
C ALA E 70 -6.15 45.87 8.76
N GLU E 71 -5.05 46.58 8.51
CA GLU E 71 -5.13 47.93 7.95
C GLU E 71 -5.77 47.91 6.57
N LYS E 72 -5.77 46.74 5.94
CA LYS E 72 -6.36 46.61 4.61
C LYS E 72 -7.82 46.21 4.73
N ILE E 73 -8.14 45.44 5.78
CA ILE E 73 -9.50 45.00 6.00
C ILE E 73 -10.42 46.17 6.31
N ILE E 74 -9.99 47.06 7.20
CA ILE E 74 -10.78 48.23 7.56
C ILE E 74 -11.04 49.10 6.35
N GLU E 75 -9.99 49.37 5.57
CA GLU E 75 -10.11 50.20 4.39
C GLU E 75 -11.14 49.62 3.42
N ILE E 76 -11.36 48.31 3.49
CA ILE E 76 -12.32 47.64 2.63
C ILE E 76 -13.71 47.67 3.24
N LEU E 77 -13.80 47.51 4.56
CA LEU E 77 -15.07 47.52 5.26
C LEU E 77 -15.71 48.91 5.25
N GLU E 78 -14.88 49.93 5.45
CA GLU E 78 -15.37 51.30 5.47
C GLU E 78 -15.44 51.96 4.09
N SER E 79 -14.62 51.51 3.14
CA SER E 79 -14.62 52.12 1.82
C SER E 79 -15.13 51.23 0.67
N GLY E 80 -15.19 49.93 0.91
CA GLY E 80 -15.66 49.03 -0.12
C GLY E 80 -14.73 48.99 -1.31
N HIS E 81 -13.58 49.64 -1.18
CA HIS E 81 -12.58 49.69 -2.25
C HIS E 81 -11.17 49.60 -1.67
N LEU E 82 -10.20 49.14 -2.46
CA LEU E 82 -8.84 49.03 -1.98
C LEU E 82 -7.85 49.87 -2.78
N ARG E 83 -7.15 50.76 -2.09
CA ARG E 83 -6.17 51.64 -2.73
C ARG E 83 -5.03 50.86 -3.35
N LYS E 84 -4.47 49.93 -2.59
CA LYS E 84 -3.36 49.10 -3.06
C LYS E 84 -3.60 48.62 -4.48
N LEU E 85 -4.74 47.96 -4.69
CA LEU E 85 -5.11 47.44 -5.99
C LEU E 85 -4.92 48.45 -7.13
N ASP E 86 -5.18 49.71 -6.82
CA ASP E 86 -5.05 50.77 -7.82
C ASP E 86 -3.60 50.99 -8.25
N HIS E 87 -2.67 50.52 -7.43
CA HIS E 87 -1.25 50.67 -7.75
C HIS E 87 -0.57 49.34 -8.05
N ILE E 88 -1.25 48.48 -8.79
CA ILE E 88 -0.71 47.18 -9.16
C ILE E 88 -0.09 47.26 -10.55
N SER E 89 1.22 47.04 -10.61
CA SER E 89 1.95 47.08 -11.87
C SER E 89 1.13 46.60 -13.06
N GLU E 90 1.20 47.33 -14.16
CA GLU E 90 0.47 47.00 -15.38
C GLU E 90 0.85 45.61 -15.90
N SER E 91 2.01 45.13 -15.47
CA SER E 91 2.52 43.83 -15.89
C SER E 91 1.72 42.65 -15.33
N VAL E 92 1.41 42.70 -14.05
CA VAL E 92 0.67 41.63 -13.37
C VAL E 92 -0.41 40.96 -14.23
N PRO E 93 -1.34 41.75 -14.80
CA PRO E 93 -2.40 41.17 -15.62
C PRO E 93 -1.90 40.31 -16.78
N VAL E 94 -0.96 40.85 -17.56
CA VAL E 94 -0.42 40.11 -18.70
C VAL E 94 0.30 38.85 -18.22
N LEU E 95 1.09 38.99 -17.15
CA LEU E 95 1.82 37.86 -16.60
C LEU E 95 0.83 36.80 -16.12
N GLU E 96 -0.15 37.26 -15.34
CA GLU E 96 -1.18 36.39 -14.79
C GLU E 96 -1.87 35.64 -15.93
N LEU E 97 -2.04 36.32 -17.06
CA LEU E 97 -2.68 35.74 -18.24
C LEU E 97 -1.87 34.57 -18.80
N PHE E 98 -0.59 34.80 -19.01
CA PHE E 98 0.31 33.79 -19.55
C PHE E 98 0.39 32.55 -18.66
N SER E 99 0.38 32.76 -17.34
CA SER E 99 0.46 31.68 -16.37
C SER E 99 -0.73 30.74 -16.44
N ASN E 100 -1.91 31.27 -16.75
CA ASN E 100 -3.10 30.43 -16.84
C ASN E 100 -3.01 29.43 -17.99
N ILE E 101 -1.87 29.42 -18.66
CA ILE E 101 -1.63 28.50 -19.76
C ILE E 101 -1.02 27.24 -19.16
N TRP E 102 -1.71 26.11 -19.28
CA TRP E 102 -1.20 24.85 -18.75
C TRP E 102 0.23 24.61 -19.24
N GLY E 103 1.15 24.40 -18.31
CA GLY E 103 2.52 24.15 -18.68
C GLY E 103 3.37 25.42 -18.70
N ALA E 104 2.85 26.48 -18.10
CA ALA E 104 3.54 27.76 -18.05
C ALA E 104 3.48 28.32 -16.64
N GLY E 105 4.65 28.68 -16.10
CA GLY E 105 4.69 29.21 -14.75
C GLY E 105 5.27 30.62 -14.70
N THR E 106 5.46 31.12 -13.49
CA THR E 106 6.01 32.45 -13.28
C THR E 106 7.22 32.73 -14.17
N LYS E 107 8.18 31.81 -14.16
CA LYS E 107 9.38 31.96 -14.96
C LYS E 107 9.10 32.05 -16.46
N THR E 108 8.18 31.20 -16.94
CA THR E 108 7.83 31.20 -18.35
C THR E 108 7.01 32.43 -18.72
N ALA E 109 6.18 32.88 -17.79
CA ALA E 109 5.35 34.07 -18.01
C ALA E 109 6.26 35.28 -18.05
N GLN E 110 7.25 35.29 -17.16
CA GLN E 110 8.21 36.38 -17.06
C GLN E 110 8.98 36.50 -18.37
N MET E 111 9.50 35.37 -18.84
CA MET E 111 10.27 35.33 -20.08
C MET E 111 9.51 35.89 -21.28
N TRP E 112 8.30 35.39 -21.50
CA TRP E 112 7.48 35.86 -22.62
C TRP E 112 7.26 37.36 -22.54
N TYR E 113 7.16 37.87 -21.31
CA TYR E 113 6.94 39.30 -21.10
C TYR E 113 8.16 40.06 -21.60
N GLN E 114 9.34 39.54 -21.28
CA GLN E 114 10.60 40.16 -21.66
C GLN E 114 10.70 40.23 -23.18
N GLN E 115 10.22 39.19 -23.87
CA GLN E 115 10.26 39.16 -25.33
C GLN E 115 9.34 40.22 -25.92
N GLY E 116 8.57 40.88 -25.07
CA GLY E 116 7.67 41.92 -25.53
C GLY E 116 6.23 41.49 -25.71
N PHE E 117 5.98 40.19 -25.58
CA PHE E 117 4.64 39.64 -25.72
C PHE E 117 3.70 40.29 -24.71
N ARG E 118 2.45 40.54 -25.10
CA ARG E 118 1.50 41.18 -24.20
C ARG E 118 0.11 40.56 -24.17
N SER E 119 -0.20 39.68 -25.13
CA SER E 119 -1.51 39.05 -25.18
C SER E 119 -1.42 37.63 -25.73
N LEU E 120 -2.40 36.80 -25.36
CA LEU E 120 -2.43 35.41 -25.82
C LEU E 120 -2.29 35.36 -27.33
N GLU E 121 -2.64 36.47 -27.97
CA GLU E 121 -2.55 36.56 -29.42
C GLU E 121 -1.08 36.43 -29.83
N ASP E 122 -0.23 37.22 -29.20
CA ASP E 122 1.20 37.21 -29.47
C ASP E 122 1.83 35.85 -29.16
N ILE E 123 1.48 35.30 -28.00
CA ILE E 123 1.99 33.99 -27.56
C ILE E 123 1.62 32.93 -28.59
N ARG E 124 0.48 33.14 -29.21
CA ARG E 124 -0.01 32.22 -30.21
C ARG E 124 0.75 32.33 -31.53
N SER E 125 1.21 33.54 -31.87
CA SER E 125 1.92 33.74 -33.13
C SER E 125 3.46 33.84 -33.10
N GLN E 126 4.05 34.18 -31.95
CA GLN E 126 5.51 34.29 -31.91
C GLN E 126 6.29 33.30 -31.02
N ALA E 127 5.85 33.11 -29.79
CA ALA E 127 6.54 32.21 -28.87
C ALA E 127 6.68 30.75 -29.31
N SER E 128 7.72 30.10 -28.79
CA SER E 128 8.02 28.70 -29.05
C SER E 128 7.38 27.90 -27.92
N LEU E 129 6.14 27.46 -28.11
CA LEU E 129 5.46 26.72 -27.06
C LEU E 129 5.75 25.23 -27.08
N THR E 130 5.99 24.66 -25.91
CA THR E 130 6.24 23.23 -25.82
C THR E 130 4.92 22.54 -26.18
N THR E 131 4.98 21.25 -26.48
CA THR E 131 3.77 20.52 -26.85
C THR E 131 2.67 20.72 -25.81
N GLN E 132 3.05 20.67 -24.54
CA GLN E 132 2.10 20.84 -23.44
C GLN E 132 1.44 22.21 -23.49
N GLN E 133 2.25 23.26 -23.42
CA GLN E 133 1.76 24.62 -23.45
C GLN E 133 0.83 24.86 -24.63
N ALA E 134 1.12 24.20 -25.75
CA ALA E 134 0.30 24.33 -26.95
C ALA E 134 -1.12 23.87 -26.67
N ILE E 135 -1.24 22.76 -25.95
CA ILE E 135 -2.55 22.22 -25.60
C ILE E 135 -3.22 23.11 -24.59
N GLY E 136 -2.45 23.54 -23.58
CA GLY E 136 -3.00 24.41 -22.55
C GLY E 136 -3.55 25.69 -23.15
N LEU E 137 -2.87 26.20 -24.18
CA LEU E 137 -3.30 27.42 -24.84
C LEU E 137 -4.53 27.14 -25.69
N LYS E 138 -4.56 25.99 -26.34
CA LYS E 138 -5.68 25.62 -27.18
C LYS E 138 -6.98 25.65 -26.37
N HIS E 139 -7.00 24.96 -25.24
CA HIS E 139 -8.17 24.91 -24.38
C HIS E 139 -8.08 25.96 -23.27
N TYR E 140 -7.45 27.08 -23.56
CA TYR E 140 -7.28 28.13 -22.57
C TYR E 140 -8.57 28.50 -21.85
N SER E 141 -9.62 28.80 -22.61
CA SER E 141 -10.90 29.18 -22.03
C SER E 141 -11.53 28.10 -21.16
N ASP E 142 -11.74 26.92 -21.73
CA ASP E 142 -12.33 25.80 -20.99
C ASP E 142 -11.63 25.51 -19.67
N PHE E 143 -10.31 25.49 -19.67
CA PHE E 143 -9.56 25.20 -18.45
C PHE E 143 -9.75 26.25 -17.37
N LEU E 144 -10.22 27.43 -17.76
CA LEU E 144 -10.46 28.51 -16.82
C LEU E 144 -11.75 28.28 -16.03
N GLU E 145 -12.67 27.55 -16.63
CA GLU E 145 -13.96 27.26 -16.01
C GLU E 145 -13.98 25.96 -15.22
N ARG E 146 -14.45 26.02 -13.98
CA ARG E 146 -14.54 24.82 -13.14
C ARG E 146 -15.79 24.07 -13.57
N MET E 147 -15.94 22.83 -13.10
CA MET E 147 -17.09 22.01 -13.46
C MET E 147 -17.90 21.61 -12.23
N PRO E 148 -19.19 21.27 -12.44
CA PRO E 148 -20.03 20.87 -11.31
C PRO E 148 -19.76 19.42 -10.91
N ARG E 149 -20.06 19.11 -9.65
CA ARG E 149 -19.85 17.76 -9.14
C ARG E 149 -20.55 16.75 -10.06
N GLU E 150 -21.64 17.21 -10.68
CA GLU E 150 -22.43 16.39 -11.59
C GLU E 150 -21.56 15.83 -12.71
N GLU E 151 -20.90 16.73 -13.42
CA GLU E 151 -20.04 16.35 -14.52
C GLU E 151 -18.80 15.65 -13.99
N ALA E 152 -18.38 16.03 -12.79
CA ALA E 152 -17.22 15.42 -12.17
C ALA E 152 -17.48 13.93 -11.99
N THR E 153 -18.74 13.60 -11.71
CA THR E 153 -19.12 12.21 -11.53
C THR E 153 -19.10 11.44 -12.85
N GLU E 154 -19.75 11.99 -13.88
CA GLU E 154 -19.77 11.32 -15.18
C GLU E 154 -18.37 11.03 -15.69
N ILE E 155 -17.43 11.91 -15.40
CA ILE E 155 -16.06 11.70 -15.84
C ILE E 155 -15.44 10.52 -15.13
N GLU E 156 -15.63 10.44 -13.81
CA GLU E 156 -15.08 9.34 -13.03
C GLU E 156 -15.77 8.04 -13.44
N GLN E 157 -17.08 8.11 -13.64
CA GLN E 157 -17.85 6.94 -14.07
C GLN E 157 -17.25 6.36 -15.34
N THR E 158 -16.96 7.25 -16.30
CA THR E 158 -16.38 6.83 -17.57
C THR E 158 -15.08 6.07 -17.33
N VAL E 159 -14.17 6.67 -16.58
CA VAL E 159 -12.89 6.04 -16.27
C VAL E 159 -13.10 4.69 -15.62
N GLN E 160 -13.96 4.65 -14.61
CA GLN E 160 -14.25 3.41 -13.90
C GLN E 160 -14.73 2.31 -14.84
N LYS E 161 -15.87 2.53 -15.48
CA LYS E 161 -16.44 1.57 -16.41
C LYS E 161 -15.41 1.07 -17.41
N ALA E 162 -14.75 1.99 -18.08
CA ALA E 162 -13.72 1.64 -19.07
C ALA E 162 -12.60 0.81 -18.47
N ALA E 163 -12.41 0.97 -17.16
CA ALA E 163 -11.37 0.22 -16.46
C ALA E 163 -11.88 -1.15 -16.04
N GLN E 164 -12.98 -1.15 -15.29
CA GLN E 164 -13.58 -2.40 -14.82
C GLN E 164 -13.91 -3.30 -16.00
N ALA E 165 -13.94 -2.72 -17.19
CA ALA E 165 -14.24 -3.45 -18.42
C ALA E 165 -13.37 -4.69 -18.56
N PHE E 166 -12.06 -4.50 -18.62
CA PHE E 166 -11.13 -5.62 -18.75
C PHE E 166 -10.61 -6.13 -17.41
N ASN E 167 -11.39 -5.90 -16.35
CA ASN E 167 -11.02 -6.35 -15.00
C ASN E 167 -11.98 -5.71 -13.98
N SER E 168 -13.09 -6.39 -13.75
CA SER E 168 -14.10 -5.92 -12.80
C SER E 168 -13.51 -5.72 -11.41
N GLY E 169 -12.33 -6.29 -11.19
CA GLY E 169 -11.67 -6.17 -9.90
C GLY E 169 -11.18 -4.76 -9.61
N LEU E 170 -10.45 -4.17 -10.56
CA LEU E 170 -9.91 -2.82 -10.41
C LEU E 170 -10.85 -1.91 -9.63
N LEU E 171 -10.26 -1.07 -8.78
CA LEU E 171 -11.04 -0.15 -7.96
C LEU E 171 -10.70 1.28 -8.38
N CYS E 172 -11.73 2.11 -8.48
CA CYS E 172 -11.55 3.51 -8.87
C CYS E 172 -12.24 4.46 -7.89
N VAL E 173 -11.52 5.50 -7.49
CA VAL E 173 -12.05 6.48 -6.55
C VAL E 173 -11.65 7.89 -6.95
N ALA E 174 -12.64 8.78 -7.03
CA ALA E 174 -12.37 10.16 -7.37
C ALA E 174 -11.94 10.90 -6.11
N CYS E 175 -10.74 11.45 -6.13
CA CYS E 175 -10.20 12.16 -4.98
C CYS E 175 -10.21 13.66 -5.20
N GLY E 176 -9.16 14.33 -4.74
CA GLY E 176 -9.06 15.77 -4.90
C GLY E 176 -10.28 16.50 -4.38
N SER E 177 -10.52 17.67 -4.93
CA SER E 177 -11.65 18.49 -4.52
C SER E 177 -12.93 17.68 -4.49
N TYR E 178 -13.07 16.74 -5.41
CA TYR E 178 -14.26 15.90 -5.48
C TYR E 178 -14.51 15.16 -4.18
N ARG E 179 -13.55 14.34 -3.75
CA ARG E 179 -13.72 13.57 -2.54
C ARG E 179 -13.88 14.46 -1.30
N ARG E 180 -13.33 15.67 -1.36
CA ARG E 180 -13.47 16.58 -0.24
C ARG E 180 -14.88 17.17 -0.24
N GLY E 181 -15.74 16.58 -1.06
CA GLY E 181 -17.12 17.02 -1.16
C GLY E 181 -17.32 18.47 -1.54
N LYS E 182 -16.61 18.94 -2.55
CA LYS E 182 -16.75 20.33 -3.00
C LYS E 182 -17.84 20.45 -4.06
N ALA E 183 -18.48 21.61 -4.13
CA ALA E 183 -19.54 21.87 -5.09
C ALA E 183 -19.04 21.68 -6.52
N THR E 184 -17.95 22.36 -6.87
CA THR E 184 -17.38 22.26 -8.21
C THR E 184 -15.99 21.64 -8.14
N CYS E 185 -15.43 21.30 -9.30
CA CYS E 185 -14.11 20.71 -9.37
C CYS E 185 -13.31 21.31 -10.52
N GLY E 186 -12.02 21.54 -10.31
CA GLY E 186 -11.19 22.09 -11.36
C GLY E 186 -10.93 20.98 -12.37
N ASP E 187 -10.58 19.81 -11.84
CA ASP E 187 -10.31 18.64 -12.67
C ASP E 187 -10.86 17.43 -11.93
N VAL E 188 -10.70 16.25 -12.52
CA VAL E 188 -11.17 15.03 -11.88
C VAL E 188 -9.96 14.15 -11.62
N ASP E 189 -9.67 13.91 -10.35
CA ASP E 189 -8.53 13.09 -9.96
C ASP E 189 -8.96 11.68 -9.61
N VAL E 190 -8.62 10.72 -10.47
CA VAL E 190 -8.98 9.33 -10.25
C VAL E 190 -7.82 8.47 -9.75
N LEU E 191 -8.07 7.73 -8.68
CA LEU E 191 -7.06 6.86 -8.08
C LEU E 191 -7.44 5.42 -8.40
N ILE E 192 -6.60 4.74 -9.18
CA ILE E 192 -6.86 3.36 -9.56
C ILE E 192 -5.93 2.37 -8.86
N THR E 193 -6.50 1.24 -8.42
CA THR E 193 -5.74 0.21 -7.74
C THR E 193 -6.54 -1.08 -7.69
N HIS E 194 -5.84 -2.21 -7.63
CA HIS E 194 -6.53 -3.50 -7.56
C HIS E 194 -6.27 -4.17 -6.22
N PRO E 195 -7.35 -4.60 -5.54
CA PRO E 195 -7.27 -5.26 -4.23
C PRO E 195 -6.27 -6.41 -4.08
N ASP E 196 -6.11 -7.23 -5.11
CA ASP E 196 -5.17 -8.34 -5.00
C ASP E 196 -3.78 -7.85 -4.61
N GLY E 197 -3.18 -6.98 -5.42
CA GLY E 197 -1.87 -6.46 -5.10
C GLY E 197 -0.85 -6.49 -6.22
N ARG E 198 -1.27 -6.94 -7.40
CA ARG E 198 -0.36 -7.01 -8.53
C ARG E 198 -1.06 -6.73 -9.86
N SER E 199 -2.31 -7.16 -9.96
CA SER E 199 -3.10 -6.98 -11.18
C SER E 199 -3.23 -5.52 -11.65
N HIS E 200 -2.72 -4.58 -10.85
CA HIS E 200 -2.79 -3.17 -11.21
C HIS E 200 -1.67 -2.78 -12.18
N ARG E 201 -0.68 -3.65 -12.29
CA ARG E 201 0.47 -3.43 -13.14
C ARG E 201 0.12 -3.20 -14.62
N GLY E 202 0.89 -2.31 -15.24
CA GLY E 202 0.69 -2.00 -16.65
C GLY E 202 -0.72 -2.05 -17.19
N ILE E 203 -1.63 -1.29 -16.59
CA ILE E 203 -2.99 -1.25 -17.09
C ILE E 203 -3.23 0.03 -17.88
N PHE E 204 -2.24 0.92 -17.86
CA PHE E 204 -2.32 2.18 -18.58
C PHE E 204 -2.40 1.96 -20.09
N SER E 205 -1.49 1.15 -20.62
CA SER E 205 -1.46 0.84 -22.05
C SER E 205 -2.85 0.50 -22.54
N ARG E 206 -3.63 -0.16 -21.69
CA ARG E 206 -4.98 -0.57 -22.02
C ARG E 206 -5.97 0.57 -21.85
N LEU E 207 -6.10 1.02 -20.59
CA LEU E 207 -7.02 2.10 -20.24
C LEU E 207 -6.88 3.32 -21.17
N LEU E 208 -5.66 3.81 -21.34
CA LEU E 208 -5.41 4.97 -22.19
C LEU E 208 -5.75 4.70 -23.65
N ASP E 209 -6.16 3.47 -23.94
CA ASP E 209 -6.52 3.10 -25.31
C ASP E 209 -8.03 2.95 -25.40
N SER E 210 -8.63 2.38 -24.35
CA SER E 210 -10.07 2.19 -24.29
C SER E 210 -10.77 3.55 -24.31
N LEU E 211 -10.22 4.50 -23.56
CA LEU E 211 -10.80 5.84 -23.48
C LEU E 211 -10.54 6.61 -24.77
N ARG E 212 -9.51 6.21 -25.51
CA ARG E 212 -9.18 6.86 -26.77
C ARG E 212 -10.04 6.33 -27.89
N GLN E 213 -10.48 5.07 -27.76
CA GLN E 213 -11.32 4.45 -28.76
C GLN E 213 -12.63 5.21 -28.90
N GLU E 214 -13.35 5.33 -27.78
CA GLU E 214 -14.62 6.04 -27.78
C GLU E 214 -14.44 7.55 -27.95
N GLY E 215 -13.18 7.97 -27.99
CA GLY E 215 -12.88 9.39 -28.17
C GLY E 215 -13.10 10.23 -26.92
N PHE E 216 -13.02 9.60 -25.75
CA PHE E 216 -13.21 10.30 -24.49
C PHE E 216 -12.00 11.19 -24.21
N LEU E 217 -10.81 10.69 -24.53
CA LEU E 217 -9.59 11.45 -24.34
C LEU E 217 -9.28 12.26 -25.59
N THR E 218 -9.14 13.57 -25.42
CA THR E 218 -8.86 14.46 -26.54
C THR E 218 -7.37 14.73 -26.70
N ASP E 219 -6.70 15.05 -25.59
CA ASP E 219 -5.27 15.33 -25.62
C ASP E 219 -4.54 14.72 -24.44
N ASP E 220 -3.22 14.81 -24.46
CA ASP E 220 -2.39 14.28 -23.39
C ASP E 220 -1.37 15.34 -22.99
N LEU E 221 -1.17 15.52 -21.70
CA LEU E 221 -0.22 16.50 -21.19
C LEU E 221 1.04 15.83 -20.69
N VAL E 222 0.88 14.76 -19.92
CA VAL E 222 1.99 14.00 -19.38
C VAL E 222 1.65 12.52 -19.38
N SER E 223 2.49 11.71 -20.03
CA SER E 223 2.25 10.28 -20.10
C SER E 223 3.48 9.50 -20.59
N GLN E 224 4.03 8.67 -19.70
CA GLN E 224 5.20 7.85 -20.01
C GLN E 224 4.75 6.46 -20.43
N GLU E 225 4.76 6.19 -21.73
CA GLU E 225 4.33 4.89 -22.24
C GLU E 225 5.49 4.02 -22.72
N GLU E 226 6.63 4.65 -23.00
CA GLU E 226 7.81 3.91 -23.44
C GLU E 226 8.33 3.05 -22.30
N ASN E 227 8.00 3.45 -21.08
CA ASN E 227 8.42 2.75 -19.88
C ASN E 227 7.20 2.06 -19.26
N GLY E 228 7.39 0.83 -18.80
CA GLY E 228 6.29 0.08 -18.21
C GLY E 228 6.04 0.34 -16.73
N GLN E 229 6.59 1.43 -16.21
CA GLN E 229 6.42 1.76 -14.81
C GLN E 229 5.68 3.08 -14.63
N GLN E 230 4.93 3.49 -15.65
CA GLN E 230 4.17 4.74 -15.58
C GLN E 230 3.28 4.75 -14.36
N GLN E 231 3.27 5.87 -13.64
CA GLN E 231 2.46 6.00 -12.44
C GLN E 231 1.28 6.94 -12.63
N LYS E 232 1.56 8.14 -13.12
CA LYS E 232 0.50 9.12 -13.32
C LYS E 232 0.21 9.40 -14.79
N TYR E 233 -0.96 10.00 -15.05
CA TYR E 233 -1.40 10.36 -16.39
C TYR E 233 -2.12 11.70 -16.34
N LEU E 234 -1.68 12.63 -17.18
CA LEU E 234 -2.30 13.95 -17.24
C LEU E 234 -2.79 14.21 -18.65
N GLY E 235 -4.10 14.39 -18.80
CA GLY E 235 -4.65 14.63 -20.11
C GLY E 235 -5.90 15.48 -20.13
N VAL E 236 -6.52 15.60 -21.30
CA VAL E 236 -7.73 16.38 -21.47
C VAL E 236 -8.82 15.48 -22.06
N CYS E 237 -10.02 15.55 -21.50
CA CYS E 237 -11.14 14.75 -21.99
C CYS E 237 -12.40 15.59 -22.14
N ARG E 238 -13.39 15.04 -22.84
CA ARG E 238 -14.65 15.74 -23.05
C ARG E 238 -15.80 14.74 -23.13
N LEU E 239 -16.83 14.99 -22.34
CA LEU E 239 -18.00 14.11 -22.31
C LEU E 239 -18.87 14.25 -23.56
N PRO E 240 -19.69 13.24 -23.85
CA PRO E 240 -20.59 13.24 -25.01
C PRO E 240 -21.70 14.28 -24.85
N GLY E 241 -22.42 14.54 -25.94
CA GLY E 241 -23.50 15.51 -25.88
C GLY E 241 -23.13 16.91 -26.32
N PRO E 242 -24.13 17.78 -26.49
CA PRO E 242 -23.97 19.18 -26.91
C PRO E 242 -23.58 20.10 -25.75
N GLY E 243 -22.90 21.19 -26.08
CA GLY E 243 -22.50 22.15 -25.06
C GLY E 243 -21.53 21.62 -24.02
N ARG E 244 -20.58 20.80 -24.45
CA ARG E 244 -19.59 20.24 -23.54
C ARG E 244 -18.27 21.01 -23.64
N ARG E 245 -17.52 21.02 -22.54
CA ARG E 245 -16.23 21.71 -22.51
C ARG E 245 -15.17 20.68 -22.19
N HIS E 246 -13.93 20.96 -22.56
CA HIS E 246 -12.83 20.03 -22.30
C HIS E 246 -12.44 20.12 -20.83
N ARG E 247 -12.28 18.97 -20.19
CA ARG E 247 -11.92 18.92 -18.78
C ARG E 247 -10.56 18.28 -18.56
N ARG E 248 -9.84 18.77 -17.56
CA ARG E 248 -8.52 18.23 -17.23
C ARG E 248 -8.69 16.97 -16.39
N LEU E 249 -8.09 15.88 -16.86
CA LEU E 249 -8.17 14.61 -16.15
C LEU E 249 -6.81 14.19 -15.61
N ASP E 250 -6.83 13.58 -14.43
CA ASP E 250 -5.60 13.14 -13.76
C ASP E 250 -5.81 11.72 -13.21
N ILE E 251 -5.09 10.76 -13.77
CA ILE E 251 -5.22 9.37 -13.31
C ILE E 251 -3.89 8.81 -12.84
N ILE E 252 -3.93 8.11 -11.71
CA ILE E 252 -2.72 7.49 -11.15
C ILE E 252 -3.09 6.13 -10.59
N VAL E 253 -2.24 5.14 -10.86
CA VAL E 253 -2.47 3.78 -10.39
C VAL E 253 -1.45 3.44 -9.31
N VAL E 254 -1.90 2.80 -8.24
CA VAL E 254 -1.01 2.45 -7.15
C VAL E 254 -1.25 1.07 -6.57
N PRO E 255 -0.19 0.44 -6.05
CA PRO E 255 -0.26 -0.90 -5.45
C PRO E 255 -1.21 -0.86 -4.25
N TYR E 256 -2.02 -1.91 -4.08
CA TYR E 256 -2.97 -1.94 -2.98
C TYR E 256 -2.36 -1.68 -1.61
N SER E 257 -1.07 -1.94 -1.47
CA SER E 257 -0.38 -1.72 -0.20
C SER E 257 -0.09 -0.25 0.06
N GLU E 258 -0.32 0.58 -0.96
CA GLU E 258 -0.09 2.02 -0.86
C GLU E 258 -1.38 2.81 -1.01
N PHE E 259 -2.50 2.11 -1.02
CA PHE E 259 -3.80 2.75 -1.18
C PHE E 259 -4.06 3.84 -0.15
N ALA E 260 -3.85 3.52 1.13
CA ALA E 260 -4.07 4.49 2.21
C ALA E 260 -3.25 5.76 2.02
N CYS E 261 -1.95 5.61 1.81
CA CYS E 261 -1.08 6.77 1.64
C CYS E 261 -1.35 7.51 0.33
N ALA E 262 -1.72 6.77 -0.71
CA ALA E 262 -2.01 7.37 -2.01
C ALA E 262 -3.32 8.15 -1.91
N LEU E 263 -4.31 7.53 -1.29
CA LEU E 263 -5.61 8.14 -1.11
C LEU E 263 -5.46 9.46 -0.38
N LEU E 264 -4.87 9.41 0.81
CA LEU E 264 -4.63 10.60 1.63
C LEU E 264 -3.98 11.70 0.81
N TYR E 265 -2.98 11.34 0.03
CA TYR E 265 -2.27 12.27 -0.82
C TYR E 265 -3.15 12.91 -1.89
N PHE E 266 -3.83 12.07 -2.66
CA PHE E 266 -4.68 12.57 -3.74
C PHE E 266 -5.92 13.32 -3.24
N THR E 267 -6.31 13.07 -1.99
CA THR E 267 -7.46 13.73 -1.42
C THR E 267 -7.13 15.19 -1.13
N GLY E 268 -5.87 15.43 -0.78
CA GLY E 268 -5.44 16.79 -0.47
C GLY E 268 -6.08 17.34 0.78
N SER E 269 -6.18 18.67 0.87
CA SER E 269 -5.73 19.57 -0.19
C SER E 269 -4.21 19.66 -0.22
N ALA E 270 -3.67 20.42 -1.17
CA ALA E 270 -2.23 20.57 -1.30
C ALA E 270 -1.66 21.07 0.02
N ALA E 271 -2.21 22.19 0.51
CA ALA E 271 -1.76 22.79 1.76
C ALA E 271 -1.77 21.74 2.88
N PHE E 272 -2.88 21.03 2.99
CA PHE E 272 -3.05 20.00 4.00
C PHE E 272 -1.88 19.01 3.98
N ASN E 273 -1.51 18.55 2.79
CA ASN E 273 -0.41 17.60 2.66
C ASN E 273 0.91 18.22 3.07
N ALA E 274 1.37 19.21 2.31
CA ALA E 274 2.62 19.89 2.60
C ALA E 274 2.75 20.23 4.08
N SER E 275 1.63 20.48 4.72
CA SER E 275 1.62 20.82 6.15
C SER E 275 1.72 19.56 6.99
N MET E 276 0.88 18.58 6.71
CA MET E 276 0.89 17.33 7.47
C MET E 276 2.22 16.60 7.29
N ARG E 277 2.75 16.61 6.07
CA ARG E 277 4.02 15.96 5.79
C ARG E 277 5.10 16.63 6.62
N ALA E 278 5.09 17.96 6.64
CA ALA E 278 6.07 18.73 7.40
C ALA E 278 6.04 18.28 8.86
N LEU E 279 4.84 18.18 9.41
CA LEU E 279 4.69 17.75 10.80
C LEU E 279 5.32 16.38 10.99
N ALA E 280 5.08 15.49 10.03
CA ALA E 280 5.63 14.15 10.09
C ALA E 280 7.16 14.20 10.08
N LYS E 281 7.72 15.23 9.46
CA LYS E 281 9.16 15.37 9.40
C LYS E 281 9.75 15.63 10.78
N THR E 282 9.10 16.49 11.56
CA THR E 282 9.56 16.81 12.91
C THR E 282 9.44 15.58 13.79
N LYS E 283 8.39 14.79 13.56
CA LYS E 283 8.17 13.58 14.34
C LYS E 283 9.27 12.57 14.02
N GLY E 284 10.18 12.96 13.13
CA GLY E 284 11.28 12.10 12.75
C GLY E 284 10.89 11.10 11.68
N MET E 285 9.65 11.17 11.21
CA MET E 285 9.16 10.26 10.20
C MET E 285 9.13 10.92 8.82
N SER E 286 8.51 10.24 7.86
CA SER E 286 8.39 10.76 6.50
C SER E 286 7.09 10.28 5.88
N LEU E 287 6.42 11.17 5.15
CA LEU E 287 5.14 10.83 4.53
C LEU E 287 5.08 11.21 3.06
N SER E 288 4.69 10.26 2.22
CA SER E 288 4.56 10.50 0.79
C SER E 288 3.38 9.68 0.27
N GLU E 289 3.06 9.81 -1.01
CA GLU E 289 1.94 9.09 -1.57
C GLU E 289 2.22 7.59 -1.60
N HIS E 290 3.45 7.21 -1.23
CA HIS E 290 3.86 5.82 -1.22
C HIS E 290 3.64 5.14 0.12
N ALA E 291 4.14 5.76 1.19
CA ALA E 291 3.99 5.19 2.52
C ALA E 291 4.53 6.10 3.62
N LEU E 292 4.30 5.68 4.87
CA LEU E 292 4.77 6.43 6.03
C LEU E 292 6.02 5.76 6.59
N SER E 293 7.18 6.35 6.30
CA SER E 293 8.44 5.81 6.78
C SER E 293 8.75 6.33 8.17
N THR E 294 9.65 5.64 8.87
CA THR E 294 10.03 6.03 10.22
C THR E 294 11.53 6.31 10.29
N ALA E 295 11.98 6.72 11.48
CA ALA E 295 13.38 7.03 11.74
C ALA E 295 14.21 7.19 10.47
N VAL E 296 14.20 8.39 9.92
CA VAL E 296 14.96 8.67 8.70
C VAL E 296 16.35 9.20 9.06
N VAL E 297 17.28 9.08 8.12
CA VAL E 297 18.65 9.54 8.35
C VAL E 297 18.87 11.00 7.94
N ARG E 298 18.53 11.92 8.84
CA ARG E 298 18.70 13.34 8.60
C ARG E 298 19.96 13.83 9.30
N ASN E 299 20.71 14.73 8.66
CA ASN E 299 21.94 15.25 9.25
C ASN E 299 21.82 16.72 9.63
N THR E 300 22.97 17.37 9.80
CA THR E 300 23.03 18.78 10.18
C THR E 300 22.18 19.65 9.25
N HIS E 301 22.44 19.56 7.94
CA HIS E 301 21.71 20.32 6.95
C HIS E 301 20.26 19.84 6.83
N GLY E 302 19.93 18.81 7.62
CA GLY E 302 18.59 18.26 7.59
C GLY E 302 18.30 17.49 6.32
N ALA E 303 19.34 16.95 5.70
CA ALA E 303 19.20 16.20 4.46
C ALA E 303 18.49 14.87 4.68
N LYS E 304 18.95 13.84 3.99
CA LYS E 304 18.35 12.50 4.09
C LYS E 304 19.22 11.52 3.31
N VAL E 305 20.05 10.76 4.04
CA VAL E 305 20.95 9.79 3.41
C VAL E 305 20.49 8.34 3.55
N GLY E 306 19.60 8.09 4.51
CA GLY E 306 19.11 6.74 4.71
C GLY E 306 17.60 6.65 4.71
N PRO E 307 17.03 5.55 4.18
CA PRO E 307 15.57 5.38 4.13
C PRO E 307 14.95 5.28 5.52
N GLY E 308 14.12 4.27 5.71
CA GLY E 308 13.47 4.07 6.98
C GLY E 308 12.63 2.81 6.97
N ARG E 309 11.91 2.59 8.07
CA ARG E 309 11.07 1.41 8.19
C ARG E 309 9.62 1.79 7.93
N VAL E 310 9.06 1.29 6.83
CA VAL E 310 7.68 1.59 6.48
C VAL E 310 6.73 1.03 7.53
N LEU E 311 5.80 1.87 7.97
CA LEU E 311 4.83 1.46 8.98
C LEU E 311 3.55 0.99 8.32
N PRO E 312 2.88 -0.01 8.93
CA PRO E 312 1.64 -0.55 8.38
C PRO E 312 0.48 0.46 8.44
N THR E 313 0.05 0.93 7.28
CA THR E 313 -1.05 1.89 7.21
C THR E 313 -2.19 1.36 6.35
N PRO E 314 -2.96 0.39 6.87
CA PRO E 314 -4.09 -0.20 6.16
C PRO E 314 -5.12 0.82 5.70
N THR E 315 -5.52 1.71 6.60
CA THR E 315 -6.50 2.74 6.29
C THR E 315 -5.93 4.12 6.57
N GLU E 316 -6.71 5.16 6.26
CA GLU E 316 -6.26 6.52 6.49
C GLU E 316 -6.14 6.84 7.97
N LYS E 317 -7.15 6.44 8.75
CA LYS E 317 -7.15 6.69 10.19
C LYS E 317 -5.83 6.29 10.83
N ASP E 318 -5.16 5.30 10.24
CA ASP E 318 -3.89 4.84 10.76
C ASP E 318 -2.81 5.91 10.63
N VAL E 319 -2.64 6.44 9.42
CA VAL E 319 -1.64 7.48 9.18
C VAL E 319 -1.76 8.57 10.25
N PHE E 320 -2.98 9.00 10.52
CA PHE E 320 -3.21 10.03 11.53
C PHE E 320 -2.75 9.53 12.88
N ARG E 321 -3.28 8.39 13.30
CA ARG E 321 -2.94 7.80 14.59
C ARG E 321 -1.42 7.69 14.77
N LEU E 322 -0.76 7.07 13.80
CA LEU E 322 0.70 6.89 13.86
C LEU E 322 1.45 8.21 13.81
N LEU E 323 0.71 9.31 13.79
CA LEU E 323 1.31 10.64 13.76
C LEU E 323 0.84 11.45 14.97
N GLY E 324 0.02 10.81 15.81
CA GLY E 324 -0.49 11.47 16.99
C GLY E 324 -1.47 12.58 16.62
N LEU E 325 -2.20 12.37 15.54
CA LEU E 325 -3.18 13.34 15.06
C LEU E 325 -4.57 12.74 14.98
N PRO E 326 -5.61 13.54 15.25
CA PRO E 326 -6.99 13.07 15.20
C PRO E 326 -7.46 12.98 13.74
N TYR E 327 -8.40 12.09 13.47
CA TYR E 327 -8.91 11.90 12.11
C TYR E 327 -9.76 13.07 11.64
N ARG E 328 -9.33 13.71 10.55
CA ARG E 328 -10.07 14.83 9.97
C ARG E 328 -10.78 14.34 8.72
N GLU E 329 -12.11 14.44 8.71
CA GLU E 329 -12.88 14.01 7.54
C GLU E 329 -12.37 14.75 6.32
N PRO E 330 -12.31 14.08 5.16
CA PRO E 330 -11.82 14.70 3.93
C PRO E 330 -12.34 16.13 3.73
N ALA E 331 -13.53 16.39 4.26
CA ALA E 331 -14.17 17.70 4.14
C ALA E 331 -13.36 18.82 4.79
N GLU E 332 -12.87 18.57 5.99
CA GLU E 332 -12.12 19.58 6.70
C GLU E 332 -10.61 19.43 6.45
N ARG E 333 -10.25 19.16 5.21
CA ARG E 333 -8.85 19.00 4.84
C ARG E 333 -8.46 20.01 3.79
N ASP E 334 -9.12 21.17 3.80
CA ASP E 334 -8.82 22.20 2.83
C ASP E 334 -7.62 22.98 3.33
N TRP E 335 -7.31 22.89 4.62
CA TRP E 335 -6.16 23.61 5.14
C TRP E 335 -5.87 23.24 6.58
N ALA I 9 55.75 0.40 -28.35
CA ALA I 9 54.98 0.80 -27.15
C ALA I 9 55.15 -0.18 -26.00
N THR I 10 56.17 -1.03 -26.07
CA THR I 10 56.41 -2.00 -25.01
C THR I 10 56.76 -1.33 -23.69
N ASN I 11 56.63 -2.08 -22.60
CA ASN I 11 56.92 -1.57 -21.26
C ASN I 11 58.43 -1.47 -21.05
N HIS I 12 58.96 -0.24 -21.12
CA HIS I 12 60.39 0.00 -20.94
C HIS I 12 60.86 -0.23 -19.52
N ASN I 13 59.93 -0.64 -18.64
CA ASN I 13 60.27 -0.87 -17.25
C ASN I 13 59.78 -2.22 -16.74
N LEU I 14 59.79 -3.23 -17.60
CA LEU I 14 59.34 -4.57 -17.22
C LEU I 14 60.05 -5.08 -15.98
N HIS I 15 61.36 -4.85 -15.90
CA HIS I 15 62.15 -5.29 -14.76
C HIS I 15 61.70 -4.65 -13.45
N ILE I 16 61.04 -3.49 -13.56
CA ILE I 16 60.56 -2.77 -12.38
C ILE I 16 59.10 -3.10 -12.09
N THR I 17 58.22 -2.84 -13.06
CA THR I 17 56.80 -3.11 -12.91
C THR I 17 56.57 -4.54 -12.44
N GLU I 18 57.32 -5.48 -13.01
CA GLU I 18 57.20 -6.89 -12.65
C GLU I 18 57.34 -7.10 -11.15
N LYS I 19 58.33 -6.45 -10.55
CA LYS I 19 58.57 -6.57 -9.11
C LYS I 19 57.44 -5.97 -8.28
N LEU I 20 57.09 -4.73 -8.57
CA LEU I 20 56.03 -4.03 -7.84
C LEU I 20 54.73 -4.83 -7.77
N GLU I 21 54.20 -5.19 -8.94
CA GLU I 21 52.95 -5.94 -9.02
C GLU I 21 52.80 -7.02 -7.95
N VAL I 22 53.89 -7.66 -7.57
CA VAL I 22 53.83 -8.69 -6.54
C VAL I 22 53.22 -8.12 -5.27
N LEU I 23 53.75 -6.97 -4.84
CA LEU I 23 53.24 -6.31 -3.65
C LEU I 23 51.77 -5.98 -3.89
N ALA I 24 51.49 -5.41 -5.07
CA ALA I 24 50.13 -5.06 -5.43
C ALA I 24 49.23 -6.24 -5.14
N LYS I 25 49.43 -7.33 -5.88
CA LYS I 25 48.63 -8.53 -5.71
C LYS I 25 48.70 -9.02 -4.26
N ALA I 26 49.78 -8.70 -3.58
CA ALA I 26 49.94 -9.11 -2.19
C ALA I 26 49.03 -8.27 -1.30
N TYR I 27 49.20 -6.95 -1.34
CA TYR I 27 48.37 -6.06 -0.56
C TYR I 27 46.90 -6.30 -0.90
N SER I 28 46.64 -6.43 -2.19
CA SER I 28 45.29 -6.65 -2.69
C SER I 28 44.58 -7.79 -1.98
N VAL I 29 45.07 -9.00 -2.17
CA VAL I 29 44.46 -10.18 -1.55
C VAL I 29 44.40 -10.11 -0.02
N GLN I 30 45.15 -9.18 0.56
CA GLN I 30 45.17 -9.06 2.01
C GLN I 30 44.06 -8.15 2.56
N GLY I 31 43.57 -7.22 1.73
CA GLY I 31 42.52 -6.34 2.18
C GLY I 31 42.70 -4.88 1.84
N ASP I 32 43.95 -4.44 1.77
CA ASP I 32 44.24 -3.04 1.45
C ASP I 32 43.92 -2.79 -0.02
N LYS I 33 42.64 -2.67 -0.33
CA LYS I 33 42.19 -2.44 -1.70
C LYS I 33 42.75 -1.17 -2.32
N TRP I 34 42.73 -0.09 -1.55
CA TRP I 34 43.21 1.20 -2.04
C TRP I 34 44.73 1.34 -2.15
N ARG I 35 45.47 0.61 -1.31
CA ARG I 35 46.92 0.68 -1.39
C ARG I 35 47.32 -0.02 -2.68
N ALA I 36 46.64 -1.14 -2.97
CA ALA I 36 46.90 -1.91 -4.17
C ALA I 36 46.54 -1.05 -5.38
N ALA I 37 45.41 -0.35 -5.26
CA ALA I 37 44.94 0.53 -6.33
C ALA I 37 46.01 1.59 -6.59
N GLY I 38 46.69 2.01 -5.52
CA GLY I 38 47.73 3.00 -5.65
C GLY I 38 48.84 2.46 -6.54
N TYR I 39 49.46 1.37 -6.12
CA TYR I 39 50.53 0.76 -6.89
C TYR I 39 50.06 0.55 -8.33
N ALA I 40 48.88 -0.05 -8.46
CA ALA I 40 48.30 -0.32 -9.78
C ALA I 40 48.40 0.91 -10.67
N LYS I 41 47.87 2.03 -10.20
CA LYS I 41 47.91 3.27 -10.96
C LYS I 41 49.35 3.61 -11.32
N ALA I 42 50.26 3.38 -10.36
CA ALA I 42 51.68 3.67 -10.56
C ALA I 42 52.27 2.74 -11.61
N ILE I 43 52.08 1.43 -11.41
CA ILE I 43 52.59 0.42 -12.34
C ILE I 43 52.15 0.72 -13.77
N ASN I 44 50.96 1.32 -13.91
CA ASN I 44 50.43 1.67 -15.21
C ASN I 44 51.10 2.94 -15.73
N ALA I 45 51.30 3.90 -14.83
CA ALA I 45 51.93 5.15 -15.19
C ALA I 45 53.34 4.86 -15.67
N LEU I 46 53.99 3.88 -15.04
CA LEU I 46 55.33 3.48 -15.41
C LEU I 46 55.36 2.95 -16.83
N LYS I 47 54.51 1.95 -17.09
CA LYS I 47 54.42 1.34 -18.42
C LYS I 47 54.32 2.39 -19.52
N SER I 48 53.35 3.30 -19.38
CA SER I 48 53.11 4.33 -20.37
C SER I 48 54.24 5.36 -20.51
N PHE I 49 55.26 5.27 -19.66
CA PHE I 49 56.37 6.22 -19.73
C PHE I 49 57.09 6.08 -21.07
N HIS I 50 57.63 7.18 -21.57
CA HIS I 50 58.34 7.18 -22.86
C HIS I 50 59.77 6.68 -22.79
N LYS I 51 60.19 6.17 -21.63
CA LYS I 51 61.55 5.67 -21.47
C LYS I 51 61.70 4.95 -20.14
N PRO I 52 62.87 4.31 -19.91
CA PRO I 52 63.08 3.60 -18.66
C PRO I 52 63.57 4.54 -17.55
N VAL I 53 62.98 4.42 -16.36
CA VAL I 53 63.35 5.25 -15.22
C VAL I 53 64.82 5.03 -14.86
N THR I 54 65.54 6.13 -14.65
CA THR I 54 66.96 6.04 -14.32
C THR I 54 67.26 6.49 -12.90
N SER I 55 66.76 7.67 -12.52
CA SER I 55 67.00 8.21 -11.19
C SER I 55 65.75 8.33 -10.31
N TYR I 56 65.99 8.50 -9.01
CA TYR I 56 64.91 8.66 -8.04
C TYR I 56 64.09 9.89 -8.40
N GLN I 57 64.78 11.02 -8.49
CA GLN I 57 64.16 12.29 -8.83
C GLN I 57 63.25 12.15 -10.05
N GLU I 58 63.77 11.54 -11.11
CA GLU I 58 63.00 11.36 -12.33
C GLU I 58 61.71 10.60 -12.04
N ALA I 59 61.79 9.57 -11.20
CA ALA I 59 60.62 8.78 -10.84
C ALA I 59 59.53 9.65 -10.23
N CYS I 60 59.95 10.75 -9.61
CA CYS I 60 59.00 11.67 -8.99
C CYS I 60 58.35 12.63 -9.99
N SER I 61 58.89 12.69 -11.19
CA SER I 61 58.35 13.56 -12.22
C SER I 61 57.15 12.90 -12.90
N ILE I 62 56.99 11.60 -12.67
CA ILE I 62 55.90 10.83 -13.25
C ILE I 62 54.68 10.85 -12.33
N PRO I 63 53.60 11.51 -12.75
CA PRO I 63 52.38 11.58 -11.95
C PRO I 63 51.85 10.19 -11.59
N GLY I 64 51.57 9.98 -10.32
CA GLY I 64 51.08 8.69 -9.87
C GLY I 64 52.15 8.00 -9.05
N ILE I 65 53.32 8.64 -8.98
CA ILE I 65 54.45 8.12 -8.22
C ILE I 65 54.93 9.15 -7.20
N GLY I 66 55.08 8.72 -5.94
CA GLY I 66 55.51 9.64 -4.89
C GLY I 66 56.74 9.15 -4.14
N LYS I 67 57.18 9.92 -3.15
CA LYS I 67 58.35 9.57 -2.35
C LYS I 67 58.46 8.09 -1.99
N ARG I 68 57.35 7.49 -1.58
CA ARG I 68 57.34 6.09 -1.18
C ARG I 68 57.44 5.10 -2.33
N MET I 69 56.89 5.48 -3.49
CA MET I 69 56.93 4.62 -4.66
C MET I 69 58.30 4.76 -5.32
N ALA I 70 58.79 5.99 -5.36
CA ALA I 70 60.08 6.31 -5.94
C ALA I 70 61.19 5.61 -5.16
N GLU I 71 61.08 5.62 -3.83
CA GLU I 71 62.08 4.99 -2.98
C GLU I 71 62.22 3.51 -3.31
N LYS I 72 61.11 2.87 -3.67
CA LYS I 72 61.11 1.45 -4.01
C LYS I 72 61.58 1.22 -5.44
N ILE I 73 61.55 2.26 -6.25
CA ILE I 73 61.98 2.16 -7.64
C ILE I 73 63.52 2.13 -7.70
N ILE I 74 64.15 2.92 -6.85
CA ILE I 74 65.60 3.00 -6.80
C ILE I 74 66.19 1.74 -6.16
N GLU I 75 65.51 1.20 -5.15
CA GLU I 75 65.98 0.01 -4.48
C GLU I 75 66.09 -1.12 -5.51
N ILE I 76 65.31 -0.99 -6.59
CA ILE I 76 65.32 -1.98 -7.66
C ILE I 76 66.36 -1.60 -8.70
N LEU I 77 66.40 -0.32 -9.08
CA LEU I 77 67.37 0.12 -10.08
C LEU I 77 68.81 -0.09 -9.61
N GLU I 78 69.05 0.13 -8.32
CA GLU I 78 70.38 -0.05 -7.76
C GLU I 78 70.63 -1.48 -7.29
N SER I 79 70.10 -1.80 -6.10
CA SER I 79 70.27 -3.13 -5.54
C SER I 79 69.60 -4.23 -6.35
N GLY I 80 69.02 -3.84 -7.48
CA GLY I 80 68.35 -4.82 -8.34
C GLY I 80 67.48 -5.77 -7.53
N HIS I 81 66.83 -5.24 -6.51
CA HIS I 81 65.99 -6.06 -5.65
C HIS I 81 64.92 -5.21 -4.98
N LEU I 82 64.25 -5.79 -3.99
CA LEU I 82 63.20 -5.12 -3.23
C LEU I 82 62.91 -5.95 -1.99
N ARG I 83 63.81 -5.85 -1.01
CA ARG I 83 63.71 -6.59 0.24
C ARG I 83 62.28 -6.76 0.76
N LYS I 84 61.44 -5.76 0.51
CA LYS I 84 60.05 -5.82 0.98
C LYS I 84 59.35 -7.08 0.49
N LEU I 85 59.72 -7.55 -0.70
CA LEU I 85 59.12 -8.74 -1.27
C LEU I 85 59.52 -10.00 -0.50
N ASP I 86 60.59 -9.89 0.29
CA ASP I 86 61.08 -11.03 1.08
C ASP I 86 60.49 -11.03 2.49
N HIS I 87 59.80 -9.97 2.84
CA HIS I 87 59.20 -9.84 4.16
C HIS I 87 57.67 -9.93 4.07
N ILE I 88 57.18 -10.36 2.91
CA ILE I 88 55.74 -10.50 2.68
C ILE I 88 55.21 -11.67 3.51
N SER I 89 54.00 -11.53 4.03
CA SER I 89 53.41 -12.60 4.83
C SER I 89 53.40 -13.90 4.05
N GLU I 90 53.30 -15.01 4.76
CA GLU I 90 53.29 -16.32 4.13
C GLU I 90 51.88 -16.71 3.69
N SER I 91 50.90 -15.93 4.12
CA SER I 91 49.51 -16.19 3.77
C SER I 91 49.16 -15.85 2.33
N VAL I 92 49.80 -14.84 1.78
CA VAL I 92 49.55 -14.41 0.41
C VAL I 92 49.19 -15.54 -0.55
N PRO I 93 50.05 -16.56 -0.68
CA PRO I 93 49.74 -17.67 -1.59
C PRO I 93 48.38 -18.30 -1.31
N VAL I 94 48.16 -18.70 -0.06
CA VAL I 94 46.89 -19.31 0.32
C VAL I 94 45.72 -18.36 0.05
N LEU I 95 45.88 -17.10 0.48
CA LEU I 95 44.84 -16.10 0.28
C LEU I 95 44.54 -15.86 -1.20
N GLU I 96 45.59 -15.74 -2.00
CA GLU I 96 45.41 -15.52 -3.42
C GLU I 96 44.77 -16.74 -4.07
N LEU I 97 45.22 -17.92 -3.67
CA LEU I 97 44.68 -19.16 -4.21
C LEU I 97 43.17 -19.16 -4.02
N PHE I 98 42.74 -18.76 -2.82
CA PHE I 98 41.33 -18.71 -2.48
C PHE I 98 40.61 -17.57 -3.19
N SER I 99 41.27 -16.41 -3.25
CA SER I 99 40.69 -15.24 -3.89
C SER I 99 40.38 -15.53 -5.36
N ASN I 100 41.18 -16.40 -5.97
CA ASN I 100 40.98 -16.73 -7.38
C ASN I 100 39.67 -17.47 -7.65
N ILE I 101 38.94 -17.77 -6.57
CA ILE I 101 37.65 -18.45 -6.70
C ILE I 101 36.62 -17.39 -7.02
N TRP I 102 35.81 -17.61 -8.05
CA TRP I 102 34.80 -16.62 -8.41
C TRP I 102 33.75 -16.57 -7.32
N GLY I 103 33.63 -15.41 -6.68
CA GLY I 103 32.67 -15.26 -5.60
C GLY I 103 33.35 -15.24 -4.25
N ALA I 104 34.68 -15.33 -4.27
CA ALA I 104 35.47 -15.32 -3.05
C ALA I 104 36.44 -14.14 -3.06
N GLY I 105 36.38 -13.33 -2.00
CA GLY I 105 37.26 -12.17 -1.92
C GLY I 105 38.15 -12.18 -0.69
N THR I 106 38.81 -11.06 -0.45
CA THR I 106 39.72 -10.92 0.69
C THR I 106 39.14 -11.49 1.97
N LYS I 107 37.94 -11.05 2.32
CA LYS I 107 37.28 -11.51 3.54
C LYS I 107 37.10 -13.02 3.57
N THR I 108 36.33 -13.55 2.63
CA THR I 108 36.08 -14.99 2.56
C THR I 108 37.37 -15.80 2.57
N ALA I 109 38.44 -15.21 2.02
CA ALA I 109 39.73 -15.87 1.99
C ALA I 109 40.30 -15.96 3.40
N GLN I 110 40.35 -14.83 4.08
CA GLN I 110 40.87 -14.77 5.44
C GLN I 110 40.09 -15.69 6.37
N MET I 111 38.78 -15.75 6.16
CA MET I 111 37.92 -16.59 7.00
C MET I 111 38.36 -18.05 6.96
N TRP I 112 38.59 -18.57 5.75
CA TRP I 112 39.02 -19.96 5.61
C TRP I 112 40.41 -20.17 6.20
N TYR I 113 41.32 -19.27 5.89
CA TYR I 113 42.69 -19.37 6.38
C TYR I 113 42.71 -19.47 7.90
N GLN I 114 41.96 -18.58 8.55
CA GLN I 114 41.87 -18.55 10.01
C GLN I 114 41.22 -19.84 10.53
N GLN I 115 40.87 -20.73 9.60
CA GLN I 115 40.25 -22.00 9.97
C GLN I 115 41.14 -23.18 9.63
N GLY I 116 42.40 -22.89 9.30
CA GLY I 116 43.35 -23.94 8.98
C GLY I 116 43.44 -24.26 7.49
N PHE I 117 42.30 -24.22 6.80
CA PHE I 117 42.27 -24.51 5.37
C PHE I 117 43.42 -23.84 4.62
N ARG I 118 44.24 -24.67 3.96
CA ARG I 118 45.39 -24.16 3.21
C ARG I 118 45.37 -24.61 1.76
N SER I 119 44.45 -25.50 1.41
CA SER I 119 44.35 -26.00 0.04
C SER I 119 42.94 -25.98 -0.51
N LEU I 120 42.84 -25.91 -1.85
CA LEU I 120 41.55 -25.88 -2.53
C LEU I 120 40.78 -27.16 -2.23
N GLU I 121 41.48 -28.17 -1.72
CA GLU I 121 40.85 -29.44 -1.39
C GLU I 121 40.13 -29.36 -0.05
N ASP I 122 40.70 -28.59 0.88
CA ASP I 122 40.09 -28.42 2.19
C ASP I 122 38.75 -27.73 1.98
N ILE I 123 38.73 -26.83 1.01
CA ILE I 123 37.53 -26.08 0.68
C ILE I 123 36.47 -27.00 0.11
N ARG I 124 36.87 -27.80 -0.87
CA ARG I 124 35.97 -28.75 -1.52
C ARG I 124 35.32 -29.66 -0.48
N SER I 125 36.03 -29.87 0.63
CA SER I 125 35.55 -30.74 1.68
C SER I 125 34.80 -30.06 2.83
N GLN I 126 35.53 -29.79 3.91
CA GLN I 126 34.98 -29.20 5.12
C GLN I 126 34.81 -27.68 5.12
N ALA I 127 34.69 -27.07 3.94
CA ALA I 127 34.51 -25.62 3.87
C ALA I 127 33.11 -25.24 3.42
N SER I 128 32.60 -24.15 3.97
CA SER I 128 31.27 -23.66 3.63
C SER I 128 31.38 -22.66 2.47
N LEU I 129 30.61 -22.92 1.42
CA LEU I 129 30.64 -22.06 0.24
C LEU I 129 29.27 -21.51 -0.14
N THR I 130 29.27 -20.41 -0.89
CA THR I 130 28.04 -19.77 -1.35
C THR I 130 27.79 -20.25 -2.79
N THR I 131 26.52 -20.40 -3.16
CA THR I 131 26.16 -20.86 -4.50
C THR I 131 27.16 -20.41 -5.57
N GLN I 132 27.58 -19.15 -5.50
CA GLN I 132 28.53 -18.63 -6.48
C GLN I 132 29.90 -19.28 -6.31
N GLN I 133 30.49 -19.14 -5.13
CA GLN I 133 31.80 -19.70 -4.85
C GLN I 133 31.84 -21.19 -5.19
N ALA I 134 30.74 -21.88 -4.92
CA ALA I 134 30.66 -23.31 -5.22
C ALA I 134 30.96 -23.52 -6.70
N ILE I 135 30.38 -22.68 -7.54
CA ILE I 135 30.59 -22.77 -8.98
C ILE I 135 32.01 -22.33 -9.32
N GLY I 136 32.43 -21.20 -8.77
CA GLY I 136 33.76 -20.69 -9.03
C GLY I 136 34.85 -21.71 -8.73
N LEU I 137 34.59 -22.59 -7.77
CA LEU I 137 35.54 -23.63 -7.39
C LEU I 137 35.42 -24.82 -8.33
N LYS I 138 34.18 -25.17 -8.68
CA LYS I 138 33.92 -26.29 -9.56
C LYS I 138 34.64 -26.14 -10.90
N HIS I 139 34.92 -24.89 -11.28
CA HIS I 139 35.61 -24.62 -12.55
C HIS I 139 36.88 -23.81 -12.34
N TYR I 140 37.48 -23.95 -11.17
CA TYR I 140 38.71 -23.22 -10.84
C TYR I 140 39.69 -23.16 -12.00
N SER I 141 40.09 -24.32 -12.50
CA SER I 141 41.04 -24.42 -13.61
C SER I 141 40.57 -23.74 -14.88
N ASP I 142 39.32 -24.02 -15.27
CA ASP I 142 38.75 -23.43 -16.48
C ASP I 142 38.71 -21.90 -16.45
N PHE I 143 38.14 -21.34 -15.39
CA PHE I 143 38.04 -19.89 -15.26
C PHE I 143 39.39 -19.17 -15.22
N LEU I 144 40.42 -19.86 -14.74
CA LEU I 144 41.75 -19.26 -14.65
C LEU I 144 42.50 -19.26 -15.98
N GLU I 145 41.99 -19.99 -16.96
CA GLU I 145 42.62 -20.05 -18.27
C GLU I 145 41.92 -19.11 -19.24
N ARG I 146 42.65 -18.14 -19.76
CA ARG I 146 42.09 -17.17 -20.70
C ARG I 146 41.91 -17.82 -22.07
N MET I 147 40.82 -17.46 -22.74
CA MET I 147 40.51 -18.02 -24.06
C MET I 147 41.06 -17.10 -25.16
N PRO I 148 41.20 -17.64 -26.38
CA PRO I 148 41.72 -16.88 -27.53
C PRO I 148 40.61 -16.07 -28.20
N ARG I 149 40.98 -14.94 -28.81
CA ARG I 149 40.01 -14.11 -29.49
C ARG I 149 39.07 -15.03 -30.27
N GLU I 150 39.67 -15.87 -31.11
CA GLU I 150 38.95 -16.83 -31.95
C GLU I 150 37.79 -17.49 -31.22
N GLU I 151 38.09 -18.14 -30.09
CA GLU I 151 37.07 -18.82 -29.31
C GLU I 151 36.00 -17.84 -28.83
N ALA I 152 36.44 -16.67 -28.39
CA ALA I 152 35.53 -15.64 -27.90
C ALA I 152 34.52 -15.31 -29.01
N THR I 153 35.03 -15.16 -30.23
CA THR I 153 34.18 -14.85 -31.37
C THR I 153 33.06 -15.87 -31.51
N GLU I 154 33.38 -17.15 -31.36
CA GLU I 154 32.39 -18.20 -31.47
C GLU I 154 31.27 -17.95 -30.46
N ILE I 155 31.64 -17.92 -29.18
CA ILE I 155 30.69 -17.70 -28.11
C ILE I 155 29.82 -16.48 -28.42
N GLU I 156 30.43 -15.46 -29.01
CA GLU I 156 29.71 -14.25 -29.36
C GLU I 156 28.74 -14.58 -30.49
N GLN I 157 29.22 -15.36 -31.46
CA GLN I 157 28.39 -15.76 -32.59
C GLN I 157 27.21 -16.61 -32.12
N THR I 158 27.42 -17.36 -31.05
CA THR I 158 26.38 -18.21 -30.50
C THR I 158 25.24 -17.38 -29.94
N VAL I 159 25.58 -16.48 -29.02
CA VAL I 159 24.60 -15.60 -28.39
C VAL I 159 23.85 -14.75 -29.41
N GLN I 160 24.59 -14.17 -30.36
CA GLN I 160 24.00 -13.33 -31.38
C GLN I 160 22.93 -14.06 -32.18
N LYS I 161 23.26 -15.25 -32.69
CA LYS I 161 22.31 -16.04 -33.46
C LYS I 161 21.05 -16.27 -32.64
N ALA I 162 21.23 -16.87 -31.46
CA ALA I 162 20.11 -17.16 -30.57
C ALA I 162 19.25 -15.93 -30.34
N ALA I 163 19.89 -14.77 -30.27
CA ALA I 163 19.19 -13.52 -30.03
C ALA I 163 18.45 -13.05 -31.29
N GLN I 164 19.14 -13.08 -32.42
CA GLN I 164 18.56 -12.64 -33.69
C GLN I 164 17.46 -13.57 -34.19
N ALA I 165 17.29 -14.70 -33.50
CA ALA I 165 16.25 -15.65 -33.87
C ALA I 165 14.92 -15.17 -33.31
N PHE I 166 15.00 -14.16 -32.44
CA PHE I 166 13.82 -13.57 -31.81
C PHE I 166 13.57 -12.20 -32.44
N ASN I 167 14.58 -11.69 -33.13
CA ASN I 167 14.50 -10.40 -33.79
C ASN I 167 15.82 -10.11 -34.50
N SER I 168 15.81 -10.25 -35.83
CA SER I 168 17.00 -10.02 -36.64
C SER I 168 17.50 -8.58 -36.60
N GLY I 169 16.70 -7.70 -36.02
CA GLY I 169 17.10 -6.30 -35.93
C GLY I 169 17.97 -6.00 -34.74
N LEU I 170 18.21 -7.02 -33.91
CA LEU I 170 19.03 -6.85 -32.73
C LEU I 170 20.51 -6.66 -33.05
N LEU I 171 21.16 -5.79 -32.29
CA LEU I 171 22.57 -5.51 -32.46
C LEU I 171 23.33 -6.17 -31.31
N CYS I 172 24.38 -6.92 -31.65
CA CYS I 172 25.18 -7.61 -30.64
C CYS I 172 26.67 -7.39 -30.86
N VAL I 173 27.30 -6.71 -29.92
CA VAL I 173 28.72 -6.43 -30.01
C VAL I 173 29.45 -6.95 -28.77
N ALA I 174 30.51 -7.72 -28.98
CA ALA I 174 31.29 -8.25 -27.88
C ALA I 174 32.21 -7.13 -27.42
N CYS I 175 32.15 -6.80 -26.14
CA CYS I 175 32.96 -5.72 -25.61
C CYS I 175 34.11 -6.24 -24.75
N GLY I 176 34.54 -5.41 -23.80
CA GLY I 176 35.61 -5.81 -22.91
C GLY I 176 36.93 -6.02 -23.64
N SER I 177 37.83 -6.78 -23.02
CA SER I 177 39.14 -7.07 -23.59
C SER I 177 39.04 -7.41 -25.08
N TYR I 178 37.95 -8.06 -25.46
CA TYR I 178 37.73 -8.45 -26.85
C TYR I 178 37.76 -7.22 -27.75
N ARG I 179 36.75 -6.37 -27.61
CA ARG I 179 36.64 -5.16 -28.41
C ARG I 179 37.91 -4.32 -28.34
N ARG I 180 38.69 -4.52 -27.28
CA ARG I 180 39.93 -3.77 -27.11
C ARG I 180 41.04 -4.35 -27.98
N GLY I 181 40.71 -5.40 -28.73
CA GLY I 181 41.67 -6.02 -29.62
C GLY I 181 42.57 -7.07 -29.00
N LYS I 182 42.59 -7.15 -27.67
CA LYS I 182 43.43 -8.11 -26.97
C LYS I 182 43.43 -9.48 -27.64
N ALA I 183 44.56 -10.19 -27.53
CA ALA I 183 44.70 -11.51 -28.13
C ALA I 183 43.92 -12.58 -27.37
N THR I 184 43.83 -12.44 -26.05
CA THR I 184 43.10 -13.38 -25.22
C THR I 184 42.02 -12.67 -24.42
N CYS I 185 41.06 -13.44 -23.91
CA CYS I 185 39.94 -12.89 -23.14
C CYS I 185 39.62 -13.73 -21.93
N GLY I 186 39.46 -13.08 -20.77
CA GLY I 186 39.14 -13.82 -19.56
C GLY I 186 37.71 -14.32 -19.60
N ASP I 187 36.85 -13.58 -20.31
CA ASP I 187 35.44 -13.94 -20.46
C ASP I 187 34.90 -13.20 -21.67
N VAL I 188 33.62 -13.41 -21.97
CA VAL I 188 33.02 -12.73 -23.10
C VAL I 188 31.90 -11.82 -22.62
N ASP I 189 32.00 -10.54 -22.94
CA ASP I 189 31.01 -9.55 -22.55
C ASP I 189 30.15 -9.20 -23.77
N VAL I 190 29.01 -9.85 -23.90
CA VAL I 190 28.11 -9.62 -25.02
C VAL I 190 27.05 -8.57 -24.71
N LEU I 191 27.10 -7.47 -25.43
CA LEU I 191 26.15 -6.37 -25.25
C LEU I 191 25.08 -6.44 -26.34
N ILE I 192 23.82 -6.24 -25.97
CA ILE I 192 22.72 -6.31 -26.92
C ILE I 192 21.77 -5.13 -26.81
N THR I 193 21.22 -4.72 -27.95
CA THR I 193 20.27 -3.61 -28.01
C THR I 193 19.58 -3.62 -29.37
N HIS I 194 18.77 -2.61 -29.63
CA HIS I 194 18.05 -2.52 -30.90
C HIS I 194 17.90 -1.06 -31.30
N PRO I 195 18.40 -0.70 -32.49
CA PRO I 195 18.33 0.68 -33.01
C PRO I 195 16.95 1.33 -32.95
N ASP I 196 15.89 0.53 -32.97
CA ASP I 196 14.54 1.09 -32.90
C ASP I 196 14.25 1.54 -31.47
N GLY I 197 15.15 1.19 -30.55
CA GLY I 197 15.00 1.57 -29.16
C GLY I 197 13.72 1.09 -28.49
N ARG I 198 13.19 -0.04 -28.93
CA ARG I 198 11.97 -0.56 -28.33
C ARG I 198 11.90 -2.08 -28.41
N SER I 199 12.42 -2.65 -29.49
CA SER I 199 12.40 -4.09 -29.69
C SER I 199 13.36 -4.87 -28.79
N HIS I 200 14.04 -4.18 -27.89
CA HIS I 200 14.98 -4.88 -27.00
C HIS I 200 14.21 -5.47 -25.82
N ARG I 201 13.10 -4.84 -25.46
CA ARG I 201 12.30 -5.31 -24.35
C ARG I 201 11.78 -6.73 -24.55
N GLY I 202 11.85 -7.53 -23.49
CA GLY I 202 11.37 -8.89 -23.58
C GLY I 202 12.30 -9.88 -24.26
N ILE I 203 13.56 -9.51 -24.45
CA ILE I 203 14.51 -10.42 -25.10
C ILE I 203 15.34 -11.19 -24.07
N PHE I 204 15.85 -10.47 -23.08
CA PHE I 204 16.67 -11.04 -22.03
C PHE I 204 16.25 -12.45 -21.62
N SER I 205 15.02 -12.58 -21.13
CA SER I 205 14.49 -13.86 -20.70
C SER I 205 14.53 -14.95 -21.77
N ARG I 206 13.76 -14.75 -22.85
CA ARG I 206 13.70 -15.73 -23.94
C ARG I 206 15.08 -16.12 -24.47
N LEU I 207 16.03 -15.20 -24.40
CA LEU I 207 17.37 -15.46 -24.89
C LEU I 207 18.11 -16.43 -23.97
N LEU I 208 18.04 -16.18 -22.66
CA LEU I 208 18.71 -17.05 -21.70
C LEU I 208 18.07 -18.43 -21.68
N ASP I 209 16.74 -18.46 -21.65
CA ASP I 209 16.02 -19.72 -21.66
C ASP I 209 16.48 -20.53 -22.87
N SER I 210 16.56 -19.86 -24.00
CA SER I 210 16.99 -20.48 -25.25
C SER I 210 18.39 -21.10 -25.11
N LEU I 211 19.37 -20.25 -24.83
CA LEU I 211 20.76 -20.71 -24.67
C LEU I 211 20.89 -21.82 -23.64
N ARG I 212 20.05 -21.80 -22.61
CA ARG I 212 20.11 -22.80 -21.56
C ARG I 212 19.56 -24.14 -22.03
N GLN I 213 18.45 -24.09 -22.77
CA GLN I 213 17.82 -25.30 -23.28
C GLN I 213 18.72 -26.11 -24.21
N GLU I 214 19.41 -25.42 -25.11
CA GLU I 214 20.32 -26.08 -26.04
C GLU I 214 21.63 -26.49 -25.36
N GLY I 215 21.66 -26.38 -24.03
CA GLY I 215 22.84 -26.77 -23.27
C GLY I 215 24.08 -25.90 -23.41
N PHE I 216 23.94 -24.71 -23.97
CA PHE I 216 25.10 -23.83 -24.12
C PHE I 216 25.52 -23.25 -22.78
N LEU I 217 24.53 -22.94 -21.94
CA LEU I 217 24.79 -22.39 -20.61
C LEU I 217 24.87 -23.54 -19.61
N THR I 218 25.98 -23.62 -18.90
CA THR I 218 26.17 -24.69 -17.92
C THR I 218 25.79 -24.25 -16.51
N ASP I 219 26.18 -23.05 -16.12
CA ASP I 219 25.88 -22.55 -14.78
C ASP I 219 25.48 -21.08 -14.76
N ASP I 220 24.84 -20.67 -13.67
CA ASP I 220 24.38 -19.31 -13.51
C ASP I 220 24.94 -18.66 -12.24
N LEU I 221 25.87 -17.74 -12.40
CA LEU I 221 26.46 -17.05 -11.25
C LEU I 221 25.47 -16.02 -10.74
N VAL I 222 24.78 -15.36 -11.67
CA VAL I 222 23.78 -14.35 -11.37
C VAL I 222 22.74 -14.40 -12.48
N SER I 223 21.78 -15.31 -12.35
CA SER I 223 20.73 -15.50 -13.34
C SER I 223 20.16 -14.21 -13.91
N GLN I 224 19.99 -13.20 -13.06
CA GLN I 224 19.43 -11.93 -13.53
C GLN I 224 19.72 -10.79 -12.58
N GLU I 225 19.86 -9.59 -13.15
CA GLU I 225 20.11 -8.40 -12.36
C GLU I 225 19.38 -7.22 -13.01
N GLU I 226 18.62 -6.48 -12.20
CA GLU I 226 17.88 -5.33 -12.69
C GLU I 226 18.67 -4.07 -12.37
N ASN I 227 19.12 -3.37 -13.41
CA ASN I 227 19.88 -2.14 -13.22
C ASN I 227 19.30 -1.09 -14.17
N GLY I 228 18.26 -0.41 -13.70
CA GLY I 228 17.62 0.59 -14.53
C GLY I 228 16.91 -0.14 -15.65
N GLN I 229 17.06 0.34 -16.87
CA GLN I 229 16.41 -0.30 -18.01
C GLN I 229 17.35 -1.34 -18.63
N GLN I 230 18.40 -1.68 -17.89
CA GLN I 230 19.37 -2.66 -18.37
C GLN I 230 19.18 -3.98 -17.64
N GLN I 231 19.46 -5.08 -18.34
CA GLN I 231 19.34 -6.41 -17.78
C GLN I 231 20.68 -7.13 -17.95
N LYS I 232 21.30 -7.49 -16.85
CA LYS I 232 22.59 -8.16 -16.90
C LYS I 232 22.53 -9.62 -16.45
N TYR I 233 23.40 -10.44 -17.04
CA TYR I 233 23.48 -11.85 -16.72
C TYR I 233 24.93 -12.28 -16.61
N LEU I 234 25.23 -13.11 -15.61
CA LEU I 234 26.59 -13.60 -15.42
C LEU I 234 26.53 -15.11 -15.17
N GLY I 235 26.96 -15.88 -16.16
CA GLY I 235 26.94 -17.33 -16.02
C GLY I 235 28.17 -18.01 -16.61
N VAL I 236 28.02 -19.30 -16.88
CA VAL I 236 29.10 -20.10 -17.45
C VAL I 236 28.60 -20.83 -18.69
N CYS I 237 29.41 -20.86 -19.74
CA CYS I 237 29.01 -21.53 -20.97
C CYS I 237 30.13 -22.42 -21.49
N ARG I 238 29.78 -23.30 -22.42
CA ARG I 238 30.76 -24.21 -23.02
C ARG I 238 30.37 -24.50 -24.46
N LEU I 239 31.27 -24.18 -25.39
CA LEU I 239 31.03 -24.40 -26.80
C LEU I 239 30.79 -25.88 -27.13
N PRO I 240 29.88 -26.16 -28.06
CA PRO I 240 29.57 -27.54 -28.47
C PRO I 240 30.79 -28.21 -29.09
N GLY I 241 31.09 -29.43 -28.65
CA GLY I 241 32.23 -30.14 -29.18
C GLY I 241 33.11 -30.76 -28.12
N PRO I 242 34.10 -31.59 -28.52
CA PRO I 242 35.01 -32.25 -27.59
C PRO I 242 36.22 -31.38 -27.22
N GLY I 243 36.77 -31.62 -26.03
CA GLY I 243 37.93 -30.88 -25.59
C GLY I 243 37.68 -29.41 -25.24
N ARG I 244 36.42 -28.99 -25.28
CA ARG I 244 36.08 -27.60 -24.95
C ARG I 244 36.19 -27.38 -23.46
N ARG I 245 36.38 -26.12 -23.07
CA ARG I 245 36.50 -25.76 -21.66
C ARG I 245 35.43 -24.73 -21.27
N HIS I 246 35.04 -24.75 -20.00
CA HIS I 246 34.04 -23.81 -19.49
C HIS I 246 34.58 -22.39 -19.53
N ARG I 247 33.75 -21.46 -19.98
CA ARG I 247 34.14 -20.06 -20.08
C ARG I 247 33.10 -19.16 -19.42
N ARG I 248 33.55 -18.03 -18.85
CA ARG I 248 32.63 -17.10 -18.22
C ARG I 248 31.99 -16.21 -19.28
N LEU I 249 30.68 -16.01 -19.16
CA LEU I 249 29.94 -15.21 -20.12
C LEU I 249 29.08 -14.14 -19.46
N ASP I 250 29.12 -12.93 -20.02
CA ASP I 250 28.33 -11.82 -19.51
C ASP I 250 27.43 -11.32 -20.62
N ILE I 251 26.12 -11.35 -20.40
CA ILE I 251 25.16 -10.87 -21.39
C ILE I 251 24.42 -9.68 -20.82
N ILE I 252 24.33 -8.61 -21.61
CA ILE I 252 23.66 -7.40 -21.16
C ILE I 252 22.78 -6.79 -22.24
N VAL I 253 21.51 -6.57 -21.89
CA VAL I 253 20.56 -5.98 -22.83
C VAL I 253 20.21 -4.58 -22.34
N VAL I 254 20.41 -3.58 -23.18
CA VAL I 254 20.15 -2.19 -22.80
C VAL I 254 19.40 -1.40 -23.87
N PRO I 255 18.69 -0.33 -23.47
CA PRO I 255 17.94 0.52 -24.39
C PRO I 255 18.91 1.25 -25.33
N TYR I 256 18.50 1.49 -26.56
CA TYR I 256 19.39 2.16 -27.51
C TYR I 256 19.80 3.54 -27.00
N SER I 257 18.93 4.18 -26.23
CA SER I 257 19.23 5.50 -25.69
C SER I 257 20.35 5.44 -24.66
N GLU I 258 20.80 4.23 -24.36
CA GLU I 258 21.87 4.02 -23.39
C GLU I 258 23.01 3.21 -23.98
N PHE I 259 22.86 2.81 -25.24
CA PHE I 259 23.87 1.99 -25.91
C PHE I 259 25.26 2.62 -25.93
N ALA I 260 25.33 3.88 -26.33
CA ALA I 260 26.61 4.59 -26.40
C ALA I 260 27.40 4.46 -25.10
N CYS I 261 26.79 4.85 -23.99
CA CYS I 261 27.45 4.77 -22.69
C CYS I 261 27.67 3.32 -22.26
N ALA I 262 26.65 2.49 -22.44
CA ALA I 262 26.75 1.09 -22.09
C ALA I 262 27.97 0.48 -22.78
N LEU I 263 28.01 0.63 -24.09
CA LEU I 263 29.12 0.11 -24.90
C LEU I 263 30.45 0.62 -24.34
N LEU I 264 30.56 1.93 -24.20
CA LEU I 264 31.77 2.55 -23.68
C LEU I 264 32.20 1.93 -22.35
N TYR I 265 31.23 1.75 -21.46
CA TYR I 265 31.47 1.18 -20.14
C TYR I 265 31.95 -0.26 -20.16
N PHE I 266 31.20 -1.12 -20.85
CA PHE I 266 31.54 -2.54 -20.91
C PHE I 266 32.70 -2.88 -21.82
N THR I 267 33.28 -1.87 -22.47
CA THR I 267 34.43 -2.08 -23.33
C THR I 267 35.68 -1.93 -22.47
N GLY I 268 35.54 -1.15 -21.40
CA GLY I 268 36.65 -0.92 -20.49
C GLY I 268 37.82 -0.17 -21.10
N SER I 269 39.01 -0.37 -20.53
CA SER I 269 39.19 -1.26 -19.39
C SER I 269 38.62 -0.63 -18.12
N ALA I 270 38.60 -1.41 -17.05
CA ALA I 270 38.07 -0.90 -15.78
C ALA I 270 38.83 0.35 -15.39
N ALA I 271 40.15 0.30 -15.53
CA ALA I 271 41.00 1.44 -15.21
C ALA I 271 40.64 2.65 -16.07
N PHE I 272 40.46 2.41 -17.36
CA PHE I 272 40.12 3.49 -18.27
C PHE I 272 38.79 4.12 -17.86
N ASN I 273 37.85 3.30 -17.41
CA ASN I 273 36.56 3.82 -16.98
C ASN I 273 36.74 4.70 -15.75
N ALA I 274 37.55 4.22 -14.82
CA ALA I 274 37.83 4.96 -13.59
C ALA I 274 38.27 6.37 -13.93
N SER I 275 39.25 6.49 -14.81
CA SER I 275 39.76 7.79 -15.21
C SER I 275 38.63 8.64 -15.79
N MET I 276 37.90 8.07 -16.74
CA MET I 276 36.78 8.80 -17.34
C MET I 276 35.92 9.42 -16.26
N ARG I 277 35.51 8.61 -15.29
CA ARG I 277 34.70 9.11 -14.19
C ARG I 277 35.40 10.28 -13.54
N ALA I 278 36.66 10.06 -13.15
CA ALA I 278 37.46 11.09 -12.51
C ALA I 278 37.46 12.40 -13.28
N LEU I 279 37.66 12.30 -14.59
CA LEU I 279 37.69 13.49 -15.44
C LEU I 279 36.32 14.13 -15.50
N ALA I 280 35.29 13.30 -15.64
CA ALA I 280 33.92 13.79 -15.71
C ALA I 280 33.57 14.56 -14.44
N LYS I 281 34.13 14.14 -13.32
CA LYS I 281 33.88 14.78 -12.04
C LYS I 281 34.39 16.21 -12.03
N THR I 282 35.58 16.41 -12.58
CA THR I 282 36.20 17.73 -12.65
C THR I 282 35.57 18.55 -13.75
N LYS I 283 34.33 18.24 -14.08
CA LYS I 283 33.59 18.94 -15.12
C LYS I 283 32.15 19.10 -14.66
N GLY I 284 31.91 18.77 -13.39
CA GLY I 284 30.56 18.87 -12.85
C GLY I 284 29.68 17.88 -13.57
N MET I 285 30.22 16.69 -13.81
CA MET I 285 29.49 15.63 -14.50
C MET I 285 29.76 14.26 -13.89
N SER I 286 28.98 13.28 -14.32
CA SER I 286 29.12 11.91 -13.84
C SER I 286 28.87 10.96 -15.00
N LEU I 287 29.62 9.86 -15.04
CA LEU I 287 29.48 8.89 -16.11
C LEU I 287 29.22 7.49 -15.58
N SER I 288 28.15 6.86 -16.06
CA SER I 288 27.81 5.51 -15.64
C SER I 288 27.56 4.68 -16.89
N GLU I 289 27.22 3.40 -16.70
CA GLU I 289 26.95 2.53 -17.82
C GLU I 289 25.62 2.96 -18.46
N HIS I 290 24.95 3.91 -17.81
CA HIS I 290 23.66 4.39 -18.29
C HIS I 290 23.74 5.64 -19.15
N ALA I 291 24.41 6.68 -18.67
CA ALA I 291 24.53 7.92 -19.44
C ALA I 291 25.42 8.97 -18.78
N LEU I 292 25.78 9.98 -19.58
CA LEU I 292 26.61 11.08 -19.10
C LEU I 292 25.67 12.16 -18.58
N SER I 293 25.69 12.38 -17.27
CA SER I 293 24.83 13.37 -16.65
C SER I 293 25.58 14.50 -15.97
N THR I 294 24.85 15.53 -15.57
CA THR I 294 25.43 16.66 -14.88
C THR I 294 25.50 16.35 -13.39
N ALA I 295 26.24 17.17 -12.65
CA ALA I 295 26.39 16.98 -11.21
C ALA I 295 25.05 16.83 -10.52
N VAL I 296 24.97 15.88 -9.58
CA VAL I 296 23.74 15.64 -8.84
C VAL I 296 23.49 16.79 -7.88
N VAL I 297 22.24 17.26 -7.84
CA VAL I 297 21.87 18.35 -6.97
C VAL I 297 21.92 17.94 -5.49
N ARG I 298 23.10 18.06 -4.88
CA ARG I 298 23.27 17.70 -3.48
C ARG I 298 23.10 18.94 -2.59
N ASN I 299 22.11 18.89 -1.71
CA ASN I 299 21.78 20.00 -0.80
C ASN I 299 22.93 20.52 0.06
N THR I 300 22.57 21.49 0.91
CA THR I 300 23.49 22.15 1.84
C THR I 300 24.77 21.40 2.21
N HIS I 301 24.75 20.71 3.35
CA HIS I 301 25.90 19.95 3.83
C HIS I 301 26.62 19.18 2.73
N GLY I 302 25.89 18.81 1.68
CA GLY I 302 26.49 18.07 0.59
C GLY I 302 26.05 16.62 0.59
N ALA I 303 24.79 16.39 0.23
CA ALA I 303 24.24 15.03 0.20
C ALA I 303 23.57 14.74 -1.14
N LYS I 304 22.26 14.95 -1.20
CA LYS I 304 21.49 14.72 -2.43
C LYS I 304 20.15 15.46 -2.37
N VAL I 305 19.52 15.61 -3.53
CA VAL I 305 18.23 16.30 -3.59
C VAL I 305 17.63 16.31 -5.01
N GLY I 306 18.25 15.56 -5.93
CA GLY I 306 17.74 15.51 -7.28
C GLY I 306 18.77 15.15 -8.33
N PRO I 307 18.50 14.13 -9.16
CA PRO I 307 19.40 13.68 -10.22
C PRO I 307 19.79 14.77 -11.21
N GLY I 308 21.00 14.69 -11.73
CA GLY I 308 21.47 15.67 -12.70
C GLY I 308 20.81 15.37 -14.04
N ARG I 309 20.91 16.31 -14.98
CA ARG I 309 20.30 16.12 -16.29
C ARG I 309 21.13 15.17 -17.13
N VAL I 310 20.45 14.36 -17.93
CA VAL I 310 21.13 13.41 -18.81
C VAL I 310 21.48 14.07 -20.13
N LEU I 311 22.76 14.00 -20.49
CA LEU I 311 23.23 14.58 -21.73
C LEU I 311 23.08 13.58 -22.87
N PRO I 312 22.54 14.02 -24.01
CA PRO I 312 22.35 13.16 -25.18
C PRO I 312 23.66 12.71 -25.82
N THR I 313 23.97 11.42 -25.69
CA THR I 313 25.19 10.86 -26.25
C THR I 313 24.87 9.72 -27.20
N PRO I 314 24.68 10.02 -28.49
CA PRO I 314 24.36 9.02 -29.50
C PRO I 314 25.44 7.96 -29.68
N THR I 315 26.71 8.35 -29.55
CA THR I 315 27.82 7.43 -29.72
C THR I 315 28.95 7.70 -28.72
N GLU I 316 29.93 6.80 -28.72
CA GLU I 316 31.08 6.94 -27.82
C GLU I 316 31.76 8.29 -28.04
N LYS I 317 31.93 8.66 -29.30
CA LYS I 317 32.59 9.93 -29.64
C LYS I 317 31.90 11.09 -28.93
N ASP I 318 30.57 11.03 -28.87
CA ASP I 318 29.80 12.07 -28.22
C ASP I 318 30.19 12.24 -26.76
N VAL I 319 30.49 11.13 -26.09
CA VAL I 319 30.89 11.18 -24.69
C VAL I 319 32.25 11.85 -24.58
N PHE I 320 33.20 11.38 -25.38
CA PHE I 320 34.54 11.95 -25.38
C PHE I 320 34.47 13.44 -25.67
N ARG I 321 33.65 13.81 -26.64
CA ARG I 321 33.49 15.20 -27.03
C ARG I 321 32.99 16.05 -25.87
N LEU I 322 31.85 15.69 -25.30
CA LEU I 322 31.29 16.45 -24.20
C LEU I 322 32.23 16.54 -23.01
N LEU I 323 33.07 15.53 -22.83
CA LEU I 323 34.04 15.51 -21.74
C LEU I 323 35.29 16.32 -22.08
N GLY I 324 35.53 16.52 -23.37
CA GLY I 324 36.69 17.28 -23.79
C GLY I 324 37.96 16.47 -23.95
N LEU I 325 37.85 15.31 -24.60
CA LEU I 325 39.02 14.47 -24.82
C LEU I 325 39.03 13.93 -26.24
N PRO I 326 40.23 13.72 -26.81
CA PRO I 326 40.34 13.20 -28.17
C PRO I 326 39.96 11.72 -28.16
N TYR I 327 38.92 11.38 -28.91
CA TYR I 327 38.46 9.99 -28.99
C TYR I 327 39.62 9.01 -29.01
N ARG I 328 39.48 7.94 -28.22
CA ARG I 328 40.51 6.91 -28.15
C ARG I 328 39.94 5.57 -28.61
N GLU I 329 40.55 4.99 -29.62
CA GLU I 329 40.11 3.70 -30.14
C GLU I 329 40.19 2.63 -29.06
N PRO I 330 39.21 1.71 -29.05
CA PRO I 330 39.15 0.61 -28.06
C PRO I 330 40.47 -0.09 -27.81
N ALA I 331 41.30 -0.18 -28.84
CA ALA I 331 42.60 -0.84 -28.72
C ALA I 331 43.56 -0.11 -27.79
N GLU I 332 43.30 1.17 -27.53
CA GLU I 332 44.16 1.96 -26.67
C GLU I 332 43.44 2.50 -25.43
N ARG I 333 42.73 1.62 -24.75
CA ARG I 333 41.98 1.98 -23.54
C ARG I 333 42.31 1.05 -22.38
N ASP I 334 43.58 0.69 -22.23
CA ASP I 334 43.99 -0.19 -21.15
C ASP I 334 44.01 0.54 -19.81
N TRP I 335 43.94 1.86 -19.87
CA TRP I 335 43.94 2.70 -18.68
C TRP I 335 43.96 4.18 -19.04
N ALA M 9 -54.48 2.51 28.81
CA ALA M 9 -54.75 1.24 28.08
C ALA M 9 -53.62 0.24 28.30
N THR M 10 -53.88 -1.03 28.01
CA THR M 10 -52.88 -2.08 28.17
C THR M 10 -52.96 -3.08 27.03
N ASN M 11 -51.79 -3.46 26.50
CA ASN M 11 -51.73 -4.42 25.40
C ASN M 11 -52.01 -5.82 25.93
N HIS M 12 -53.21 -6.31 25.64
CA HIS M 12 -53.63 -7.63 26.09
C HIS M 12 -53.08 -8.72 25.17
N ASN M 13 -52.28 -8.32 24.19
CA ASN M 13 -51.71 -9.27 23.23
C ASN M 13 -50.19 -9.29 23.35
N LEU M 14 -49.69 -9.02 24.55
CA LEU M 14 -48.25 -9.00 24.79
C LEU M 14 -47.55 -10.27 24.33
N HIS M 15 -48.25 -11.40 24.36
CA HIS M 15 -47.66 -12.66 23.94
C HIS M 15 -47.71 -12.82 22.43
N ILE M 16 -48.53 -12.01 21.78
CA ILE M 16 -48.67 -12.05 20.33
C ILE M 16 -47.75 -11.00 19.70
N THR M 17 -48.02 -9.75 20.00
CA THR M 17 -47.22 -8.63 19.47
C THR M 17 -45.73 -8.89 19.68
N GLU M 18 -45.40 -9.40 20.87
CA GLU M 18 -44.03 -9.70 21.23
C GLU M 18 -43.29 -10.42 20.10
N LYS M 19 -43.81 -11.58 19.70
CA LYS M 19 -43.19 -12.36 18.63
C LYS M 19 -43.28 -11.64 17.29
N LEU M 20 -44.33 -10.84 17.11
CA LEU M 20 -44.53 -10.10 15.88
C LEU M 20 -43.47 -9.02 15.69
N GLU M 21 -43.31 -8.18 16.72
CA GLU M 21 -42.34 -7.10 16.67
C GLU M 21 -40.93 -7.64 16.41
N VAL M 22 -40.69 -8.87 16.82
CA VAL M 22 -39.40 -9.50 16.62
C VAL M 22 -39.24 -9.87 15.15
N LEU M 23 -40.36 -10.20 14.52
CA LEU M 23 -40.37 -10.56 13.11
C LEU M 23 -40.32 -9.28 12.29
N ALA M 24 -41.04 -8.27 12.75
CA ALA M 24 -41.09 -6.97 12.08
C ALA M 24 -39.70 -6.36 12.01
N LYS M 25 -39.10 -6.14 13.17
CA LYS M 25 -37.77 -5.57 13.26
C LYS M 25 -36.79 -6.37 12.41
N ALA M 26 -37.01 -7.68 12.35
CA ALA M 26 -36.15 -8.57 11.56
C ALA M 26 -36.34 -8.27 10.08
N TYR M 27 -37.51 -7.74 9.73
CA TYR M 27 -37.82 -7.40 8.34
C TYR M 27 -37.34 -5.98 8.05
N SER M 28 -37.34 -5.15 9.08
CA SER M 28 -36.92 -3.76 8.95
C SER M 28 -35.44 -3.67 8.56
N VAL M 29 -34.57 -4.01 9.49
CA VAL M 29 -33.14 -3.96 9.26
C VAL M 29 -32.70 -4.83 8.08
N GLN M 30 -33.61 -5.67 7.60
CA GLN M 30 -33.28 -6.55 6.48
C GLN M 30 -33.60 -5.92 5.13
N GLY M 31 -34.14 -4.71 5.15
CA GLY M 31 -34.45 -4.02 3.91
C GLY M 31 -35.90 -3.99 3.48
N ASP M 32 -36.70 -4.92 4.00
CA ASP M 32 -38.11 -4.96 3.65
C ASP M 32 -38.89 -3.95 4.49
N LYS M 33 -38.59 -2.67 4.29
CA LYS M 33 -39.23 -1.59 5.04
C LYS M 33 -40.74 -1.58 4.93
N TRP M 34 -41.25 -1.90 3.74
CA TRP M 34 -42.69 -1.91 3.52
C TRP M 34 -43.43 -3.04 4.20
N ARG M 35 -42.81 -4.21 4.31
CA ARG M 35 -43.45 -5.33 4.97
C ARG M 35 -43.46 -5.01 6.47
N ALA M 36 -42.39 -4.40 6.94
CA ALA M 36 -42.27 -4.03 8.35
C ALA M 36 -43.33 -2.99 8.71
N ALA M 37 -43.52 -2.02 7.83
CA ALA M 37 -44.52 -0.99 8.05
C ALA M 37 -45.87 -1.67 8.17
N GLY M 38 -46.04 -2.76 7.45
CA GLY M 38 -47.28 -3.51 7.48
C GLY M 38 -47.47 -4.16 8.84
N TYR M 39 -46.44 -4.85 9.31
CA TYR M 39 -46.50 -5.52 10.62
C TYR M 39 -46.76 -4.49 11.70
N ALA M 40 -46.08 -3.34 11.60
CA ALA M 40 -46.25 -2.27 12.58
C ALA M 40 -47.70 -1.79 12.53
N LYS M 41 -48.20 -1.58 11.33
CA LYS M 41 -49.58 -1.14 11.12
C LYS M 41 -50.52 -2.02 11.94
N ALA M 42 -50.27 -3.34 11.90
CA ALA M 42 -51.08 -4.31 12.61
C ALA M 42 -50.74 -4.38 14.10
N ILE M 43 -49.48 -4.71 14.40
CA ILE M 43 -49.03 -4.80 15.79
C ILE M 43 -49.56 -3.64 16.62
N ASN M 44 -49.52 -2.44 16.04
CA ASN M 44 -50.01 -1.24 16.72
C ASN M 44 -51.53 -1.28 16.88
N ALA M 45 -52.22 -1.70 15.82
CA ALA M 45 -53.67 -1.77 15.83
C ALA M 45 -54.10 -2.71 16.95
N LEU M 46 -53.32 -3.78 17.14
CA LEU M 46 -53.60 -4.75 18.18
C LEU M 46 -53.57 -4.08 19.54
N LYS M 47 -52.43 -3.51 19.90
CA LYS M 47 -52.27 -2.83 21.18
C LYS M 47 -53.53 -2.08 21.61
N SER M 48 -54.08 -1.27 20.72
CA SER M 48 -55.28 -0.49 21.04
C SER M 48 -56.56 -1.29 20.83
N PHE M 49 -56.62 -2.49 21.41
CA PHE M 49 -57.79 -3.35 21.29
C PHE M 49 -58.43 -3.61 22.65
N HIS M 50 -59.76 -3.76 22.66
CA HIS M 50 -60.51 -4.02 23.88
C HIS M 50 -59.94 -5.21 24.67
N LYS M 51 -60.17 -6.41 24.16
CA LYS M 51 -59.69 -7.63 24.80
C LYS M 51 -58.63 -8.31 23.93
N PRO M 52 -58.01 -9.39 24.43
CA PRO M 52 -56.99 -10.10 23.67
C PRO M 52 -57.58 -10.94 22.52
N VAL M 53 -56.79 -11.10 21.46
CA VAL M 53 -57.22 -11.87 20.29
C VAL M 53 -57.50 -13.32 20.68
N THR M 54 -58.66 -13.83 20.27
CA THR M 54 -59.06 -15.19 20.60
C THR M 54 -59.26 -16.08 19.37
N SER M 55 -60.00 -15.59 18.39
CA SER M 55 -60.29 -16.36 17.19
C SER M 55 -59.79 -15.74 15.89
N TYR M 56 -59.37 -16.60 14.96
CA TYR M 56 -58.88 -16.19 13.65
C TYR M 56 -59.83 -15.16 13.04
N GLN M 57 -61.13 -15.41 13.17
CA GLN M 57 -62.14 -14.52 12.63
C GLN M 57 -62.04 -13.14 13.28
N GLU M 58 -61.89 -13.14 14.61
CA GLU M 58 -61.79 -11.91 15.36
C GLU M 58 -60.66 -11.04 14.84
N ALA M 59 -59.54 -11.66 14.53
CA ALA M 59 -58.38 -10.94 14.00
C ALA M 59 -58.71 -10.26 12.68
N CYS M 60 -59.51 -10.93 11.85
CA CYS M 60 -59.88 -10.38 10.55
C CYS M 60 -60.80 -9.17 10.68
N SER M 61 -61.48 -9.06 11.81
CA SER M 61 -62.41 -7.94 12.03
C SER M 61 -61.65 -6.65 12.31
N ILE M 62 -60.40 -6.79 12.76
CA ILE M 62 -59.56 -5.64 13.08
C ILE M 62 -58.90 -5.08 11.82
N PRO M 63 -59.25 -3.82 11.46
CA PRO M 63 -58.66 -3.20 10.27
C PRO M 63 -57.13 -3.12 10.38
N GLY M 64 -56.45 -3.37 9.27
CA GLY M 64 -55.00 -3.33 9.29
C GLY M 64 -54.47 -4.74 9.46
N ILE M 65 -55.38 -5.68 9.66
CA ILE M 65 -55.04 -7.09 9.83
C ILE M 65 -55.82 -7.92 8.81
N GLY M 66 -55.11 -8.67 7.99
CA GLY M 66 -55.76 -9.49 6.98
C GLY M 66 -55.46 -10.96 7.15
N LYS M 67 -55.88 -11.76 6.18
CA LYS M 67 -55.66 -13.20 6.22
C LYS M 67 -54.27 -13.61 6.71
N ARG M 68 -53.24 -13.18 6.00
CA ARG M 68 -51.86 -13.50 6.37
C ARG M 68 -51.51 -13.18 7.81
N MET M 69 -51.77 -11.94 8.23
CA MET M 69 -51.45 -11.54 9.61
C MET M 69 -52.28 -12.33 10.62
N ALA M 70 -53.60 -12.29 10.47
CA ALA M 70 -54.51 -13.00 11.36
C ALA M 70 -54.09 -14.46 11.48
N GLU M 71 -53.59 -15.00 10.37
CA GLU M 71 -53.15 -16.39 10.32
C GLU M 71 -52.08 -16.68 11.38
N LYS M 72 -51.00 -15.89 11.36
CA LYS M 72 -49.92 -16.06 12.32
C LYS M 72 -50.38 -15.82 13.75
N ILE M 73 -51.31 -14.89 13.92
CA ILE M 73 -51.85 -14.57 15.23
C ILE M 73 -52.35 -15.82 15.92
N ILE M 74 -53.00 -16.70 15.16
CA ILE M 74 -53.54 -17.93 15.71
C ILE M 74 -52.46 -19.00 15.88
N GLU M 75 -51.47 -19.01 14.99
CA GLU M 75 -50.39 -20.01 15.08
C GLU M 75 -49.56 -19.77 16.32
N ILE M 76 -50.03 -18.88 17.19
CA ILE M 76 -49.34 -18.57 18.43
C ILE M 76 -50.29 -18.80 19.60
N LEU M 77 -51.57 -18.52 19.35
CA LEU M 77 -52.60 -18.68 20.38
C LEU M 77 -52.92 -20.13 20.68
N GLU M 78 -52.25 -21.06 19.98
CA GLU M 78 -52.50 -22.48 20.20
C GLU M 78 -51.24 -23.34 20.15
N SER M 79 -50.12 -22.74 19.76
CA SER M 79 -48.85 -23.48 19.69
C SER M 79 -47.78 -22.71 20.47
N GLY M 80 -48.09 -21.46 20.81
CA GLY M 80 -47.16 -20.64 21.56
C GLY M 80 -45.88 -20.31 20.81
N HIS M 81 -45.82 -20.72 19.55
CA HIS M 81 -44.64 -20.47 18.74
C HIS M 81 -44.99 -19.70 17.46
N LEU M 82 -44.07 -19.71 16.51
CA LEU M 82 -44.25 -19.02 15.24
C LEU M 82 -43.10 -19.41 14.30
N ARG M 83 -43.28 -20.52 13.61
CA ARG M 83 -42.30 -21.07 12.68
C ARG M 83 -41.39 -20.02 12.04
N LYS M 84 -41.99 -18.94 11.54
CA LYS M 84 -41.24 -17.87 10.90
C LYS M 84 -39.99 -17.48 11.68
N LEU M 85 -40.17 -17.18 12.97
CA LEU M 85 -39.06 -16.81 13.84
C LEU M 85 -37.93 -17.83 13.79
N ASP M 86 -38.29 -19.10 13.96
CA ASP M 86 -37.32 -20.18 13.96
C ASP M 86 -36.36 -20.17 12.76
N HIS M 87 -36.90 -19.93 11.57
CA HIS M 87 -36.09 -19.93 10.36
C HIS M 87 -35.42 -18.60 10.04
N ILE M 88 -35.45 -17.66 10.98
CA ILE M 88 -34.83 -16.36 10.75
C ILE M 88 -33.33 -16.50 10.49
N SER M 89 -32.83 -15.73 9.53
CA SER M 89 -31.41 -15.78 9.18
C SER M 89 -30.51 -15.39 10.34
N GLU M 90 -29.22 -15.70 10.19
CA GLU M 90 -28.22 -15.40 11.22
C GLU M 90 -27.68 -13.99 11.11
N SER M 91 -28.16 -13.24 10.12
CA SER M 91 -27.70 -11.87 9.89
C SER M 91 -28.42 -10.86 10.77
N VAL M 92 -29.73 -11.04 10.94
CA VAL M 92 -30.55 -10.13 11.74
C VAL M 92 -29.84 -9.52 12.95
N PRO M 93 -29.24 -10.38 13.81
CA PRO M 93 -28.53 -9.86 14.99
C PRO M 93 -27.49 -8.79 14.65
N VAL M 94 -26.59 -9.12 13.73
CA VAL M 94 -25.54 -8.20 13.31
C VAL M 94 -26.09 -6.99 12.58
N LEU M 95 -26.79 -7.23 11.46
CA LEU M 95 -27.36 -6.16 10.66
C LEU M 95 -28.05 -5.11 11.53
N GLU M 96 -28.79 -5.57 12.53
CA GLU M 96 -29.49 -4.67 13.44
C GLU M 96 -28.47 -3.81 14.18
N LEU M 97 -27.46 -4.47 14.74
CA LEU M 97 -26.40 -3.80 15.49
C LEU M 97 -25.86 -2.60 14.73
N PHE M 98 -25.55 -2.80 13.46
CA PHE M 98 -25.01 -1.74 12.61
C PHE M 98 -26.04 -0.64 12.33
N SER M 99 -27.21 -1.03 11.86
CA SER M 99 -28.28 -0.08 11.55
C SER M 99 -28.60 0.86 12.70
N ASN M 100 -28.24 0.49 13.91
CA ASN M 100 -28.49 1.32 15.08
C ASN M 100 -27.71 2.62 15.00
N ILE M 101 -26.52 2.55 14.40
CA ILE M 101 -25.67 3.72 14.25
C ILE M 101 -26.42 4.80 13.48
N TRP M 102 -26.45 6.00 14.03
CA TRP M 102 -27.15 7.10 13.36
C TRP M 102 -26.49 7.34 12.01
N GLY M 103 -27.30 7.51 10.97
CA GLY M 103 -26.74 7.73 9.65
C GLY M 103 -26.41 6.42 8.96
N ALA M 104 -26.89 5.32 9.54
CA ALA M 104 -26.65 4.00 8.99
C ALA M 104 -27.98 3.29 8.77
N GLY M 105 -28.09 2.56 7.67
CA GLY M 105 -29.32 1.85 7.37
C GLY M 105 -29.07 0.45 6.84
N THR M 106 -30.09 -0.13 6.22
CA THR M 106 -30.00 -1.47 5.68
C THR M 106 -28.80 -1.62 4.75
N LYS M 107 -28.89 -0.97 3.59
CA LYS M 107 -27.82 -1.03 2.59
C LYS M 107 -26.42 -0.95 3.21
N THR M 108 -26.25 -0.05 4.18
CA THR M 108 -24.96 0.11 4.85
C THR M 108 -24.61 -1.13 5.65
N ALA M 109 -25.58 -1.62 6.44
CA ALA M 109 -25.37 -2.81 7.25
C ALA M 109 -25.09 -4.03 6.39
N GLN M 110 -25.90 -4.23 5.37
CA GLN M 110 -25.72 -5.37 4.47
C GLN M 110 -24.32 -5.34 3.89
N MET M 111 -23.83 -4.14 3.58
CA MET M 111 -22.50 -3.97 3.02
C MET M 111 -21.44 -4.43 4.01
N TRP M 112 -21.43 -3.81 5.20
CA TRP M 112 -20.46 -4.16 6.23
C TRP M 112 -20.47 -5.65 6.56
N TYR M 113 -21.65 -6.18 6.91
CA TYR M 113 -21.77 -7.59 7.25
C TYR M 113 -21.18 -8.46 6.16
N GLN M 114 -21.77 -8.42 4.97
CA GLN M 114 -21.30 -9.19 3.84
C GLN M 114 -19.83 -8.89 3.54
N GLN M 115 -19.35 -7.77 4.06
CA GLN M 115 -17.96 -7.37 3.86
C GLN M 115 -17.05 -8.07 4.86
N GLY M 116 -17.65 -8.73 5.85
CA GLY M 116 -16.87 -9.44 6.84
C GLY M 116 -17.16 -9.03 8.28
N PHE M 117 -17.11 -7.73 8.54
CA PHE M 117 -17.35 -7.17 9.86
C PHE M 117 -18.52 -7.85 10.59
N ARG M 118 -18.41 -7.97 11.92
CA ARG M 118 -19.46 -8.61 12.70
C ARG M 118 -19.69 -7.94 14.05
N SER M 119 -18.83 -6.99 14.42
CA SER M 119 -18.98 -6.28 15.69
C SER M 119 -18.69 -4.78 15.54
N LEU M 120 -18.95 -4.03 16.60
CA LEU M 120 -18.71 -2.58 16.58
C LEU M 120 -17.23 -2.26 16.45
N GLU M 121 -16.39 -3.00 17.17
CA GLU M 121 -14.96 -2.78 17.12
C GLU M 121 -14.44 -3.06 15.71
N ASP M 122 -15.11 -3.95 15.00
CA ASP M 122 -14.71 -4.27 13.64
C ASP M 122 -15.01 -3.08 12.74
N ILE M 123 -16.13 -2.42 13.01
CA ILE M 123 -16.54 -1.25 12.24
C ILE M 123 -15.68 -0.04 12.61
N ARG M 124 -15.68 0.29 13.90
CA ARG M 124 -14.92 1.41 14.40
C ARG M 124 -13.44 1.29 14.06
N SER M 125 -13.07 0.18 13.43
CA SER M 125 -11.67 -0.06 13.06
C SER M 125 -11.42 -0.06 11.55
N GLN M 126 -11.41 -1.25 10.97
CA GLN M 126 -11.16 -1.43 9.54
C GLN M 126 -12.30 -1.04 8.61
N ALA M 127 -13.40 -0.54 9.16
CA ALA M 127 -14.54 -0.16 8.33
C ALA M 127 -14.39 1.23 7.72
N SER M 128 -15.30 1.56 6.81
CA SER M 128 -15.29 2.85 6.13
C SER M 128 -16.63 3.55 6.39
N LEU M 129 -16.61 4.59 7.20
CA LEU M 129 -17.82 5.32 7.54
C LEU M 129 -17.94 6.67 6.82
N THR M 130 -19.04 7.35 7.08
CA THR M 130 -19.30 8.67 6.51
C THR M 130 -19.06 9.60 7.70
N THR M 131 -19.34 10.89 7.57
CA THR M 131 -19.13 11.76 8.71
C THR M 131 -20.23 11.55 9.74
N GLN M 132 -21.48 11.51 9.28
CA GLN M 132 -22.61 11.33 10.19
C GLN M 132 -22.50 10.01 10.96
N GLN M 133 -22.18 8.94 10.25
CA GLN M 133 -22.04 7.63 10.87
C GLN M 133 -20.96 7.66 11.93
N ALA M 134 -19.93 8.48 11.71
CA ALA M 134 -18.83 8.61 12.65
C ALA M 134 -19.34 9.19 13.97
N ILE M 135 -20.17 10.23 13.87
CA ILE M 135 -20.74 10.86 15.06
C ILE M 135 -21.72 9.90 15.71
N GLY M 136 -22.38 9.08 14.89
CA GLY M 136 -23.33 8.12 15.40
C GLY M 136 -22.69 7.07 16.27
N LEU M 137 -21.66 6.41 15.75
CA LEU M 137 -20.95 5.38 16.50
C LEU M 137 -20.23 5.97 17.70
N LYS M 138 -19.70 7.17 17.52
CA LYS M 138 -18.98 7.87 18.59
C LYS M 138 -19.87 7.99 19.82
N HIS M 139 -21.19 7.99 19.60
CA HIS M 139 -22.14 8.10 20.71
C HIS M 139 -23.12 6.94 20.71
N TYR M 140 -22.72 5.81 20.14
CA TYR M 140 -23.58 4.64 20.07
C TYR M 140 -24.29 4.39 21.40
N SER M 141 -23.50 4.14 22.44
CA SER M 141 -24.03 3.87 23.78
C SER M 141 -25.00 4.97 24.23
N ASP M 142 -24.54 6.21 24.19
CA ASP M 142 -25.35 7.34 24.61
C ASP M 142 -26.69 7.45 23.89
N PHE M 143 -26.69 7.30 22.57
CA PHE M 143 -27.92 7.41 21.80
C PHE M 143 -28.98 6.35 22.09
N LEU M 144 -28.59 5.08 22.06
CA LEU M 144 -29.55 4.00 22.31
C LEU M 144 -30.45 4.28 23.50
N GLU M 145 -29.90 4.91 24.53
CA GLU M 145 -30.67 5.22 25.73
C GLU M 145 -31.60 6.40 25.47
N ARG M 146 -32.74 6.41 26.17
CA ARG M 146 -33.71 7.48 26.03
C ARG M 146 -33.57 8.42 27.23
N MET M 147 -33.68 9.72 26.99
CA MET M 147 -33.55 10.70 28.06
C MET M 147 -34.87 10.93 28.79
N PRO M 148 -34.81 11.09 30.11
CA PRO M 148 -36.02 11.32 30.91
C PRO M 148 -36.70 12.63 30.50
N ARG M 149 -38.02 12.64 30.49
CA ARG M 149 -38.78 13.81 30.11
C ARG M 149 -38.25 15.09 30.76
N GLU M 150 -37.60 14.93 31.91
CA GLU M 150 -37.04 16.07 32.63
C GLU M 150 -35.87 16.68 31.89
N GLU M 151 -34.89 15.84 31.52
CA GLU M 151 -33.71 16.31 30.82
C GLU M 151 -34.07 17.05 29.54
N ALA M 152 -35.06 16.55 28.82
CA ALA M 152 -35.51 17.18 27.59
C ALA M 152 -36.03 18.58 27.86
N THR M 153 -36.82 18.71 28.92
CA THR M 153 -37.38 20.01 29.30
C THR M 153 -36.25 21.02 29.49
N GLU M 154 -35.20 20.58 30.18
CA GLU M 154 -34.05 21.44 30.42
C GLU M 154 -33.48 21.91 29.09
N ILE M 155 -33.09 20.94 28.26
CA ILE M 155 -32.53 21.22 26.94
C ILE M 155 -33.38 22.23 26.20
N GLU M 156 -34.70 22.09 26.32
CA GLU M 156 -35.63 22.98 25.65
C GLU M 156 -35.35 24.46 25.92
N GLN M 157 -35.35 24.85 27.19
CA GLN M 157 -35.11 26.24 27.55
C GLN M 157 -33.69 26.69 27.25
N THR M 158 -32.74 25.75 27.19
CA THR M 158 -31.36 26.11 26.89
C THR M 158 -31.33 26.83 25.55
N VAL M 159 -31.98 26.25 24.57
CA VAL M 159 -32.05 26.83 23.23
C VAL M 159 -33.02 28.01 23.25
N GLN M 160 -34.14 27.84 23.95
CA GLN M 160 -35.17 28.87 24.05
C GLN M 160 -34.59 30.17 24.58
N LYS M 161 -33.81 30.08 25.65
CA LYS M 161 -33.20 31.26 26.26
C LYS M 161 -32.28 31.98 25.29
N ALA M 162 -31.27 31.26 24.80
CA ALA M 162 -30.32 31.82 23.87
C ALA M 162 -31.00 32.36 22.62
N ALA M 163 -32.14 31.77 22.28
CA ALA M 163 -32.90 32.19 21.10
C ALA M 163 -33.56 33.54 21.33
N GLN M 164 -34.43 33.60 22.33
CA GLN M 164 -35.15 34.83 22.68
C GLN M 164 -34.20 35.99 23.00
N ALA M 165 -32.91 35.68 23.10
CA ALA M 165 -31.91 36.71 23.40
C ALA M 165 -31.73 37.62 22.20
N PHE M 166 -32.36 37.25 21.09
CA PHE M 166 -32.29 38.04 19.85
C PHE M 166 -33.61 38.75 19.66
N ASN M 167 -34.66 38.18 20.23
CA ASN M 167 -36.00 38.74 20.13
C ASN M 167 -36.90 38.01 21.13
N SER M 168 -37.39 38.75 22.13
CA SER M 168 -38.26 38.18 23.15
C SER M 168 -39.54 37.62 22.56
N GLY M 169 -39.91 38.13 21.38
CA GLY M 169 -41.13 37.69 20.72
C GLY M 169 -41.03 36.33 20.06
N LEU M 170 -39.91 35.63 20.27
CA LEU M 170 -39.71 34.32 19.67
C LEU M 170 -40.44 33.21 20.44
N LEU M 171 -41.25 32.45 19.73
CA LEU M 171 -42.01 31.36 20.32
C LEU M 171 -41.34 30.01 20.08
N CYS M 172 -41.03 29.30 21.17
CA CYS M 172 -40.40 27.99 21.07
C CYS M 172 -41.35 26.92 21.57
N VAL M 173 -41.32 25.76 20.93
CA VAL M 173 -42.18 24.65 21.32
C VAL M 173 -41.51 23.30 21.07
N ALA M 174 -41.48 22.46 22.11
CA ALA M 174 -40.88 21.15 21.99
C ALA M 174 -41.95 20.17 21.51
N CYS M 175 -41.74 19.63 20.31
CA CYS M 175 -42.69 18.69 19.73
C CYS M 175 -42.25 17.26 19.97
N GLY M 176 -42.49 16.40 18.98
CA GLY M 176 -42.10 15.01 19.10
C GLY M 176 -42.66 14.33 20.35
N SER M 177 -41.96 13.29 20.80
CA SER M 177 -42.37 12.54 21.97
C SER M 177 -42.69 13.44 23.16
N TYR M 178 -41.99 14.56 23.25
CA TYR M 178 -42.20 15.50 24.35
C TYR M 178 -43.63 16.02 24.42
N ARG M 179 -44.04 16.74 23.37
CA ARG M 179 -45.36 17.32 23.29
C ARG M 179 -46.46 16.27 23.39
N ARG M 180 -46.08 14.99 23.32
CA ARG M 180 -47.05 13.91 23.41
C ARG M 180 -47.10 13.32 24.82
N GLY M 181 -46.29 13.88 25.71
CA GLY M 181 -46.27 13.44 27.10
C GLY M 181 -45.56 12.14 27.41
N LYS M 182 -44.71 11.65 26.51
CA LYS M 182 -43.99 10.42 26.77
C LYS M 182 -43.02 10.62 27.93
N ALA M 183 -42.66 9.53 28.59
CA ALA M 183 -41.74 9.57 29.73
C ALA M 183 -40.32 9.73 29.22
N THR M 184 -39.89 8.82 28.36
CA THR M 184 -38.56 8.87 27.78
C THR M 184 -38.64 9.46 26.38
N CYS M 185 -37.61 10.20 25.99
CA CYS M 185 -37.57 10.82 24.68
C CYS M 185 -36.21 10.55 24.05
N GLY M 186 -36.20 10.03 22.83
CA GLY M 186 -34.95 9.74 22.16
C GLY M 186 -34.18 11.01 21.83
N ASP M 187 -34.92 12.07 21.54
CA ASP M 187 -34.31 13.37 21.21
C ASP M 187 -35.28 14.49 21.55
N VAL M 188 -34.80 15.72 21.43
CA VAL M 188 -35.64 16.89 21.72
C VAL M 188 -35.87 17.65 20.42
N ASP M 189 -37.14 17.82 20.06
CA ASP M 189 -37.48 18.53 18.83
C ASP M 189 -37.99 19.93 19.15
N VAL M 190 -37.13 20.93 18.98
CA VAL M 190 -37.49 22.31 19.25
C VAL M 190 -37.93 23.06 17.99
N LEU M 191 -39.11 23.64 18.05
CA LEU M 191 -39.67 24.39 16.93
C LEU M 191 -39.69 25.88 17.28
N ILE M 192 -39.08 26.69 16.42
CA ILE M 192 -39.03 28.13 16.65
C ILE M 192 -39.74 28.93 15.55
N THR M 193 -40.33 30.06 15.93
CA THR M 193 -41.05 30.92 14.98
C THR M 193 -41.38 32.25 15.65
N HIS M 194 -42.15 33.08 14.95
CA HIS M 194 -42.56 34.38 15.48
C HIS M 194 -43.84 34.87 14.82
N PRO M 195 -44.81 35.31 15.63
CA PRO M 195 -46.11 35.82 15.17
C PRO M 195 -46.08 36.89 14.08
N ASP M 196 -45.19 37.87 14.21
CA ASP M 196 -45.07 38.94 13.22
C ASP M 196 -44.72 38.37 11.84
N GLY M 197 -44.54 37.06 11.79
CA GLY M 197 -44.21 36.40 10.54
C GLY M 197 -43.06 36.95 9.73
N ARG M 198 -42.04 37.48 10.38
CA ARG M 198 -40.88 38.02 9.67
C ARG M 198 -39.64 38.10 10.57
N SER M 199 -39.85 38.21 11.88
CA SER M 199 -38.74 38.30 12.83
C SER M 199 -38.02 36.97 12.98
N HIS M 200 -38.59 35.91 12.42
CA HIS M 200 -37.99 34.58 12.51
C HIS M 200 -36.80 34.46 11.57
N ARG M 201 -36.85 35.18 10.46
CA ARG M 201 -35.78 35.16 9.46
C ARG M 201 -34.44 35.58 10.03
N GLY M 202 -33.41 34.79 9.77
CA GLY M 202 -32.07 35.10 10.25
C GLY M 202 -31.64 34.51 11.57
N ILE M 203 -32.50 34.59 12.58
CA ILE M 203 -32.19 34.07 13.90
C ILE M 203 -31.65 32.64 13.89
N PHE M 204 -32.01 31.88 12.87
CA PHE M 204 -31.57 30.49 12.75
C PHE M 204 -30.06 30.36 12.83
N SER M 205 -29.35 31.08 11.97
CA SER M 205 -27.90 31.04 11.94
C SER M 205 -27.30 31.60 13.22
N ARG M 206 -27.73 32.79 13.60
CA ARG M 206 -27.25 33.46 14.80
C ARG M 206 -27.38 32.57 16.03
N LEU M 207 -28.50 31.87 16.14
CA LEU M 207 -28.72 30.99 17.28
C LEU M 207 -27.71 29.86 17.38
N LEU M 208 -27.53 29.13 16.27
CA LEU M 208 -26.58 28.01 16.26
C LEU M 208 -25.16 28.47 16.57
N ASP M 209 -24.78 29.63 16.04
CA ASP M 209 -23.45 30.17 16.28
C ASP M 209 -23.30 30.38 17.79
N SER M 210 -24.36 30.90 18.40
CA SER M 210 -24.39 31.15 19.83
C SER M 210 -24.25 29.87 20.62
N LEU M 211 -25.14 28.90 20.37
CA LEU M 211 -25.12 27.63 21.06
C LEU M 211 -23.82 26.85 20.83
N ARG M 212 -23.35 26.83 19.59
CA ARG M 212 -22.12 26.11 19.26
C ARG M 212 -20.89 26.81 19.83
N GLN M 213 -21.00 28.12 20.05
CA GLN M 213 -19.89 28.90 20.58
C GLN M 213 -19.85 28.89 22.11
N GLU M 214 -20.99 28.59 22.73
CA GLU M 214 -21.04 28.55 24.18
C GLU M 214 -20.83 27.14 24.73
N GLY M 215 -20.42 26.24 23.85
CA GLY M 215 -20.14 24.86 24.25
C GLY M 215 -21.31 23.91 24.48
N PHE M 216 -22.53 24.34 24.13
CA PHE M 216 -23.68 23.46 24.32
C PHE M 216 -23.75 22.37 23.25
N LEU M 217 -23.50 22.76 22.01
CA LEU M 217 -23.51 21.81 20.91
C LEU M 217 -22.20 21.06 20.87
N THR M 218 -22.26 19.74 20.73
CA THR M 218 -21.06 18.92 20.70
C THR M 218 -20.69 18.52 19.28
N ASP M 219 -21.69 18.08 18.51
CA ASP M 219 -21.45 17.67 17.13
C ASP M 219 -22.58 18.09 16.21
N ASP M 220 -22.32 18.06 14.90
CA ASP M 220 -23.33 18.44 13.91
C ASP M 220 -23.55 17.32 12.90
N LEU M 221 -24.77 16.79 12.87
CA LEU M 221 -25.13 15.72 11.95
C LEU M 221 -25.54 16.35 10.62
N VAL M 222 -26.32 17.42 10.71
CA VAL M 222 -26.79 18.16 9.55
C VAL M 222 -26.76 19.64 9.91
N SER M 223 -25.58 20.24 9.79
CA SER M 223 -25.37 21.65 10.11
C SER M 223 -26.51 22.57 9.68
N GLN M 224 -27.10 22.27 8.53
CA GLN M 224 -28.18 23.10 8.01
C GLN M 224 -28.92 22.42 6.86
N GLU M 225 -30.21 22.75 6.74
CA GLU M 225 -31.05 22.20 5.68
C GLU M 225 -32.06 23.25 5.24
N GLU M 226 -32.02 23.59 3.95
CA GLU M 226 -32.93 24.60 3.40
C GLU M 226 -34.20 23.98 2.83
N ASN M 227 -34.94 23.25 3.65
CA ASN M 227 -36.18 22.63 3.20
C ASN M 227 -37.25 23.71 3.05
N GLY M 228 -37.74 23.87 1.82
CA GLY M 228 -38.75 24.87 1.58
C GLY M 228 -38.32 26.22 2.10
N GLN M 229 -39.17 26.86 2.90
CA GLN M 229 -38.86 28.15 3.47
C GLN M 229 -38.50 27.95 4.94
N GLN M 230 -38.25 26.69 5.29
CA GLN M 230 -37.89 26.32 6.65
C GLN M 230 -36.39 26.03 6.77
N GLN M 231 -35.89 26.04 8.00
CA GLN M 231 -34.48 25.79 8.27
C GLN M 231 -34.39 24.76 9.39
N LYS M 232 -33.82 23.59 9.08
CA LYS M 232 -33.70 22.53 10.07
C LYS M 232 -32.26 22.20 10.44
N TYR M 233 -32.05 21.87 11.71
CA TYR M 233 -30.72 21.52 12.21
C TYR M 233 -30.77 20.17 12.93
N LEU M 234 -29.77 19.33 12.68
CA LEU M 234 -29.69 18.02 13.29
C LEU M 234 -28.32 17.81 13.90
N GLY M 235 -28.24 17.89 15.23
CA GLY M 235 -26.96 17.71 15.89
C GLY M 235 -27.08 17.09 17.27
N VAL M 236 -25.96 17.06 17.99
CA VAL M 236 -25.91 16.49 19.33
C VAL M 236 -25.52 17.56 20.34
N CYS M 237 -26.02 17.42 21.56
CA CYS M 237 -25.73 18.39 22.62
C CYS M 237 -25.56 17.68 23.96
N ARG M 238 -25.50 18.48 25.02
CA ARG M 238 -25.35 17.95 26.38
C ARG M 238 -25.32 19.09 27.39
N LEU M 239 -26.31 19.12 28.26
CA LEU M 239 -26.40 20.15 29.29
C LEU M 239 -25.15 20.17 30.15
N PRO M 240 -24.77 21.36 30.64
CA PRO M 240 -23.58 21.49 31.49
C PRO M 240 -23.66 20.62 32.74
N GLY M 241 -22.53 20.42 33.41
CA GLY M 241 -22.53 19.62 34.61
C GLY M 241 -21.87 18.26 34.41
N PRO M 242 -21.71 17.47 35.49
CA PRO M 242 -21.10 16.14 35.45
C PRO M 242 -22.08 15.03 35.08
N GLY M 243 -21.53 13.84 34.82
CA GLY M 243 -22.33 12.68 34.48
C GLY M 243 -23.53 12.94 33.58
N ARG M 244 -23.34 13.75 32.55
CA ARG M 244 -24.42 14.07 31.62
C ARG M 244 -24.42 13.14 30.40
N ARG M 245 -25.54 13.11 29.71
CA ARG M 245 -25.71 12.27 28.52
C ARG M 245 -25.68 13.07 27.23
N HIS M 246 -25.03 12.51 26.21
CA HIS M 246 -24.95 13.16 24.91
C HIS M 246 -26.29 12.93 24.21
N ARG M 247 -27.14 13.94 24.23
CA ARG M 247 -28.46 13.84 23.62
C ARG M 247 -28.56 14.43 22.22
N ARG M 248 -29.49 13.87 21.44
CA ARG M 248 -29.72 14.33 20.07
C ARG M 248 -30.70 15.50 20.10
N LEU M 249 -30.39 16.55 19.35
CA LEU M 249 -31.25 17.73 19.33
C LEU M 249 -31.74 18.05 17.92
N ASP M 250 -32.90 18.70 17.86
CA ASP M 250 -33.53 19.10 16.60
C ASP M 250 -34.07 20.52 16.72
N ILE M 251 -33.65 21.39 15.80
CA ILE M 251 -34.09 22.77 15.81
C ILE M 251 -34.53 23.20 14.42
N ILE M 252 -35.77 23.69 14.32
CA ILE M 252 -36.28 24.15 13.03
C ILE M 252 -37.04 25.46 13.16
N VAL M 253 -36.72 26.39 12.27
CA VAL M 253 -37.37 27.70 12.26
C VAL M 253 -38.39 27.70 11.13
N VAL M 254 -39.55 28.28 11.38
CA VAL M 254 -40.60 28.33 10.37
C VAL M 254 -41.39 29.63 10.42
N PRO M 255 -41.85 30.12 9.26
CA PRO M 255 -42.62 31.37 9.21
C PRO M 255 -43.93 31.11 9.95
N TYR M 256 -44.43 32.12 10.66
CA TYR M 256 -45.69 31.94 11.38
C TYR M 256 -46.78 31.57 10.38
N SER M 257 -46.47 31.73 9.10
CA SER M 257 -47.39 31.43 8.03
C SER M 257 -47.58 29.91 7.90
N GLU M 258 -46.60 29.17 8.42
CA GLU M 258 -46.63 27.71 8.37
C GLU M 258 -46.61 27.08 9.75
N PHE M 259 -46.54 27.92 10.79
CA PHE M 259 -46.50 27.42 12.16
C PHE M 259 -47.55 26.35 12.47
N ALA M 260 -48.73 26.50 11.88
CA ALA M 260 -49.80 25.54 12.10
C ALA M 260 -49.40 24.13 11.68
N CYS M 261 -49.26 23.92 10.37
CA CYS M 261 -48.88 22.62 9.84
C CYS M 261 -47.51 22.18 10.32
N ALA M 262 -46.63 23.15 10.58
CA ALA M 262 -45.29 22.86 11.05
C ALA M 262 -45.36 22.14 12.40
N LEU M 263 -46.04 22.78 13.35
CA LEU M 263 -46.21 22.24 14.69
C LEU M 263 -46.82 20.85 14.65
N LEU M 264 -47.95 20.72 13.97
CA LEU M 264 -48.65 19.45 13.84
C LEU M 264 -47.76 18.35 13.28
N TYR M 265 -46.92 18.71 12.31
CA TYR M 265 -46.03 17.75 11.67
C TYR M 265 -44.96 17.20 12.61
N PHE M 266 -44.14 18.08 13.16
CA PHE M 266 -43.06 17.67 14.05
C PHE M 266 -43.54 17.10 15.38
N THR M 267 -44.81 17.31 15.69
CA THR M 267 -45.37 16.76 16.92
C THR M 267 -45.50 15.25 16.72
N GLY M 268 -45.78 14.88 15.48
CA GLY M 268 -45.91 13.47 15.15
C GLY M 268 -47.18 12.84 15.68
N SER M 269 -47.16 11.52 15.87
CA SER M 269 -45.98 10.70 15.58
C SER M 269 -45.84 10.48 14.08
N ALA M 270 -44.70 9.94 13.67
CA ALA M 270 -44.45 9.69 12.26
C ALA M 270 -45.56 8.80 11.70
N ALA M 271 -46.06 7.90 12.55
CA ALA M 271 -47.14 7.00 12.15
C ALA M 271 -48.43 7.80 12.02
N PHE M 272 -48.64 8.71 12.96
CA PHE M 272 -49.83 9.54 12.96
C PHE M 272 -49.88 10.41 11.70
N ASN M 273 -48.77 11.08 11.40
CA ASN M 273 -48.69 11.93 10.21
C ASN M 273 -48.98 11.14 8.95
N ALA M 274 -48.40 9.95 8.85
CA ALA M 274 -48.62 9.11 7.67
C ALA M 274 -50.13 8.85 7.55
N SER M 275 -50.77 8.62 8.68
CA SER M 275 -52.20 8.36 8.71
C SER M 275 -52.94 9.65 8.35
N MET M 276 -52.58 10.72 9.04
CA MET M 276 -53.16 12.04 8.82
C MET M 276 -53.07 12.40 7.34
N ARG M 277 -51.99 11.97 6.71
CA ARG M 277 -51.76 12.24 5.28
C ARG M 277 -52.72 11.47 4.41
N ALA M 278 -52.66 10.15 4.50
CA ALA M 278 -53.51 9.26 3.71
C ALA M 278 -54.97 9.71 3.71
N LEU M 279 -55.40 10.36 4.79
CA LEU M 279 -56.77 10.82 4.89
C LEU M 279 -56.97 12.06 4.02
N ALA M 280 -55.96 12.90 3.95
CA ALA M 280 -56.04 14.11 3.14
C ALA M 280 -56.07 13.71 1.67
N LYS M 281 -55.39 12.60 1.35
CA LYS M 281 -55.34 12.10 -0.01
C LYS M 281 -56.68 11.56 -0.46
N THR M 282 -57.54 11.23 0.51
CA THR M 282 -58.86 10.71 0.20
C THR M 282 -59.87 11.84 0.06
N LYS M 283 -59.42 13.06 0.31
CA LYS M 283 -60.28 14.23 0.19
C LYS M 283 -59.70 15.20 -0.83
N GLY M 284 -58.93 14.64 -1.77
CA GLY M 284 -58.32 15.45 -2.81
C GLY M 284 -57.38 16.50 -2.26
N MET M 285 -56.58 16.12 -1.27
CA MET M 285 -55.64 17.04 -0.64
C MET M 285 -54.29 16.39 -0.35
N SER M 286 -53.46 17.10 0.41
CA SER M 286 -52.14 16.62 0.78
C SER M 286 -51.60 17.51 1.90
N LEU M 287 -50.88 16.91 2.85
CA LEU M 287 -50.33 17.65 3.98
C LEU M 287 -48.83 17.41 4.18
N SER M 288 -48.12 18.47 4.54
CA SER M 288 -46.68 18.40 4.77
C SER M 288 -46.31 19.33 5.92
N GLU M 289 -45.02 19.41 6.23
CA GLU M 289 -44.58 20.27 7.32
C GLU M 289 -44.75 21.73 6.91
N HIS M 290 -45.06 21.95 5.64
CA HIS M 290 -45.24 23.29 5.13
C HIS M 290 -46.69 23.76 5.25
N ALA M 291 -47.62 23.03 4.64
CA ALA M 291 -49.02 23.42 4.72
C ALA M 291 -49.98 22.45 4.03
N LEU M 292 -51.25 22.52 4.43
CA LEU M 292 -52.28 21.67 3.87
C LEU M 292 -52.70 22.25 2.52
N SER M 293 -52.56 21.47 1.46
CA SER M 293 -52.91 21.94 0.12
C SER M 293 -53.95 21.09 -0.57
N THR M 294 -54.43 21.57 -1.70
CA THR M 294 -55.43 20.88 -2.49
C THR M 294 -54.76 19.97 -3.50
N ALA M 295 -55.56 19.36 -4.37
CA ALA M 295 -55.05 18.46 -5.39
C ALA M 295 -53.82 19.01 -6.11
N VAL M 296 -53.01 18.11 -6.64
CA VAL M 296 -51.79 18.49 -7.36
C VAL M 296 -51.97 18.27 -8.86
N VAL M 297 -52.17 19.37 -9.59
CA VAL M 297 -52.38 19.32 -11.04
C VAL M 297 -51.52 18.27 -11.74
N ARG M 298 -52.14 17.15 -12.09
CA ARG M 298 -51.43 16.06 -12.78
C ARG M 298 -52.17 15.70 -14.07
N ASN M 299 -51.50 15.92 -15.20
CA ASN M 299 -52.09 15.65 -16.51
C ASN M 299 -51.82 14.24 -17.03
N THR M 300 -52.65 13.82 -17.99
CA THR M 300 -52.55 12.49 -18.61
C THR M 300 -52.13 11.39 -17.66
N HIS M 301 -50.88 10.96 -17.76
CA HIS M 301 -50.34 9.90 -16.91
C HIS M 301 -50.57 10.19 -15.43
N GLY M 302 -50.46 11.46 -15.05
CA GLY M 302 -50.65 11.84 -13.67
C GLY M 302 -49.34 12.16 -12.98
N ALA M 303 -48.83 13.37 -13.21
CA ALA M 303 -47.56 13.78 -12.62
C ALA M 303 -47.61 15.26 -12.22
N LYS M 304 -46.62 16.01 -12.69
CA LYS M 304 -46.53 17.44 -12.40
C LYS M 304 -47.24 18.25 -13.48
N VAL M 305 -47.48 19.53 -13.18
CA VAL M 305 -48.15 20.43 -14.10
C VAL M 305 -48.51 21.72 -13.40
N GLY M 306 -48.28 21.75 -12.09
CA GLY M 306 -48.59 22.93 -11.30
C GLY M 306 -48.94 22.60 -9.86
N PRO M 307 -48.46 23.41 -8.90
CA PRO M 307 -48.73 23.20 -7.47
C PRO M 307 -50.22 23.23 -7.12
N GLY M 308 -50.52 22.88 -5.88
CA GLY M 308 -51.90 22.89 -5.42
C GLY M 308 -52.09 24.09 -4.50
N ARG M 309 -53.28 24.67 -4.50
CA ARG M 309 -53.55 25.83 -3.67
C ARG M 309 -53.43 25.47 -2.19
N VAL M 310 -52.69 26.28 -1.45
CA VAL M 310 -52.49 26.06 -0.02
C VAL M 310 -53.62 26.71 0.77
N LEU M 311 -54.43 25.88 1.43
CA LEU M 311 -55.53 26.40 2.22
C LEU M 311 -54.99 26.99 3.52
N PRO M 312 -55.31 28.26 3.80
CA PRO M 312 -54.84 28.93 5.02
C PRO M 312 -55.27 28.20 6.29
N THR M 313 -54.31 27.95 7.17
CA THR M 313 -54.58 27.25 8.43
C THR M 313 -53.85 27.90 9.60
N PRO M 314 -54.58 28.65 10.44
CA PRO M 314 -54.01 29.33 11.61
C PRO M 314 -53.51 28.39 12.71
N THR M 315 -54.38 27.51 13.18
CA THR M 315 -54.03 26.58 14.25
C THR M 315 -54.25 25.13 13.84
N GLU M 316 -53.71 24.20 14.63
CA GLU M 316 -53.84 22.77 14.36
C GLU M 316 -55.31 22.40 14.21
N LYS M 317 -56.16 23.07 14.97
CA LYS M 317 -57.60 22.80 14.92
C LYS M 317 -58.11 22.98 13.50
N ASP M 318 -57.64 24.03 12.84
CA ASP M 318 -58.04 24.33 11.47
C ASP M 318 -57.70 23.18 10.52
N VAL M 319 -56.52 22.59 10.72
CA VAL M 319 -56.09 21.48 9.88
C VAL M 319 -57.07 20.31 10.00
N PHE M 320 -57.49 20.01 11.23
CA PHE M 320 -58.43 18.91 11.45
C PHE M 320 -59.78 19.23 10.86
N ARG M 321 -60.26 20.45 11.10
CA ARG M 321 -61.56 20.89 10.58
C ARG M 321 -61.62 20.72 9.07
N LEU M 322 -60.81 21.51 8.36
CA LEU M 322 -60.78 21.44 6.90
C LEU M 322 -60.47 20.04 6.40
N LEU M 323 -60.01 19.17 7.30
CA LEU M 323 -59.68 17.80 6.94
C LEU M 323 -60.84 16.86 7.22
N GLY M 324 -61.79 17.32 8.04
CA GLY M 324 -62.94 16.51 8.37
C GLY M 324 -62.72 15.52 9.50
N LEU M 325 -61.92 15.91 10.49
CA LEU M 325 -61.63 15.05 11.64
C LEU M 325 -61.77 15.78 12.96
N PRO M 326 -62.10 15.04 14.04
CA PRO M 326 -62.26 15.63 15.37
C PRO M 326 -60.89 15.83 16.01
N TYR M 327 -60.64 17.02 16.56
CA TYR M 327 -59.37 17.32 17.18
C TYR M 327 -58.97 16.19 18.13
N ARG M 328 -57.73 15.72 17.97
CA ARG M 328 -57.21 14.65 18.81
C ARG M 328 -56.01 15.16 19.59
N GLU M 329 -56.15 15.21 20.90
CA GLU M 329 -55.09 15.70 21.78
C GLU M 329 -53.71 15.17 21.39
N PRO M 330 -52.68 16.03 21.43
CA PRO M 330 -51.30 15.71 21.08
C PRO M 330 -50.71 14.53 21.83
N ALA M 331 -51.54 13.82 22.57
CA ALA M 331 -51.11 12.65 23.33
C ALA M 331 -51.78 11.41 22.76
N GLU M 332 -52.84 11.64 21.99
CA GLU M 332 -53.60 10.57 21.35
C GLU M 332 -53.15 10.36 19.91
N ARG M 333 -52.03 10.99 19.56
CA ARG M 333 -51.49 10.90 18.20
C ARG M 333 -50.38 9.87 18.10
N ASP M 334 -50.76 8.59 18.04
CA ASP M 334 -49.77 7.53 17.93
C ASP M 334 -50.11 6.57 16.80
N TRP M 335 -51.40 6.45 16.48
CA TRP M 335 -51.83 5.55 15.42
C TRP M 335 -52.97 6.17 14.60
PA D3T Q . 8.40 -23.27 9.03
O1A D3T Q . 8.59 -22.00 9.75
O2A D3T Q . 7.02 -23.84 8.95
O5' D3T Q . 9.31 -24.39 9.70
C5' D3T Q . 10.75 -24.26 9.78
C4' D3T Q . 11.43 -25.55 9.39
O4' D3T Q . 10.80 -26.65 10.10
C1' D3T Q . 10.86 -27.83 9.31
N1 D3T Q . 9.50 -28.46 9.21
C6 D3T Q . 8.32 -27.70 9.33
C2 D3T Q . 9.43 -29.85 8.98
O2 D3T Q . 10.42 -30.57 8.86
N3 D3T Q . 8.15 -30.36 8.89
C4 D3T Q . 6.95 -29.65 9.00
O4 D3T Q . 5.88 -30.26 8.90
C5 D3T Q . 7.07 -28.21 9.24
C5M D3T Q . 5.83 -27.37 9.38
C2' D3T Q . 11.45 -27.45 7.96
C3' D3T Q . 11.31 -25.94 7.92
O3A D3T Q . 8.89 -23.17 7.60
PB D3T Q . 9.54 -22.07 6.76
O1B D3T Q . 10.46 -21.27 7.59
O2B D3T Q . 10.09 -22.82 5.61
O3B D3T Q . 8.42 -21.19 6.23
PG D3T Q . 7.74 -19.96 6.83
O1G D3T Q . 8.38 -18.76 6.27
O2G D3T Q . 6.28 -20.14 6.56
O3G D3T Q . 7.96 -19.93 8.29
MG MG R . 9.63 -20.39 9.35
PA D3T S . -5.58 19.33 -7.66
O1A D3T S . -6.50 18.84 -8.70
O2A D3T S . -4.69 20.48 -7.99
O5' D3T S . -4.64 18.13 -7.18
C5' D3T S . -5.18 16.87 -6.76
C4' D3T S . -4.57 16.43 -5.45
O4' D3T S . -3.13 16.46 -5.57
C1' D3T S . -2.53 16.83 -4.33
N1 D3T S . -1.59 17.97 -4.54
C6 D3T S . -1.86 18.99 -5.46
C2 D3T S . -0.41 17.99 -3.77
O2 D3T S . -0.12 17.13 -2.95
N3 D3T S . 0.41 19.07 -4.01
C4 D3T S . 0.20 20.12 -4.91
O4 D3T S . 1.04 21.01 -5.00
C5 D3T S . -1.05 20.05 -5.68
C5M D3T S . -1.37 21.13 -6.69
C2' D3T S . -3.66 17.15 -3.35
C3' D3T S . -4.88 17.32 -4.25
O3A D3T S . -6.35 19.75 -6.42
PB D3T S . -7.81 19.74 -6.04
O1B D3T S . -8.49 18.57 -6.64
O2B D3T S . -7.78 19.85 -4.57
O3B D3T S . -8.42 21.04 -6.60
PG D3T S . -9.12 21.35 -7.91
O1G D3T S . -10.57 21.15 -7.74
O2G D3T S . -8.68 22.73 -8.27
O3G D3T S . -8.67 20.42 -8.96
MG MG T . -8.20 17.94 -8.73
NA NA U . 0.19 27.34 -16.27
PA D3T V . 35.88 -7.28 -17.70
O1A D3T V . 35.27 -8.33 -18.54
O2A D3T V . 36.20 -7.62 -16.28
O5' D3T V . 34.94 -6.00 -17.64
C5' D3T V . 34.85 -5.05 -18.71
C4' D3T V . 34.10 -3.82 -18.26
O4' D3T V . 32.91 -4.25 -17.54
C1' D3T V . 32.78 -3.60 -16.28
N1 D3T V . 32.83 -4.63 -15.18
C6 D3T V . 34.05 -5.11 -14.64
C2 D3T V . 31.59 -5.12 -14.70
O2 D3T V . 30.51 -4.75 -15.12
N3 D3T V . 31.71 -6.06 -13.69
C4 D3T V . 32.89 -6.57 -13.12
O4 D3T V . 32.80 -7.41 -12.23
C5 D3T V . 34.14 -6.03 -13.66
C5M D3T V . 35.45 -6.51 -13.11
C2' D3T V . 33.88 -2.53 -16.21
C3' D3T V . 34.87 -2.91 -17.30
O3A D3T V . 37.20 -6.81 -18.31
PB D3T V . 37.96 -7.17 -19.57
O1B D3T V . 37.04 -7.76 -20.58
O2B D3T V . 38.66 -5.92 -19.92
O3B D3T V . 39.01 -8.19 -19.17
PG D3T V . 38.94 -9.72 -19.06
O1G D3T V . 39.38 -10.29 -20.34
O2G D3T V . 39.73 -10.07 -17.85
O3G D3T V . 37.53 -10.13 -18.85
MG MG W . 35.80 -9.34 -20.10
NA NA X . 37.61 -13.75 -6.48
NA NA Y . 33.32 -9.30 -17.60
PA D3T Z . -39.02 12.03 16.15
O1A D3T Z . -37.93 12.51 17.04
O2A D3T Z . -38.70 11.01 15.12
O5' D3T Z . -39.64 13.29 15.37
C5' D3T Z . -40.93 13.85 15.68
C4' D3T Z . -41.80 13.90 14.44
O4' D3T Z . -41.03 14.44 13.35
C1' D3T Z . -41.35 13.82 12.12
N1 D3T Z . -40.08 13.31 11.47
C6 D3T Z . -39.72 11.95 11.49
C2 D3T Z . -39.27 14.28 10.83
O2 D3T Z . -39.53 15.47 10.78
N3 D3T Z . -38.12 13.76 10.26
C4 D3T Z . -37.69 12.42 10.23
O4 D3T Z . -36.64 12.14 9.67
C5 D3T Z . -38.58 11.47 10.91
C5M D3T Z . -38.21 10.01 10.94
C2' D3T Z . -42.41 12.74 12.43
C3' D3T Z . -42.31 12.56 13.95
O3A D3T Z . -40.15 11.44 16.98
PB D3T Z . -40.38 11.24 18.47
O1B D3T Z . -39.91 12.42 19.22
O2B D3T Z . -41.81 10.88 18.54
O3B D3T Z . -39.57 10.02 18.87
PG D3T Z . -38.36 9.88 19.77
O1G D3T Z . -38.79 10.12 21.17
O2G D3T Z . -37.77 8.54 19.47
O3G D3T Z . -37.36 10.92 19.42
MG MG AA . -38.34 13.47 18.87
NA NA BA . -29.33 4.21 11.82
NA NA CA . -36.09 14.32 15.62
#